data_4I81
#
_entry.id   4I81
#
_cell.length_a   57.935
_cell.length_b   199.167
_cell.length_c   211.891
_cell.angle_alpha   90.00
_cell.angle_beta   90.00
_cell.angle_gamma   90.00
#
_symmetry.space_group_name_H-M   'P 21 21 21'
#
loop_
_entity.id
_entity.type
_entity.pdbx_description
1 polymer 'ATP-dependent Clp protease ATP-binding subunit ClpX'
2 non-polymer 'PHOSPHOTHIOPHOSPHORIC ACID-ADENYLATE ESTER'
3 non-polymer 'SULFATE ION'
#
_entity_poly.entity_id   1
_entity_poly.type   'polypeptide(L)'
_entity_poly.pdbx_seq_one_letter_code
;SALPTPHEIRNHLDDYVIGQEQAKKVLAVAVYNHYKRLRNGDTSNGVELGKSNILLIGPTGSGKTLLAETLARLLDVPFT
MADATTLTEAGYVGEDVENIIQKLLQKCDYDVQKAQRGIVYIDQIDKISRKSDNPSITRDVSGEGVQQALLKLIEGTVAA
VPPQGGRKHPQQEFLQVDTSKILFICGGAFAGLDKVISHRVETGSGIGFGATVKAKSDKASEGELLAQVEPEDLIKFGLI
PEFIGRLPVVATLNELSEEALIQILKEPKNALTKQYQALFNLEGVDLEFRDEALDAIAKKAMARKTGARGLRSIVEAALL
DTMYDLPSMEDVEKVVIDESVIDGQSEPLLIYGKPEAQQASGE
;
_entity_poly.pdbx_strand_id   A,B,C,D,E,F
#
# COMPACT_ATOMS: atom_id res chain seq x y z
N ALA A 2 26.62 -33.69 21.75
CA ALA A 2 27.23 -32.95 22.85
C ALA A 2 27.47 -31.49 22.47
N LEU A 3 26.88 -30.58 23.23
CA LEU A 3 27.00 -29.15 22.96
C LEU A 3 28.36 -28.60 23.39
N PRO A 4 29.01 -27.83 22.50
CA PRO A 4 30.32 -27.23 22.77
C PRO A 4 30.21 -26.06 23.74
N THR A 5 30.97 -26.12 24.83
CA THR A 5 31.00 -25.02 25.79
C THR A 5 31.30 -23.71 25.07
N PRO A 6 30.79 -22.59 25.61
CA PRO A 6 31.03 -21.27 25.04
C PRO A 6 32.50 -21.03 24.74
N HIS A 7 33.38 -21.60 25.55
CA HIS A 7 34.82 -21.53 25.30
C HIS A 7 35.13 -22.08 23.91
N GLU A 8 34.82 -23.37 23.71
CA GLU A 8 35.05 -24.03 22.44
C GLU A 8 34.43 -23.25 21.28
N ILE A 9 33.32 -22.59 21.55
CA ILE A 9 32.64 -21.80 20.53
C ILE A 9 33.41 -20.53 20.19
N ARG A 10 33.83 -19.78 21.20
CA ARG A 10 34.63 -18.58 20.98
C ARG A 10 35.96 -18.96 20.36
N ASN A 11 36.49 -20.11 20.78
CA ASN A 11 37.76 -20.60 20.27
C ASN A 11 37.73 -20.81 18.77
N HIS A 12 36.69 -21.48 18.28
CA HIS A 12 36.56 -21.76 16.86
C HIS A 12 36.20 -20.51 16.06
N LEU A 13 35.64 -19.51 16.75
CA LEU A 13 35.33 -18.24 16.11
C LEU A 13 36.59 -17.42 15.87
N ASP A 14 37.62 -17.69 16.67
CA ASP A 14 38.91 -17.04 16.50
C ASP A 14 39.58 -17.53 15.22
N ASP A 15 39.10 -18.66 14.71
CA ASP A 15 39.71 -19.30 13.55
C ASP A 15 39.10 -18.84 12.22
N TYR A 16 38.20 -17.87 12.28
CA TYR A 16 37.55 -17.37 11.08
C TYR A 16 37.34 -15.86 11.17
N VAL A 17 37.11 -15.38 12.39
CA VAL A 17 36.93 -13.95 12.63
C VAL A 17 38.04 -13.43 13.54
N ILE A 18 38.64 -12.31 13.13
CA ILE A 18 39.72 -11.70 13.90
C ILE A 18 39.21 -10.52 14.70
N GLY A 19 39.55 -10.49 15.99
CA GLY A 19 39.06 -9.46 16.89
C GLY A 19 37.60 -9.69 17.20
N GLN A 20 36.94 -8.66 17.70
CA GLN A 20 35.53 -8.74 18.09
C GLN A 20 35.35 -9.72 19.24
N GLU A 21 36.42 -9.91 20.01
CA GLU A 21 36.42 -10.86 21.12
C GLU A 21 35.21 -10.72 22.04
N GLN A 22 34.88 -9.49 22.41
CA GLN A 22 33.75 -9.24 23.29
C GLN A 22 32.45 -9.70 22.64
N ALA A 23 32.31 -9.44 21.35
CA ALA A 23 31.12 -9.84 20.61
C ALA A 23 31.06 -11.36 20.50
N LYS A 24 32.22 -11.97 20.24
CA LYS A 24 32.34 -13.42 20.14
C LYS A 24 31.95 -14.11 21.44
N LYS A 25 32.39 -13.54 22.57
CA LYS A 25 32.00 -14.05 23.88
C LYS A 25 30.47 -14.00 24.02
N VAL A 26 29.90 -12.83 23.73
CA VAL A 26 28.47 -12.63 23.84
C VAL A 26 27.72 -13.64 22.96
N LEU A 27 28.15 -13.76 21.72
CA LEU A 27 27.57 -14.75 20.81
C LEU A 27 27.78 -16.17 21.31
N ALA A 28 28.93 -16.42 21.95
CA ALA A 28 29.27 -17.76 22.43
C ALA A 28 28.32 -18.18 23.55
N VAL A 29 28.04 -17.25 24.45
CA VAL A 29 27.09 -17.49 25.53
C VAL A 29 25.68 -17.57 24.96
N ALA A 30 25.36 -16.60 24.11
CA ALA A 30 24.04 -16.52 23.50
C ALA A 30 23.66 -17.80 22.76
N VAL A 31 24.59 -18.31 21.95
CA VAL A 31 24.33 -19.52 21.18
C VAL A 31 24.22 -20.76 22.07
N TYR A 32 25.15 -20.91 22.99
CA TYR A 32 25.18 -22.08 23.87
C TYR A 32 23.89 -22.21 24.67
N ASN A 33 23.42 -21.09 25.20
CA ASN A 33 22.18 -21.08 25.97
C ASN A 33 20.97 -21.40 25.10
N HIS A 34 21.01 -20.97 23.84
CA HIS A 34 19.91 -21.21 22.91
C HIS A 34 19.72 -22.69 22.62
N TYR A 35 20.81 -23.40 22.37
CA TYR A 35 20.75 -24.82 22.05
C TYR A 35 20.77 -25.70 23.30
N LYS A 36 21.15 -25.10 24.43
CA LYS A 36 21.11 -25.80 25.71
C LYS A 36 19.68 -25.76 26.23
N ARG A 37 18.91 -24.80 25.71
CA ARG A 37 17.54 -24.59 26.14
C ARG A 37 16.57 -25.41 25.29
N LEU A 38 16.94 -25.67 24.04
CA LEU A 38 16.11 -26.46 23.14
C LEU A 38 16.31 -27.95 23.40
N ARG A 39 17.57 -28.33 23.64
CA ARG A 39 17.92 -29.72 23.87
C ARG A 39 17.21 -30.30 25.10
N ASN A 40 16.79 -29.42 26.01
CA ASN A 40 16.09 -29.83 27.21
C ASN A 40 14.60 -29.51 27.14
N GLY A 41 14.12 -29.24 25.93
CA GLY A 41 12.72 -28.92 25.70
C GLY A 41 12.20 -27.82 26.60
N ASP A 42 12.94 -26.72 26.66
CA ASP A 42 12.58 -25.60 27.53
C ASP A 42 12.44 -26.05 28.98
N THR A 43 11.21 -26.00 29.49
CA THR A 43 10.95 -26.40 30.87
C THR A 43 9.69 -27.26 30.96
N LEU A 49 12.01 -18.91 30.44
CA LEU A 49 13.15 -19.14 29.57
C LEU A 49 13.19 -18.12 28.43
N GLY A 50 14.26 -17.35 28.38
CA GLY A 50 14.41 -16.29 27.39
C GLY A 50 14.65 -16.79 25.98
N LYS A 51 14.10 -16.06 25.01
CA LYS A 51 14.22 -16.42 23.59
C LYS A 51 15.67 -16.49 23.14
N SER A 52 16.53 -15.73 23.79
CA SER A 52 17.96 -15.73 23.48
C SER A 52 18.23 -15.34 22.03
N ASN A 53 17.48 -14.37 21.52
CA ASN A 53 17.68 -13.86 20.16
C ASN A 53 18.70 -12.72 20.16
N ILE A 54 19.49 -12.63 19.10
CA ILE A 54 20.66 -11.75 19.09
C ILE A 54 20.55 -10.56 18.13
N LEU A 55 21.20 -9.47 18.49
CA LEU A 55 21.25 -8.27 17.67
C LEU A 55 22.70 -7.79 17.51
N LEU A 56 23.27 -7.99 16.33
CA LEU A 56 24.64 -7.57 16.07
C LEU A 56 24.70 -6.13 15.57
N ILE A 57 25.49 -5.31 16.27
CA ILE A 57 25.64 -3.91 15.90
C ILE A 57 27.09 -3.55 15.63
N GLY A 58 27.45 -3.47 14.35
CA GLY A 58 28.80 -3.14 13.96
C GLY A 58 28.86 -2.49 12.59
N PRO A 59 29.97 -1.78 12.30
CA PRO A 59 30.16 -1.09 11.01
C PRO A 59 30.20 -2.08 9.85
N THR A 60 29.91 -1.60 8.65
CA THR A 60 29.92 -2.46 7.48
C THR A 60 31.28 -3.10 7.30
N GLY A 61 31.28 -4.40 7.02
CA GLY A 61 32.52 -5.14 6.80
C GLY A 61 33.29 -5.41 8.07
N SER A 62 32.59 -5.47 9.19
CA SER A 62 33.23 -5.78 10.47
C SER A 62 33.24 -7.29 10.70
N GLY A 63 32.32 -7.99 10.04
CA GLY A 63 32.27 -9.44 10.12
C GLY A 63 31.00 -9.98 10.76
N LYS A 64 29.93 -9.20 10.69
CA LYS A 64 28.65 -9.62 11.27
C LYS A 64 28.10 -10.85 10.56
N THR A 65 28.00 -10.77 9.25
CA THR A 65 27.52 -11.89 8.45
C THR A 65 28.45 -13.10 8.56
N LEU A 66 29.75 -12.85 8.58
CA LEU A 66 30.74 -13.91 8.73
C LEU A 66 30.52 -14.66 10.03
N LEU A 67 30.36 -13.93 11.13
CA LEU A 67 30.13 -14.53 12.43
C LEU A 67 28.91 -15.45 12.41
N ALA A 68 27.79 -14.94 11.90
CA ALA A 68 26.56 -15.71 11.84
C ALA A 68 26.75 -17.00 11.05
N GLU A 69 27.47 -16.91 9.94
CA GLU A 69 27.73 -18.07 9.10
C GLU A 69 28.63 -19.08 9.79
N THR A 70 29.62 -18.57 10.52
CA THR A 70 30.57 -19.42 11.21
C THR A 70 29.90 -20.19 12.34
N LEU A 71 29.08 -19.50 13.12
CA LEU A 71 28.33 -20.14 14.20
C LEU A 71 27.50 -21.31 13.67
N ALA A 72 26.87 -21.08 12.52
CA ALA A 72 26.04 -22.10 11.90
C ALA A 72 26.86 -23.34 11.56
N ARG A 73 27.93 -23.14 10.79
CA ARG A 73 28.79 -24.25 10.38
C ARG A 73 29.38 -24.99 11.56
N LEU A 74 29.76 -24.25 12.59
CA LEU A 74 30.37 -24.85 13.77
C LEU A 74 29.41 -25.78 14.51
N LEU A 75 28.11 -25.54 14.35
CA LEU A 75 27.11 -26.36 15.01
C LEU A 75 26.36 -27.24 14.01
N ASP A 76 26.96 -27.40 12.82
CA ASP A 76 26.35 -28.19 11.75
C ASP A 76 24.84 -27.97 11.69
N VAL A 77 24.44 -26.71 11.70
CA VAL A 77 23.03 -26.32 11.73
C VAL A 77 22.64 -25.50 10.50
N PRO A 78 21.45 -25.79 9.95
CA PRO A 78 20.91 -25.10 8.76
C PRO A 78 20.90 -23.59 8.94
N PHE A 79 21.59 -22.89 8.03
CA PHE A 79 21.68 -21.43 8.09
C PHE A 79 21.12 -20.80 6.83
N THR A 80 20.58 -19.59 6.98
CA THR A 80 20.06 -18.84 5.85
C THR A 80 20.04 -17.35 6.16
N MET A 81 20.27 -16.52 5.14
CA MET A 81 20.25 -15.08 5.33
C MET A 81 18.98 -14.45 4.78
N ALA A 82 18.93 -13.12 4.86
CA ALA A 82 17.79 -12.36 4.36
C ALA A 82 18.06 -10.87 4.55
N ASP A 83 17.63 -10.07 3.58
CA ASP A 83 17.86 -8.63 3.65
C ASP A 83 16.60 -7.92 4.13
N ALA A 84 16.73 -7.14 5.20
CA ALA A 84 15.61 -6.39 5.74
C ALA A 84 15.14 -5.33 4.74
N THR A 85 15.96 -5.07 3.73
CA THR A 85 15.61 -4.10 2.70
C THR A 85 14.60 -4.69 1.72
N THR A 86 14.81 -5.96 1.36
CA THR A 86 13.92 -6.65 0.42
C THR A 86 12.56 -6.93 1.04
N LEU A 87 12.40 -6.58 2.31
CA LEU A 87 11.13 -6.78 3.01
C LEU A 87 10.34 -5.48 3.10
N VAL A 93 4.34 -8.72 1.45
CA VAL A 93 5.64 -9.04 2.01
C VAL A 93 5.52 -9.77 3.35
N GLY A 94 4.36 -9.62 3.99
CA GLY A 94 4.07 -10.35 5.22
C GLY A 94 4.01 -11.84 4.94
N GLU A 95 3.60 -12.18 3.72
CA GLU A 95 3.63 -13.57 3.27
C GLU A 95 4.96 -13.88 2.60
N ASP A 96 5.82 -12.87 2.48
CA ASP A 96 7.16 -13.03 1.92
C ASP A 96 8.15 -13.36 3.04
N VAL A 97 7.74 -13.05 4.26
CA VAL A 97 8.57 -13.28 5.43
C VAL A 97 8.74 -14.79 5.66
N GLU A 98 7.73 -15.55 5.27
CA GLU A 98 7.76 -17.01 5.42
C GLU A 98 8.60 -17.66 4.32
N ASN A 99 8.94 -16.89 3.29
CA ASN A 99 9.84 -17.35 2.25
C ASN A 99 11.20 -17.68 2.85
N ILE A 100 11.58 -16.92 3.87
CA ILE A 100 12.82 -17.18 4.59
C ILE A 100 12.79 -18.57 5.20
N ILE A 101 11.59 -19.00 5.61
CA ILE A 101 11.41 -20.31 6.22
C ILE A 101 11.59 -21.43 5.21
N GLN A 102 10.87 -21.35 4.09
CA GLN A 102 10.96 -22.38 3.06
C GLN A 102 12.40 -22.54 2.58
N LYS A 103 13.14 -21.44 2.57
CA LYS A 103 14.55 -21.48 2.17
C LYS A 103 15.38 -22.22 3.20
N LEU A 104 15.03 -22.04 4.47
CA LEU A 104 15.70 -22.74 5.56
C LEU A 104 15.43 -24.24 5.47
N LEU A 105 14.26 -24.59 4.93
CA LEU A 105 13.90 -25.99 4.74
C LEU A 105 14.58 -26.58 3.52
N GLN A 106 14.85 -25.73 2.53
CA GLN A 106 15.51 -26.16 1.30
C GLN A 106 16.94 -26.64 1.60
N LYS A 107 17.65 -25.92 2.44
CA LYS A 107 19.01 -26.27 2.82
C LYS A 107 19.03 -27.23 4.01
N CYS A 108 17.86 -27.68 4.42
CA CYS A 108 17.72 -28.56 5.58
C CYS A 108 17.07 -29.89 5.21
N ASP A 109 16.95 -30.14 3.90
CA ASP A 109 16.34 -31.37 3.41
C ASP A 109 14.89 -31.49 3.87
N TYR A 110 14.26 -30.35 4.11
CA TYR A 110 12.85 -30.29 4.49
C TYR A 110 12.57 -31.07 5.78
N ASP A 111 13.55 -31.09 6.68
CA ASP A 111 13.37 -31.73 7.98
C ASP A 111 12.87 -30.72 9.00
N VAL A 112 11.66 -30.94 9.51
CA VAL A 112 11.01 -29.99 10.40
C VAL A 112 11.83 -29.69 11.66
N GLN A 113 12.31 -30.73 12.32
CA GLN A 113 13.04 -30.57 13.57
C GLN A 113 14.39 -29.84 13.38
N LYS A 114 15.17 -30.29 12.41
CA LYS A 114 16.48 -29.70 12.16
C LYS A 114 16.38 -28.26 11.66
N ALA A 115 15.26 -27.94 11.00
CA ALA A 115 15.02 -26.59 10.51
C ALA A 115 14.63 -25.68 11.67
N GLN A 116 14.11 -26.27 12.73
CA GLN A 116 13.76 -25.53 13.93
C GLN A 116 15.00 -25.26 14.77
N ARG A 117 16.07 -25.99 14.48
CA ARG A 117 17.34 -25.83 15.19
C ARG A 117 18.24 -24.84 14.46
N GLY A 118 17.75 -24.33 13.34
CA GLY A 118 18.55 -23.49 12.47
C GLY A 118 18.87 -22.10 12.99
N ILE A 119 19.58 -21.33 12.17
CA ILE A 119 19.91 -19.94 12.48
C ILE A 119 19.49 -19.06 11.32
N VAL A 120 18.91 -17.91 11.63
CA VAL A 120 18.45 -16.99 10.60
C VAL A 120 19.06 -15.60 10.79
N TYR A 121 19.88 -15.19 9.83
CA TYR A 121 20.49 -13.86 9.88
C TYR A 121 19.74 -12.86 9.01
N ILE A 122 19.35 -11.75 9.62
CA ILE A 122 18.66 -10.68 8.90
C ILE A 122 19.56 -9.46 8.84
N ASP A 123 19.98 -9.10 7.62
CA ASP A 123 20.91 -7.99 7.45
C ASP A 123 20.20 -6.64 7.36
N GLN A 124 20.93 -5.58 7.67
CA GLN A 124 20.43 -4.22 7.53
C GLN A 124 19.12 -3.96 8.25
N ILE A 125 19.06 -4.34 9.53
CA ILE A 125 17.90 -4.08 10.36
C ILE A 125 17.77 -2.59 10.65
N ASP A 126 18.92 -1.93 10.80
CA ASP A 126 18.96 -0.50 11.06
C ASP A 126 18.27 0.30 9.95
N LYS A 127 18.04 -0.34 8.81
CA LYS A 127 17.49 0.34 7.65
C LYS A 127 15.97 0.45 7.69
N ILE A 128 15.31 -0.49 8.39
CA ILE A 128 13.86 -0.49 8.47
C ILE A 128 13.35 0.31 9.67
N SER A 129 14.23 1.09 10.27
CA SER A 129 13.87 1.92 11.42
C SER A 129 13.17 3.19 10.99
N ARG A 130 11.89 3.29 11.30
CA ARG A 130 11.09 4.46 10.94
C ARG A 130 11.46 5.66 11.81
N LYS A 131 12.38 6.47 11.32
CA LYS A 131 12.83 7.66 12.04
C LYS A 131 12.84 8.88 11.15
N SER A 142 5.66 1.38 5.93
CA SER A 142 6.03 0.02 5.54
C SER A 142 7.18 -0.52 6.38
N GLY A 143 8.12 0.35 6.71
CA GLY A 143 9.27 -0.04 7.53
C GLY A 143 8.86 -0.62 8.86
N GLU A 144 8.09 0.15 9.62
CA GLU A 144 7.59 -0.31 10.91
C GLU A 144 6.74 -1.57 10.72
N GLY A 145 6.03 -1.63 9.60
CA GLY A 145 5.20 -2.78 9.29
C GLY A 145 6.00 -4.06 9.18
N VAL A 146 7.18 -3.96 8.59
CA VAL A 146 8.07 -5.12 8.46
C VAL A 146 8.52 -5.58 9.83
N GLN A 147 8.92 -4.63 10.66
CA GLN A 147 9.38 -4.92 12.02
C GLN A 147 8.37 -5.79 12.75
N GLN A 148 7.10 -5.40 12.64
CA GLN A 148 6.02 -6.10 13.31
C GLN A 148 5.69 -7.42 12.62
N ALA A 149 5.93 -7.46 11.31
CA ALA A 149 5.70 -8.68 10.54
C ALA A 149 6.76 -9.72 10.88
N LEU A 150 8.03 -9.32 10.78
CA LEU A 150 9.14 -10.17 11.14
C LEU A 150 9.06 -10.52 12.62
N LEU A 151 8.41 -9.63 13.38
CA LEU A 151 8.24 -9.83 14.82
C LEU A 151 7.39 -11.06 15.12
N LYS A 152 6.47 -11.37 14.22
CA LYS A 152 5.60 -12.53 14.38
C LYS A 152 6.41 -13.83 14.31
N LEU A 153 7.45 -13.82 13.48
CA LEU A 153 8.36 -14.96 13.39
C LEU A 153 9.14 -15.13 14.68
N ILE A 154 9.87 -14.07 15.04
CA ILE A 154 10.69 -14.07 16.25
C ILE A 154 9.98 -14.70 17.42
N GLU A 155 8.68 -14.42 17.54
CA GLU A 155 7.85 -15.00 18.58
C GLU A 155 7.55 -16.47 18.29
N GLY A 156 6.97 -16.73 17.12
CA GLY A 156 6.71 -18.09 16.69
C GLY A 156 5.24 -18.43 16.55
N THR A 157 4.86 -18.93 15.38
CA THR A 157 3.48 -19.33 15.13
C THR A 157 3.40 -20.74 14.53
N LEU A 175 4.11 -24.66 5.13
CA LEU A 175 4.85 -25.44 6.12
C LEU A 175 4.12 -25.46 7.47
N GLN A 176 4.63 -26.28 8.39
CA GLN A 176 4.02 -26.43 9.70
C GLN A 176 5.01 -26.11 10.81
N VAL A 177 6.25 -25.83 10.43
CA VAL A 177 7.31 -25.56 11.39
C VAL A 177 7.04 -24.29 12.19
N ASP A 178 7.42 -24.30 13.47
CA ASP A 178 7.29 -23.14 14.33
C ASP A 178 8.58 -22.33 14.37
N THR A 179 8.46 -21.01 14.39
CA THR A 179 9.62 -20.13 14.36
C THR A 179 10.08 -19.73 15.76
N SER A 180 9.55 -20.39 16.77
CA SER A 180 9.92 -20.13 18.15
C SER A 180 11.27 -20.76 18.48
N LYS A 181 11.59 -21.85 17.79
CA LYS A 181 12.78 -22.64 18.09
C LYS A 181 14.05 -22.09 17.43
N ILE A 182 13.92 -21.58 16.21
CA ILE A 182 15.08 -21.10 15.46
C ILE A 182 15.68 -19.84 16.05
N LEU A 183 17.00 -19.72 15.94
CA LEU A 183 17.73 -18.58 16.48
C LEU A 183 17.79 -17.44 15.47
N PHE A 184 17.42 -16.24 15.91
CA PHE A 184 17.40 -15.07 15.05
C PHE A 184 18.54 -14.11 15.36
N ILE A 185 19.35 -13.81 14.36
CA ILE A 185 20.44 -12.85 14.51
C ILE A 185 20.26 -11.71 13.52
N CYS A 186 20.22 -10.48 14.04
CA CYS A 186 19.92 -9.31 13.22
C CYS A 186 21.07 -8.32 13.20
N GLY A 187 21.84 -8.35 12.11
CA GLY A 187 22.94 -7.42 11.94
C GLY A 187 22.43 -6.02 11.62
N GLY A 188 23.35 -5.13 11.27
CA GLY A 188 23.00 -3.76 10.92
C GLY A 188 24.05 -2.78 11.39
N ALA A 189 24.29 -1.75 10.60
CA ALA A 189 25.34 -0.78 10.89
C ALA A 189 24.92 0.22 11.97
N PHE A 190 23.66 0.63 11.95
CA PHE A 190 23.15 1.61 12.90
C PHE A 190 23.99 2.88 12.93
N ALA A 191 23.93 3.65 11.84
CA ALA A 191 24.73 4.86 11.71
C ALA A 191 24.44 5.88 12.81
N GLY A 192 23.20 6.36 12.83
CA GLY A 192 22.80 7.39 13.78
C GLY A 192 22.84 6.95 15.23
N LEU A 193 22.97 5.64 15.44
CA LEU A 193 23.00 5.09 16.79
C LEU A 193 24.16 5.65 17.59
N ASP A 194 25.30 5.84 16.92
CA ASP A 194 26.49 6.37 17.56
C ASP A 194 26.19 7.72 18.21
N LYS A 195 25.28 8.47 17.60
CA LYS A 195 24.93 9.81 18.06
C LYS A 195 23.99 9.79 19.26
N VAL A 196 22.85 9.13 19.10
CA VAL A 196 21.83 9.09 20.16
C VAL A 196 22.40 8.59 21.49
N ILE A 197 23.28 7.60 21.41
CA ILE A 197 23.94 7.07 22.61
C ILE A 197 24.77 8.16 23.27
N SER A 198 25.43 8.97 22.46
CA SER A 198 26.27 10.05 22.96
C SER A 198 25.44 11.13 23.67
N HIS A 199 24.26 11.39 23.13
CA HIS A 199 23.37 12.42 23.68
C HIS A 199 22.70 11.95 24.97
N ARG A 200 23.00 10.71 25.37
CA ARG A 200 22.43 10.15 26.58
C ARG A 200 23.49 9.93 27.65
N VAL A 201 24.54 9.20 27.30
CA VAL A 201 25.62 8.89 28.23
C VAL A 201 26.23 10.15 28.84
N GLU A 202 26.31 11.21 28.05
CA GLU A 202 26.86 12.48 28.52
C GLU A 202 26.08 13.00 29.72
N GLU A 222 34.04 5.12 19.17
CA GLU A 222 32.73 4.58 18.83
C GLU A 222 32.45 3.29 19.61
N GLY A 223 33.48 2.46 19.76
CA GLY A 223 33.35 1.21 20.47
C GLY A 223 32.95 1.39 21.92
N GLU A 224 33.54 2.39 22.57
CA GLU A 224 33.25 2.67 23.97
C GLU A 224 31.83 3.21 24.13
N LEU A 225 31.30 3.79 23.06
CA LEU A 225 29.95 4.34 23.07
C LEU A 225 28.91 3.26 22.78
N LEU A 226 29.26 2.34 21.88
CA LEU A 226 28.37 1.23 21.53
C LEU A 226 28.25 0.23 22.67
N ALA A 227 29.20 0.29 23.60
CA ALA A 227 29.18 -0.57 24.77
C ALA A 227 28.13 -0.07 25.75
N GLN A 228 27.89 1.23 25.74
CA GLN A 228 26.90 1.86 26.60
C GLN A 228 25.50 1.75 26.01
N VAL A 229 25.37 0.96 24.94
CA VAL A 229 24.10 0.83 24.23
C VAL A 229 22.97 0.37 25.16
N GLU A 230 21.80 0.97 24.97
CA GLU A 230 20.63 0.62 25.77
C GLU A 230 19.42 0.46 24.87
N PRO A 231 18.50 -0.45 25.24
CA PRO A 231 17.28 -0.69 24.45
C PRO A 231 16.51 0.59 24.14
N GLU A 232 16.66 1.59 25.00
CA GLU A 232 16.00 2.88 24.80
C GLU A 232 16.66 3.67 23.67
N ASP A 233 17.96 3.46 23.49
CA ASP A 233 18.71 4.11 22.42
C ASP A 233 18.24 3.62 21.07
N LEU A 234 17.94 2.33 20.99
CA LEU A 234 17.42 1.74 19.76
C LEU A 234 15.99 2.22 19.51
N ILE A 235 15.26 2.52 20.58
CA ILE A 235 13.92 3.08 20.46
C ILE A 235 13.96 4.39 19.69
N LYS A 236 14.72 5.35 20.21
CA LYS A 236 14.85 6.66 19.57
C LYS A 236 15.39 6.52 18.15
N PHE A 237 16.15 5.45 17.92
CA PHE A 237 16.74 5.21 16.61
C PHE A 237 15.66 4.94 15.56
N GLY A 238 14.64 4.17 15.93
CA GLY A 238 13.55 3.89 15.03
C GLY A 238 12.98 2.49 15.15
N LEU A 239 13.42 1.76 16.17
CA LEU A 239 12.90 0.41 16.41
C LEU A 239 11.79 0.43 17.46
N ILE A 240 10.73 -0.33 17.20
CA ILE A 240 9.61 -0.41 18.13
C ILE A 240 9.96 -1.29 19.33
N PRO A 241 9.41 -0.94 20.51
CA PRO A 241 9.70 -1.62 21.78
C PRO A 241 9.45 -3.13 21.72
N GLU A 242 8.33 -3.53 21.15
CA GLU A 242 7.96 -4.94 21.10
C GLU A 242 8.96 -5.75 20.26
N PHE A 243 9.72 -5.07 19.41
CA PHE A 243 10.69 -5.73 18.56
C PHE A 243 12.05 -5.88 19.25
N ILE A 244 12.51 -4.80 19.90
CA ILE A 244 13.77 -4.82 20.62
C ILE A 244 13.69 -5.78 21.81
N GLY A 245 12.53 -5.85 22.43
CA GLY A 245 12.32 -6.73 23.57
C GLY A 245 12.44 -8.20 23.18
N ARG A 246 12.48 -8.46 21.88
CA ARG A 246 12.65 -9.82 21.37
C ARG A 246 14.13 -10.13 21.13
N LEU A 247 14.94 -9.08 21.08
CA LEU A 247 16.38 -9.23 20.95
C LEU A 247 17.08 -8.79 22.23
N PRO A 248 17.09 -9.69 23.24
CA PRO A 248 17.70 -9.41 24.55
C PRO A 248 19.21 -9.29 24.43
N VAL A 249 19.84 -10.30 23.83
CA VAL A 249 21.29 -10.29 23.62
C VAL A 249 21.69 -9.25 22.58
N VAL A 250 22.67 -8.42 22.93
CA VAL A 250 23.17 -7.43 21.99
C VAL A 250 24.70 -7.45 21.93
N ALA A 251 25.25 -7.99 20.86
CA ALA A 251 26.68 -8.01 20.67
C ALA A 251 27.11 -6.89 19.73
N THR A 252 28.12 -6.13 20.16
CA THR A 252 28.61 -5.00 19.39
C THR A 252 30.03 -5.24 18.89
N LEU A 253 30.23 -5.00 17.60
CA LEU A 253 31.53 -5.19 16.97
C LEU A 253 32.27 -3.87 16.83
N ASN A 254 33.56 -3.95 16.55
CA ASN A 254 34.40 -2.77 16.42
C ASN A 254 34.88 -2.54 14.98
N GLU A 255 35.30 -1.31 14.70
CA GLU A 255 35.84 -0.97 13.39
C GLU A 255 37.19 -1.62 13.20
N LEU A 256 37.27 -2.54 12.25
CA LEU A 256 38.49 -3.30 12.01
C LEU A 256 39.73 -2.42 11.92
N SER A 257 40.75 -2.77 12.71
CA SER A 257 41.98 -2.00 12.76
C SER A 257 42.91 -2.38 11.61
N GLU A 258 43.84 -1.48 11.28
CA GLU A 258 44.80 -1.74 10.22
C GLU A 258 45.41 -3.13 10.35
N GLU A 259 45.80 -3.49 11.56
CA GLU A 259 46.42 -4.79 11.80
C GLU A 259 45.44 -5.93 11.54
N ALA A 260 44.18 -5.72 11.90
CA ALA A 260 43.15 -6.71 11.66
C ALA A 260 42.94 -6.90 10.16
N LEU A 261 42.83 -5.80 9.43
CA LEU A 261 42.69 -5.84 7.99
C LEU A 261 43.85 -6.60 7.35
N ILE A 262 45.06 -6.25 7.74
CA ILE A 262 46.25 -6.91 7.21
C ILE A 262 46.21 -8.41 7.45
N GLN A 263 45.85 -8.80 8.68
CA GLN A 263 45.72 -10.21 9.00
C GLN A 263 44.70 -10.88 8.09
N ILE A 264 43.64 -10.14 7.76
CA ILE A 264 42.59 -10.67 6.89
C ILE A 264 43.13 -10.99 5.51
N LEU A 265 44.10 -10.21 5.07
CA LEU A 265 44.71 -10.39 3.75
C LEU A 265 45.71 -11.54 3.74
N LYS A 266 46.11 -11.99 4.92
CA LYS A 266 47.18 -12.97 5.03
C LYS A 266 46.73 -14.28 5.70
N GLU A 267 46.31 -14.16 6.96
CA GLU A 267 46.04 -15.32 7.81
C GLU A 267 45.04 -16.32 7.24
N PRO A 268 43.84 -15.86 6.87
CA PRO A 268 42.78 -16.78 6.44
C PRO A 268 43.25 -17.76 5.38
N LYS A 269 42.78 -19.00 5.45
CA LYS A 269 43.14 -20.02 4.48
C LYS A 269 42.66 -19.65 3.08
N ASN A 270 41.81 -18.62 3.02
CA ASN A 270 41.29 -18.13 1.75
C ASN A 270 41.58 -16.65 1.53
N ALA A 271 42.56 -16.13 2.26
CA ALA A 271 42.94 -14.72 2.14
C ALA A 271 43.21 -14.36 0.69
N LEU A 272 42.94 -13.11 0.32
CA LEU A 272 43.17 -12.65 -1.04
C LEU A 272 44.57 -13.00 -1.54
N THR A 273 45.58 -12.66 -0.75
CA THR A 273 46.96 -12.91 -1.13
C THR A 273 47.20 -14.36 -1.51
N LYS A 274 46.63 -15.28 -0.73
CA LYS A 274 46.77 -16.70 -1.00
C LYS A 274 46.08 -17.11 -2.30
N GLN A 275 44.98 -16.44 -2.61
CA GLN A 275 44.25 -16.71 -3.85
C GLN A 275 45.06 -16.26 -5.06
N TYR A 276 45.51 -15.02 -5.03
CA TYR A 276 46.29 -14.47 -6.14
C TYR A 276 47.65 -15.14 -6.26
N GLN A 277 48.28 -15.41 -5.13
CA GLN A 277 49.54 -16.15 -5.14
C GLN A 277 49.35 -17.50 -5.83
N ALA A 278 48.12 -18.00 -5.78
CA ALA A 278 47.79 -19.28 -6.39
C ALA A 278 47.43 -19.12 -7.87
N LEU A 279 46.69 -18.05 -8.17
CA LEU A 279 46.35 -17.72 -9.55
C LEU A 279 47.62 -17.45 -10.35
N PHE A 280 48.54 -16.71 -9.74
CA PHE A 280 49.83 -16.45 -10.35
C PHE A 280 50.68 -17.72 -10.32
N ASN A 281 50.42 -18.57 -9.33
CA ASN A 281 51.19 -19.80 -9.18
C ASN A 281 51.02 -20.75 -10.37
N LEU A 282 49.79 -20.86 -10.86
CA LEU A 282 49.52 -21.72 -12.01
C LEU A 282 50.02 -21.09 -13.30
N GLU A 283 50.60 -19.90 -13.18
CA GLU A 283 51.23 -19.22 -14.31
C GLU A 283 52.73 -19.50 -14.28
N GLY A 284 53.18 -20.14 -13.21
CA GLY A 284 54.60 -20.39 -13.01
C GLY A 284 55.29 -19.20 -12.37
N VAL A 285 54.50 -18.26 -11.88
CA VAL A 285 55.01 -17.04 -11.27
C VAL A 285 54.72 -16.99 -9.78
N ASP A 286 55.72 -16.59 -8.99
CA ASP A 286 55.55 -16.43 -7.55
C ASP A 286 55.18 -14.99 -7.20
N LEU A 287 54.02 -14.81 -6.60
CA LEU A 287 53.58 -13.47 -6.20
C LEU A 287 54.05 -13.17 -4.78
N GLU A 288 54.66 -12.00 -4.59
CA GLU A 288 55.11 -11.58 -3.28
C GLU A 288 54.43 -10.28 -2.85
N PHE A 289 53.73 -10.31 -1.73
CA PHE A 289 53.11 -9.13 -1.17
C PHE A 289 53.95 -8.58 -0.02
N ARG A 290 54.67 -7.50 -0.27
CA ARG A 290 55.43 -6.86 0.79
C ARG A 290 54.49 -6.26 1.84
N ASP A 291 54.84 -6.45 3.11
CA ASP A 291 54.00 -5.99 4.20
C ASP A 291 53.59 -4.53 4.06
N GLU A 292 54.45 -3.75 3.40
CA GLU A 292 54.15 -2.34 3.15
C GLU A 292 52.92 -2.18 2.24
N ALA A 293 52.81 -3.07 1.27
CA ALA A 293 51.69 -3.04 0.33
C ALA A 293 50.38 -3.45 1.02
N LEU A 294 50.45 -4.49 1.83
CA LEU A 294 49.29 -4.96 2.57
C LEU A 294 48.77 -3.86 3.48
N ASP A 295 49.68 -3.15 4.13
CA ASP A 295 49.30 -2.00 4.95
C ASP A 295 48.74 -0.90 4.06
N ALA A 296 49.38 -0.70 2.91
CA ALA A 296 48.92 0.30 1.95
C ALA A 296 47.49 0.00 1.54
N ILE A 297 47.21 -1.27 1.29
CA ILE A 297 45.85 -1.72 0.96
C ILE A 297 44.92 -1.48 2.12
N ALA A 298 45.42 -1.72 3.34
CA ALA A 298 44.64 -1.51 4.55
C ALA A 298 44.16 -0.06 4.63
N LYS A 299 45.09 0.86 4.52
CA LYS A 299 44.76 2.28 4.58
C LYS A 299 43.78 2.68 3.48
N LYS A 300 43.97 2.11 2.30
CA LYS A 300 43.11 2.40 1.15
C LYS A 300 41.67 1.99 1.44
N ALA A 301 41.52 0.90 2.18
CA ALA A 301 40.20 0.35 2.49
C ALA A 301 39.51 1.13 3.61
N MET A 302 40.31 1.70 4.50
CA MET A 302 39.77 2.45 5.62
C MET A 302 39.30 3.84 5.19
N ALA A 303 40.07 4.48 4.33
CA ALA A 303 39.73 5.81 3.85
C ALA A 303 38.39 5.77 3.10
N ARG A 304 38.04 4.59 2.60
CA ARG A 304 36.81 4.42 1.83
C ARG A 304 35.67 3.88 2.68
N LYS A 305 36.00 3.40 3.88
CA LYS A 305 35.01 2.95 4.85
C LYS A 305 34.29 1.66 4.44
N THR A 306 34.69 1.08 3.31
CA THR A 306 34.06 -0.13 2.81
C THR A 306 34.39 -1.36 3.65
N GLY A 307 34.97 -1.13 4.84
CA GLY A 307 35.35 -2.22 5.71
C GLY A 307 36.20 -3.25 5.01
N ALA A 308 35.91 -4.52 5.26
CA ALA A 308 36.64 -5.61 4.61
C ALA A 308 36.03 -5.95 3.26
N ARG A 309 34.83 -5.43 3.00
CA ARG A 309 34.16 -5.65 1.73
C ARG A 309 34.85 -4.89 0.61
N GLY A 310 35.66 -3.91 0.97
CA GLY A 310 36.35 -3.08 -0.01
C GLY A 310 37.82 -3.43 -0.18
N LEU A 311 38.16 -4.68 0.07
CA LEU A 311 39.54 -5.13 -0.08
C LEU A 311 39.80 -5.64 -1.50
N ARG A 312 39.04 -6.63 -1.92
CA ARG A 312 39.18 -7.19 -3.26
C ARG A 312 39.20 -6.11 -4.32
N SER A 313 38.32 -5.11 -4.14
CA SER A 313 38.21 -4.02 -5.10
C SER A 313 39.49 -3.20 -5.21
N ILE A 314 40.37 -3.33 -4.21
CA ILE A 314 41.67 -2.66 -4.24
C ILE A 314 42.74 -3.55 -4.87
N VAL A 315 42.81 -4.80 -4.43
CA VAL A 315 43.81 -5.74 -4.93
C VAL A 315 43.64 -6.01 -6.43
N GLU A 316 42.41 -6.28 -6.84
CA GLU A 316 42.12 -6.47 -8.25
C GLU A 316 42.58 -5.27 -9.05
N ALA A 317 42.36 -4.09 -8.51
CA ALA A 317 42.74 -2.84 -9.18
C ALA A 317 44.27 -2.71 -9.26
N ALA A 318 44.96 -3.18 -8.23
CA ALA A 318 46.41 -3.09 -8.20
C ALA A 318 47.04 -4.09 -9.16
N LEU A 319 46.45 -5.28 -9.23
CA LEU A 319 46.99 -6.36 -10.03
C LEU A 319 46.35 -6.44 -11.41
N LEU A 320 45.64 -5.39 -11.81
CA LEU A 320 44.96 -5.39 -13.10
C LEU A 320 45.94 -5.45 -14.25
N ASP A 321 46.73 -4.38 -14.41
CA ASP A 321 47.71 -4.31 -15.47
C ASP A 321 48.64 -5.52 -15.43
N THR A 322 49.01 -5.95 -14.23
CA THR A 322 49.95 -7.05 -14.07
C THR A 322 49.43 -8.36 -14.64
N MET A 323 48.16 -8.66 -14.36
CA MET A 323 47.55 -9.90 -14.85
C MET A 323 47.19 -9.82 -16.31
N TYR A 324 47.09 -8.60 -16.84
CA TYR A 324 46.75 -8.41 -18.25
C TYR A 324 47.86 -8.92 -19.17
N ASP A 325 49.07 -8.44 -18.94
CA ASP A 325 50.21 -8.88 -19.75
C ASP A 325 51.14 -9.81 -18.98
N LEU A 326 50.54 -10.70 -18.17
CA LEU A 326 51.33 -11.69 -17.46
C LEU A 326 51.55 -12.96 -18.27
N PRO A 327 50.44 -13.56 -18.78
CA PRO A 327 50.58 -14.77 -19.59
C PRO A 327 51.44 -14.53 -20.84
N SER A 328 51.75 -13.27 -21.12
CA SER A 328 52.59 -12.91 -22.26
C SER A 328 54.02 -12.58 -21.85
N MET A 329 54.43 -13.07 -20.68
CA MET A 329 55.78 -12.84 -20.18
C MET A 329 56.46 -14.12 -19.74
N GLU A 330 57.78 -14.07 -19.56
CA GLU A 330 58.55 -15.22 -19.10
C GLU A 330 59.55 -14.80 -18.03
N ASP A 331 59.08 -14.73 -16.79
CA ASP A 331 59.93 -14.31 -15.67
C ASP A 331 59.70 -15.19 -14.44
N VAL A 332 60.50 -14.97 -13.40
CA VAL A 332 60.43 -15.80 -12.21
C VAL A 332 59.30 -15.42 -11.25
N GLU A 333 59.26 -14.15 -10.85
CA GLU A 333 58.25 -13.72 -9.88
C GLU A 333 57.94 -12.23 -9.92
N LYS A 334 56.75 -11.88 -9.43
CA LYS A 334 56.34 -10.48 -9.34
C LYS A 334 56.20 -10.06 -7.89
N VAL A 335 56.83 -8.95 -7.54
CA VAL A 335 56.81 -8.45 -6.17
C VAL A 335 56.05 -7.14 -6.07
N VAL A 336 55.00 -7.14 -5.26
CA VAL A 336 54.13 -5.97 -5.12
C VAL A 336 54.54 -5.11 -3.93
N ILE A 337 55.06 -3.93 -4.23
CA ILE A 337 55.46 -2.99 -3.21
C ILE A 337 54.33 -2.01 -2.92
N ASP A 338 54.45 -1.27 -1.82
CA ASP A 338 53.43 -0.30 -1.45
C ASP A 338 53.22 0.71 -2.57
N GLU A 339 54.27 0.95 -3.35
CA GLU A 339 54.19 1.92 -4.43
C GLU A 339 53.18 1.50 -5.50
N SER A 340 53.03 0.19 -5.69
CA SER A 340 52.07 -0.33 -6.64
C SER A 340 50.64 -0.03 -6.19
N VAL A 341 50.41 -0.06 -4.89
CA VAL A 341 49.07 0.24 -4.41
C VAL A 341 48.81 1.72 -4.06
N ILE A 342 49.65 2.32 -3.22
CA ILE A 342 49.42 3.71 -2.82
C ILE A 342 49.60 4.74 -3.93
N ASP A 343 50.74 4.66 -4.62
CA ASP A 343 50.97 5.44 -5.82
C ASP A 343 50.05 5.05 -6.96
N GLY A 344 49.96 3.75 -7.15
CA GLY A 344 49.13 3.18 -8.19
C GLY A 344 49.83 3.53 -9.49
N GLN A 345 50.87 4.36 -9.39
CA GLN A 345 51.59 4.85 -10.57
C GLN A 345 52.71 3.96 -10.98
N SER A 346 53.45 3.50 -9.99
CA SER A 346 54.59 2.63 -10.23
C SER A 346 54.12 1.19 -10.49
N GLU A 347 54.81 0.52 -11.41
CA GLU A 347 54.46 -0.85 -11.75
C GLU A 347 55.17 -1.83 -10.80
N PRO A 348 54.62 -3.04 -10.67
CA PRO A 348 55.18 -4.03 -9.75
C PRO A 348 56.60 -4.44 -10.14
N LEU A 349 57.42 -4.77 -9.15
CA LEU A 349 58.76 -5.25 -9.43
C LEU A 349 58.72 -6.61 -10.13
N LEU A 350 59.30 -6.68 -11.32
CA LEU A 350 59.41 -7.94 -12.04
C LEU A 350 60.81 -8.53 -11.91
N ILE A 351 60.88 -9.80 -11.56
CA ILE A 351 62.16 -10.48 -11.43
C ILE A 351 62.27 -11.62 -12.43
N TYR A 352 63.37 -11.65 -13.17
CA TYR A 352 63.58 -12.66 -14.20
C TYR A 352 64.53 -13.76 -13.74
N ALA B 2 43.58 -24.70 -25.96
CA ALA B 2 44.54 -23.72 -25.47
C ALA B 2 43.88 -22.37 -25.23
N LEU B 3 44.06 -21.81 -24.03
CA LEU B 3 43.46 -20.54 -23.69
C LEU B 3 44.23 -19.35 -24.26
N PRO B 4 43.51 -18.41 -24.88
CA PRO B 4 44.10 -17.20 -25.46
C PRO B 4 44.52 -16.22 -24.37
N THR B 5 45.78 -15.81 -24.37
CA THR B 5 46.26 -14.83 -23.41
C THR B 5 45.40 -13.58 -23.49
N PRO B 6 45.24 -12.87 -22.37
CA PRO B 6 44.44 -11.65 -22.30
C PRO B 6 44.73 -10.72 -23.47
N HIS B 7 45.98 -10.73 -23.94
CA HIS B 7 46.38 -9.92 -25.09
C HIS B 7 45.62 -10.32 -26.34
N GLU B 8 45.69 -11.61 -26.69
CA GLU B 8 44.99 -12.13 -27.84
C GLU B 8 43.50 -11.83 -27.72
N ILE B 9 42.99 -11.81 -26.49
CA ILE B 9 41.58 -11.54 -26.25
C ILE B 9 41.22 -10.09 -26.59
N ARG B 10 41.99 -9.15 -26.06
CA ARG B 10 41.78 -7.73 -26.33
C ARG B 10 42.03 -7.42 -27.80
N ASN B 11 43.03 -8.08 -28.38
CA ASN B 11 43.34 -7.91 -29.80
C ASN B 11 42.16 -8.27 -30.68
N HIS B 12 41.53 -9.40 -30.39
CA HIS B 12 40.35 -9.84 -31.13
C HIS B 12 39.15 -8.95 -30.85
N LEU B 13 39.15 -8.32 -29.67
CA LEU B 13 38.09 -7.40 -29.29
C LEU B 13 38.20 -6.09 -30.06
N ASP B 14 39.40 -5.78 -30.54
CA ASP B 14 39.64 -4.57 -31.32
C ASP B 14 39.09 -4.68 -32.73
N ASP B 15 38.78 -5.91 -33.15
CA ASP B 15 38.30 -6.15 -34.50
C ASP B 15 36.78 -6.05 -34.61
N TYR B 16 36.12 -5.92 -33.46
CA TYR B 16 34.67 -5.87 -33.42
C TYR B 16 34.17 -4.64 -32.65
N VAL B 17 34.97 -4.20 -31.67
CA VAL B 17 34.63 -3.01 -30.90
C VAL B 17 35.69 -1.94 -31.04
N ILE B 18 35.26 -0.69 -31.15
CA ILE B 18 36.18 0.43 -31.29
C ILE B 18 36.27 1.22 -29.99
N GLY B 19 37.50 1.52 -29.58
CA GLY B 19 37.72 2.22 -28.33
C GLY B 19 37.50 1.30 -27.15
N GLN B 20 37.12 1.88 -26.01
CA GLN B 20 36.83 1.10 -24.80
C GLN B 20 37.99 0.19 -24.41
N GLU B 21 39.20 0.62 -24.75
CA GLU B 21 40.40 -0.20 -24.55
C GLU B 21 40.55 -0.66 -23.10
N GLN B 22 40.34 0.26 -22.17
CA GLN B 22 40.48 -0.06 -20.75
C GLN B 22 39.54 -1.17 -20.31
N ALA B 23 38.27 -1.04 -20.68
CA ALA B 23 37.26 -2.03 -20.31
C ALA B 23 37.53 -3.36 -21.01
N LYS B 24 38.03 -3.29 -22.23
CA LYS B 24 38.41 -4.49 -22.97
C LYS B 24 39.57 -5.19 -22.26
N LYS B 25 40.44 -4.40 -21.66
CA LYS B 25 41.55 -4.94 -20.87
C LYS B 25 41.01 -5.64 -19.63
N VAL B 26 40.10 -4.97 -18.93
CA VAL B 26 39.50 -5.53 -17.73
C VAL B 26 38.75 -6.83 -18.04
N LEU B 27 37.97 -6.81 -19.12
CA LEU B 27 37.26 -8.01 -19.56
C LEU B 27 38.25 -9.13 -19.89
N ALA B 28 39.24 -8.82 -20.70
CA ALA B 28 40.24 -9.82 -21.13
C ALA B 28 40.79 -10.57 -19.92
N VAL B 29 41.24 -9.81 -18.92
CA VAL B 29 41.77 -10.40 -17.69
C VAL B 29 40.69 -11.18 -16.96
N ALA B 30 39.52 -10.58 -16.81
CA ALA B 30 38.39 -11.21 -16.12
C ALA B 30 38.01 -12.54 -16.77
N VAL B 31 37.96 -12.52 -18.10
CA VAL B 31 37.62 -13.71 -18.87
C VAL B 31 38.72 -14.75 -18.78
N TYR B 32 39.96 -14.34 -19.03
CA TYR B 32 41.09 -15.26 -18.99
C TYR B 32 41.15 -15.99 -17.66
N ASN B 33 41.12 -15.23 -16.57
CA ASN B 33 41.15 -15.83 -15.24
C ASN B 33 39.99 -16.77 -14.97
N HIS B 34 38.81 -16.42 -15.49
CA HIS B 34 37.62 -17.22 -15.27
C HIS B 34 37.76 -18.63 -15.86
N TYR B 35 38.19 -18.70 -17.11
CA TYR B 35 38.36 -20.00 -17.75
C TYR B 35 39.65 -20.70 -17.33
N LYS B 36 40.67 -19.90 -17.00
CA LYS B 36 41.93 -20.42 -16.48
C LYS B 36 41.67 -20.99 -15.12
N ARG B 37 40.55 -20.56 -14.54
CA ARG B 37 40.18 -21.02 -13.21
C ARG B 37 39.35 -22.29 -13.26
N LEU B 38 38.58 -22.40 -14.33
CA LEU B 38 37.69 -23.52 -14.53
C LEU B 38 38.51 -24.73 -14.89
N ARG B 39 39.46 -24.55 -15.81
CA ARG B 39 40.23 -25.69 -16.27
C ARG B 39 41.06 -26.29 -15.15
N ASN B 40 41.73 -25.44 -14.39
CA ASN B 40 42.53 -25.88 -13.26
C ASN B 40 41.66 -26.46 -12.15
N GLY B 41 40.47 -25.91 -11.98
CA GLY B 41 39.55 -26.35 -10.95
C GLY B 41 39.24 -25.25 -9.96
N ASP B 42 38.08 -25.34 -9.32
CA ASP B 42 37.66 -24.34 -8.32
C ASP B 42 38.76 -24.16 -7.28
N THR B 43 39.28 -25.27 -6.77
CA THR B 43 40.36 -25.24 -5.80
C THR B 43 41.72 -25.45 -6.47
N SER B 44 42.70 -24.63 -6.09
CA SER B 44 44.04 -24.72 -6.68
C SER B 44 45.12 -24.57 -5.62
N ASN B 45 45.84 -25.67 -5.36
CA ASN B 45 46.95 -25.66 -4.41
C ASN B 45 46.50 -25.36 -2.97
N GLY B 46 45.37 -25.91 -2.57
CA GLY B 46 44.86 -25.76 -1.22
C GLY B 46 44.13 -24.46 -0.99
N VAL B 47 44.16 -23.56 -1.98
CA VAL B 47 43.48 -22.28 -1.86
C VAL B 47 42.28 -22.20 -2.80
N GLU B 48 41.19 -21.61 -2.33
CA GLU B 48 39.99 -21.48 -3.14
C GLU B 48 40.02 -20.19 -3.95
N LEU B 49 39.94 -20.31 -5.27
CA LEU B 49 40.02 -19.16 -6.16
C LEU B 49 38.67 -18.44 -6.24
N GLY B 50 38.71 -17.12 -6.24
CA GLY B 50 37.51 -16.31 -6.25
C GLY B 50 36.89 -16.14 -7.61
N LYS B 51 35.58 -16.33 -7.68
CA LYS B 51 34.85 -16.15 -8.93
C LYS B 51 34.77 -14.69 -9.32
N SER B 52 35.23 -14.38 -10.52
CA SER B 52 35.28 -13.01 -11.01
C SER B 52 34.23 -12.73 -12.08
N ASN B 53 32.99 -12.56 -11.63
CA ASN B 53 31.92 -12.10 -12.50
C ASN B 53 32.13 -10.62 -12.88
N ILE B 54 31.45 -10.17 -13.93
CA ILE B 54 31.69 -8.83 -14.46
C ILE B 54 30.47 -7.91 -14.43
N LEU B 55 30.70 -6.63 -14.16
CA LEU B 55 29.64 -5.61 -14.17
C LEU B 55 29.99 -4.49 -15.14
N LEU B 56 29.32 -4.45 -16.29
CA LEU B 56 29.60 -3.44 -17.29
C LEU B 56 28.79 -2.19 -17.02
N ILE B 57 29.48 -1.05 -16.95
CA ILE B 57 28.83 0.22 -16.67
C ILE B 57 29.16 1.26 -17.73
N GLY B 58 28.27 1.42 -18.70
CA GLY B 58 28.47 2.40 -19.76
C GLY B 58 27.17 2.86 -20.39
N PRO B 59 27.20 4.05 -21.02
CA PRO B 59 26.01 4.60 -21.68
C PRO B 59 25.39 3.64 -22.67
N THR B 60 24.15 3.92 -23.09
CA THR B 60 23.45 3.06 -24.04
C THR B 60 24.08 3.16 -25.43
N GLY B 61 24.23 2.00 -26.08
CA GLY B 61 24.83 1.95 -27.39
C GLY B 61 26.34 2.14 -27.36
N SER B 62 26.94 1.83 -26.22
CA SER B 62 28.38 1.97 -26.03
C SER B 62 29.12 0.74 -26.54
N GLY B 63 28.47 -0.42 -26.46
CA GLY B 63 29.06 -1.66 -26.94
C GLY B 63 29.07 -2.76 -25.90
N LYS B 64 28.30 -2.58 -24.83
CA LYS B 64 28.23 -3.57 -23.77
C LYS B 64 27.79 -4.93 -24.29
N THR B 65 26.61 -4.96 -24.92
CA THR B 65 26.10 -6.20 -25.49
C THR B 65 27.05 -6.79 -26.54
N LEU B 66 27.66 -5.91 -27.33
CA LEU B 66 28.58 -6.35 -28.38
C LEU B 66 29.81 -7.02 -27.78
N LEU B 67 30.32 -6.46 -26.69
CA LEU B 67 31.48 -7.02 -26.01
C LEU B 67 31.17 -8.42 -25.49
N ALA B 68 30.02 -8.57 -24.84
CA ALA B 68 29.62 -9.85 -24.26
C ALA B 68 29.50 -10.92 -25.32
N GLU B 69 28.84 -10.58 -26.43
CA GLU B 69 28.68 -11.52 -27.53
C GLU B 69 30.03 -11.89 -28.12
N THR B 70 30.83 -10.87 -28.39
CA THR B 70 32.13 -11.05 -29.02
C THR B 70 33.03 -11.99 -28.21
N LEU B 71 33.06 -11.78 -26.90
CA LEU B 71 33.85 -12.62 -26.00
C LEU B 71 33.40 -14.08 -26.10
N ALA B 72 32.10 -14.25 -26.32
CA ALA B 72 31.50 -15.58 -26.38
C ALA B 72 31.90 -16.32 -27.66
N ARG B 73 31.93 -15.60 -28.78
CA ARG B 73 32.32 -16.19 -30.06
C ARG B 73 33.81 -16.46 -30.08
N LEU B 74 34.59 -15.54 -29.53
CA LEU B 74 36.05 -15.68 -29.52
C LEU B 74 36.51 -16.93 -28.78
N LEU B 75 35.73 -17.35 -27.78
CA LEU B 75 36.06 -18.54 -27.01
C LEU B 75 35.17 -19.72 -27.39
N ASP B 76 34.47 -19.60 -28.51
CA ASP B 76 33.54 -20.62 -28.97
C ASP B 76 32.72 -21.19 -27.81
N VAL B 77 32.15 -20.31 -27.00
CA VAL B 77 31.38 -20.72 -25.82
C VAL B 77 29.92 -20.30 -25.90
N PRO B 78 29.01 -21.21 -25.49
CA PRO B 78 27.56 -20.95 -25.48
C PRO B 78 27.22 -19.63 -24.81
N PHE B 79 26.53 -18.75 -25.52
CA PHE B 79 26.16 -17.44 -25.00
C PHE B 79 24.66 -17.24 -25.02
N THR B 80 24.16 -16.44 -24.07
CA THR B 80 22.75 -16.10 -24.01
C THR B 80 22.53 -14.79 -23.28
N MET B 81 21.56 -14.01 -23.75
CA MET B 81 21.24 -12.74 -23.12
C MET B 81 20.05 -12.86 -22.17
N ALA B 82 19.67 -11.74 -21.59
CA ALA B 82 18.54 -11.66 -20.68
C ALA B 82 18.37 -10.22 -20.22
N ASP B 83 17.13 -9.80 -20.01
CA ASP B 83 16.87 -8.44 -19.57
C ASP B 83 16.41 -8.44 -18.11
N ALA B 84 17.01 -7.55 -17.32
CA ALA B 84 16.68 -7.47 -15.90
C ALA B 84 15.28 -6.91 -15.67
N THR B 85 14.70 -6.36 -16.73
CA THR B 85 13.36 -5.77 -16.65
C THR B 85 12.28 -6.84 -16.71
N THR B 86 12.50 -7.88 -17.50
CA THR B 86 11.55 -8.97 -17.63
C THR B 86 11.52 -9.84 -16.38
N LEU B 87 12.43 -9.57 -15.44
CA LEU B 87 12.52 -10.35 -14.22
C LEU B 87 11.85 -9.65 -13.05
N VAL B 93 8.43 -14.95 -10.76
CA VAL B 93 9.48 -14.81 -11.75
C VAL B 93 10.75 -15.57 -11.33
N GLY B 94 10.71 -16.14 -10.13
CA GLY B 94 11.82 -16.94 -9.63
C GLY B 94 12.05 -18.18 -10.47
N GLU B 95 10.97 -18.72 -11.02
CA GLU B 95 11.06 -19.89 -11.89
C GLU B 95 11.39 -19.46 -13.31
N ASP B 96 11.40 -18.15 -13.54
CA ASP B 96 11.76 -17.58 -14.83
C ASP B 96 13.26 -17.31 -14.89
N VAL B 97 13.88 -17.29 -13.72
CA VAL B 97 15.32 -17.05 -13.61
C VAL B 97 16.10 -18.24 -14.17
N GLU B 98 15.51 -19.43 -14.04
CA GLU B 98 16.13 -20.66 -14.55
C GLU B 98 15.83 -20.84 -16.03
N ASN B 99 14.91 -20.04 -16.55
CA ASN B 99 14.60 -20.05 -17.97
C ASN B 99 15.82 -19.63 -18.78
N ILE B 100 16.63 -18.74 -18.21
CA ILE B 100 17.86 -18.30 -18.84
C ILE B 100 18.80 -19.48 -19.02
N ILE B 101 18.77 -20.40 -18.07
CA ILE B 101 19.63 -21.58 -18.11
C ILE B 101 19.21 -22.54 -19.22
N GLN B 102 17.92 -22.85 -19.28
CA GLN B 102 17.42 -23.76 -20.30
C GLN B 102 17.68 -23.23 -21.70
N LYS B 103 17.70 -21.91 -21.84
CA LYS B 103 18.02 -21.28 -23.11
C LYS B 103 19.50 -21.48 -23.42
N LEU B 104 20.33 -21.40 -22.39
CA LEU B 104 21.76 -21.63 -22.54
C LEU B 104 22.03 -23.07 -22.97
N LEU B 105 21.22 -23.99 -22.46
CA LEU B 105 21.34 -25.40 -22.83
C LEU B 105 20.83 -25.63 -24.25
N GLN B 106 19.89 -24.79 -24.69
CA GLN B 106 19.32 -24.91 -26.02
C GLN B 106 20.37 -24.62 -27.09
N LYS B 107 21.17 -23.59 -26.85
CA LYS B 107 22.24 -23.22 -27.79
C LYS B 107 23.54 -23.95 -27.47
N CYS B 108 23.45 -24.97 -26.62
CA CYS B 108 24.62 -25.72 -26.20
C CYS B 108 24.44 -27.21 -26.44
N ASP B 109 23.37 -27.57 -27.16
CA ASP B 109 23.06 -28.96 -27.47
C ASP B 109 22.80 -29.77 -26.20
N TYR B 110 22.35 -29.08 -25.15
CA TYR B 110 21.99 -29.72 -23.89
C TYR B 110 23.19 -30.43 -23.26
N ASP B 111 24.39 -29.90 -23.51
CA ASP B 111 25.61 -30.46 -22.93
C ASP B 111 25.92 -29.75 -21.61
N VAL B 112 25.75 -30.47 -20.52
CA VAL B 112 25.91 -29.89 -19.18
C VAL B 112 27.24 -29.16 -19.00
N GLN B 113 28.34 -29.84 -19.32
CA GLN B 113 29.67 -29.28 -19.12
C GLN B 113 29.91 -28.02 -19.96
N LYS B 114 29.59 -28.09 -21.24
CA LYS B 114 29.77 -26.94 -22.14
C LYS B 114 28.84 -25.79 -21.77
N ALA B 115 27.71 -26.13 -21.14
CA ALA B 115 26.76 -25.12 -20.70
C ALA B 115 27.26 -24.42 -19.45
N GLN B 116 28.15 -25.09 -18.72
CA GLN B 116 28.72 -24.52 -17.50
C GLN B 116 29.88 -23.59 -17.83
N ARG B 117 30.45 -23.75 -19.02
CA ARG B 117 31.54 -22.91 -19.48
C ARG B 117 30.97 -21.66 -20.14
N GLY B 118 29.64 -21.59 -20.20
CA GLY B 118 28.94 -20.55 -20.94
C GLY B 118 29.04 -19.16 -20.35
N ILE B 119 28.51 -18.19 -21.09
CA ILE B 119 28.47 -16.81 -20.63
C ILE B 119 27.02 -16.31 -20.63
N VAL B 120 26.65 -15.56 -19.61
CA VAL B 120 25.31 -15.01 -19.50
C VAL B 120 25.32 -13.51 -19.27
N TYR B 121 24.79 -12.77 -20.24
CA TYR B 121 24.74 -11.31 -20.14
C TYR B 121 23.36 -10.84 -19.69
N ILE B 122 23.32 -10.08 -18.61
CA ILE B 122 22.09 -9.53 -18.09
C ILE B 122 22.02 -8.04 -18.36
N ASP B 123 21.07 -7.62 -19.17
CA ASP B 123 20.96 -6.21 -19.56
C ASP B 123 20.11 -5.42 -18.59
N GLN B 124 20.36 -4.11 -18.54
CA GLN B 124 19.60 -3.19 -17.70
C GLN B 124 19.54 -3.60 -16.23
N ILE B 125 20.70 -3.92 -15.66
CA ILE B 125 20.79 -4.21 -14.23
C ILE B 125 20.48 -2.95 -13.43
N ASP B 126 20.91 -1.80 -13.94
CA ASP B 126 20.68 -0.52 -13.28
C ASP B 126 19.20 -0.22 -13.11
N LYS B 127 18.35 -0.95 -13.84
CA LYS B 127 16.92 -0.71 -13.83
C LYS B 127 16.24 -1.34 -12.61
N ILE B 128 16.81 -2.43 -12.11
CA ILE B 128 16.22 -3.14 -10.98
C ILE B 128 16.70 -2.61 -9.63
N SER B 129 17.41 -1.50 -9.66
CA SER B 129 17.93 -0.90 -8.42
C SER B 129 16.83 -0.17 -7.65
N ARG B 130 16.52 -0.67 -6.46
CA ARG B 130 15.49 -0.07 -5.62
C ARG B 130 16.00 1.20 -4.93
N LYS B 131 15.72 2.34 -5.54
CA LYS B 131 16.15 3.62 -4.99
C LYS B 131 15.05 4.68 -5.12
N GLY B 145 14.24 -7.87 -4.68
CA GLY B 145 13.81 -9.25 -4.84
C GLY B 145 14.52 -9.93 -6.00
N VAL B 146 14.35 -9.37 -7.20
CA VAL B 146 15.01 -9.89 -8.39
C VAL B 146 16.52 -9.96 -8.20
N GLN B 147 17.08 -8.93 -7.57
CA GLN B 147 18.50 -8.90 -7.26
C GLN B 147 18.89 -10.11 -6.43
N GLN B 148 18.01 -10.48 -5.50
CA GLN B 148 18.27 -11.60 -4.61
C GLN B 148 18.00 -12.93 -5.30
N ALA B 149 17.06 -12.93 -6.24
CA ALA B 149 16.72 -14.14 -6.98
C ALA B 149 17.83 -14.49 -7.97
N LEU B 150 18.22 -13.50 -8.75
CA LEU B 150 19.32 -13.65 -9.70
C LEU B 150 20.62 -13.91 -8.94
N LEU B 151 20.67 -13.43 -7.70
CA LEU B 151 21.84 -13.61 -6.85
C LEU B 151 22.07 -15.08 -6.53
N LYS B 152 21.01 -15.86 -6.58
CA LYS B 152 21.08 -17.29 -6.31
C LYS B 152 21.80 -18.03 -7.44
N LEU B 153 21.70 -17.49 -8.65
CA LEU B 153 22.41 -18.05 -9.79
C LEU B 153 23.89 -17.71 -9.72
N ILE B 154 24.18 -16.42 -9.59
CA ILE B 154 25.56 -15.94 -9.53
C ILE B 154 26.40 -16.81 -8.59
N GLU B 155 25.83 -17.17 -7.45
CA GLU B 155 26.50 -18.05 -6.50
C GLU B 155 26.61 -19.47 -7.04
N GLY B 156 25.47 -20.06 -7.38
CA GLY B 156 25.45 -21.38 -7.97
C GLY B 156 24.72 -22.42 -7.13
N THR B 157 23.80 -23.14 -7.76
CA THR B 157 23.05 -24.19 -7.09
C THR B 157 22.98 -25.46 -7.93
N LEU B 175 16.66 -29.45 -15.15
CA LEU B 175 18.10 -29.45 -15.36
C LEU B 175 18.87 -29.71 -14.07
N GLN B 176 20.12 -30.11 -14.20
CA GLN B 176 20.97 -30.42 -13.05
C GLN B 176 22.24 -29.57 -13.00
N VAL B 177 22.44 -28.76 -14.03
CA VAL B 177 23.64 -27.94 -14.14
C VAL B 177 23.78 -26.97 -12.98
N ASP B 178 25.03 -26.65 -12.61
CA ASP B 178 25.30 -25.66 -11.57
C ASP B 178 25.68 -24.33 -12.20
N THR B 179 25.13 -23.24 -11.66
CA THR B 179 25.35 -21.92 -12.22
C THR B 179 26.62 -21.27 -11.68
N SER B 180 27.34 -22.01 -10.84
CA SER B 180 28.60 -21.52 -10.29
C SER B 180 29.61 -21.33 -11.39
N LYS B 181 29.60 -22.25 -12.35
CA LYS B 181 30.63 -22.31 -13.38
C LYS B 181 30.48 -21.26 -14.47
N ILE B 182 29.26 -20.81 -14.72
CA ILE B 182 29.00 -19.89 -15.82
C ILE B 182 29.37 -18.44 -15.47
N LEU B 183 29.98 -17.74 -16.41
CA LEU B 183 30.38 -16.36 -16.22
C LEU B 183 29.20 -15.42 -16.39
N PHE B 184 29.03 -14.47 -15.48
CA PHE B 184 27.93 -13.52 -15.55
C PHE B 184 28.41 -12.10 -15.84
N ILE B 185 27.90 -11.53 -16.94
CA ILE B 185 28.19 -10.14 -17.29
C ILE B 185 26.92 -9.32 -17.18
N CYS B 186 26.90 -8.41 -16.21
CA CYS B 186 25.72 -7.58 -15.96
C CYS B 186 25.90 -6.18 -16.53
N GLY B 187 25.17 -5.88 -17.60
CA GLY B 187 25.24 -4.57 -18.22
C GLY B 187 24.31 -3.58 -17.56
N GLY B 188 24.41 -2.32 -17.98
CA GLY B 188 23.57 -1.27 -17.43
C GLY B 188 24.18 0.10 -17.67
N ALA B 189 23.32 1.10 -17.89
CA ALA B 189 23.78 2.45 -18.14
C ALA B 189 24.09 3.19 -16.84
N PHE B 190 23.28 2.92 -15.81
CA PHE B 190 23.44 3.58 -14.52
C PHE B 190 23.50 5.10 -14.70
N ALA B 191 22.34 5.69 -14.96
CA ALA B 191 22.25 7.13 -15.17
C ALA B 191 22.66 7.91 -13.94
N GLY B 192 21.97 7.67 -12.83
CA GLY B 192 22.21 8.38 -11.59
C GLY B 192 23.55 8.08 -10.95
N LEU B 193 24.26 7.09 -11.48
CA LEU B 193 25.56 6.70 -10.93
C LEU B 193 26.60 7.80 -11.15
N ASP B 194 26.44 8.55 -12.23
CA ASP B 194 27.36 9.64 -12.55
C ASP B 194 27.29 10.73 -11.51
N LYS B 195 26.18 10.79 -10.77
CA LYS B 195 25.95 11.84 -9.79
C LYS B 195 26.51 11.47 -8.42
N VAL B 196 26.11 10.31 -7.91
CA VAL B 196 26.54 9.85 -6.60
C VAL B 196 28.07 9.80 -6.47
N ILE B 197 28.72 9.36 -7.55
CA ILE B 197 30.18 9.31 -7.57
C ILE B 197 30.77 10.71 -7.43
N SER B 198 30.10 11.68 -8.06
CA SER B 198 30.55 13.06 -7.98
C SER B 198 30.38 13.62 -6.57
N HIS B 199 29.32 13.17 -5.89
CA HIS B 199 29.02 13.64 -4.55
C HIS B 199 29.92 12.97 -3.51
N ARG B 200 30.81 12.10 -3.98
CA ARG B 200 31.73 11.38 -3.10
C ARG B 200 33.17 11.80 -3.34
N VAL B 201 33.62 11.68 -4.60
CA VAL B 201 35.00 11.99 -4.96
C VAL B 201 35.38 13.43 -4.62
N GLU B 202 34.39 14.32 -4.61
CA GLU B 202 34.63 15.73 -4.32
C GLU B 202 35.06 15.95 -2.86
N THR B 203 34.53 15.12 -1.97
CA THR B 203 34.82 15.22 -0.54
C THR B 203 34.60 16.64 -0.01
N ALA B 220 36.36 16.61 -14.29
CA ALA B 220 36.59 16.27 -15.69
C ALA B 220 35.29 15.80 -16.36
N SER B 221 35.40 14.77 -17.18
CA SER B 221 34.24 14.25 -17.91
C SER B 221 33.65 13.01 -17.23
N GLU B 222 32.58 12.48 -17.81
CA GLU B 222 31.91 11.31 -17.25
C GLU B 222 32.86 10.12 -17.14
N GLY B 223 33.74 9.97 -18.13
CA GLY B 223 34.71 8.90 -18.13
C GLY B 223 35.60 8.93 -16.90
N GLU B 224 36.12 10.12 -16.58
CA GLU B 224 37.01 10.29 -15.44
C GLU B 224 36.29 9.99 -14.13
N LEU B 225 34.98 10.24 -14.10
CA LEU B 225 34.17 10.02 -12.91
C LEU B 225 33.83 8.53 -12.74
N LEU B 226 33.51 7.87 -13.85
CA LEU B 226 33.19 6.45 -13.82
C LEU B 226 34.41 5.61 -13.45
N ALA B 227 35.59 6.19 -13.60
CA ALA B 227 36.82 5.50 -13.22
C ALA B 227 36.95 5.44 -11.70
N GLN B 228 36.42 6.46 -11.03
CA GLN B 228 36.47 6.53 -9.57
C GLN B 228 35.38 5.68 -8.93
N VAL B 229 34.67 4.90 -9.73
CA VAL B 229 33.56 4.09 -9.24
C VAL B 229 33.98 3.20 -8.09
N GLU B 230 33.06 3.00 -7.14
CA GLU B 230 33.32 2.16 -5.97
C GLU B 230 32.04 1.43 -5.56
N PRO B 231 32.18 0.19 -5.07
CA PRO B 231 31.06 -0.63 -4.61
C PRO B 231 30.05 0.12 -3.75
N GLU B 232 30.52 1.05 -2.93
CA GLU B 232 29.63 1.84 -2.08
C GLU B 232 28.75 2.78 -2.90
N ASP B 233 29.28 3.24 -4.03
CA ASP B 233 28.53 4.11 -4.94
C ASP B 233 27.37 3.34 -5.54
N LEU B 234 27.61 2.08 -5.87
CA LEU B 234 26.56 1.20 -6.38
C LEU B 234 25.54 0.91 -5.29
N ILE B 235 26.02 0.81 -4.05
CA ILE B 235 25.15 0.62 -2.90
C ILE B 235 24.11 1.74 -2.85
N LYS B 236 24.61 2.97 -2.81
CA LYS B 236 23.73 4.14 -2.76
C LYS B 236 22.85 4.24 -3.99
N PHE B 237 23.35 3.70 -5.11
CA PHE B 237 22.60 3.74 -6.36
C PHE B 237 21.29 2.96 -6.26
N GLY B 238 21.38 1.77 -5.67
CA GLY B 238 20.19 0.94 -5.48
C GLY B 238 20.49 -0.55 -5.49
N LEU B 239 21.76 -0.91 -5.41
CA LEU B 239 22.15 -2.32 -5.37
C LEU B 239 22.45 -2.78 -3.95
N ILE B 240 22.04 -4.00 -3.63
CA ILE B 240 22.30 -4.58 -2.31
C ILE B 240 23.74 -5.06 -2.23
N PRO B 241 24.35 -4.94 -1.03
CA PRO B 241 25.75 -5.30 -0.80
C PRO B 241 26.09 -6.73 -1.25
N GLU B 242 25.23 -7.68 -0.89
CA GLU B 242 25.48 -9.08 -1.21
C GLU B 242 25.50 -9.34 -2.71
N PHE B 243 24.84 -8.46 -3.46
CA PHE B 243 24.78 -8.57 -4.91
C PHE B 243 26.02 -7.97 -5.56
N ILE B 244 26.48 -6.85 -5.02
CA ILE B 244 27.66 -6.17 -5.55
C ILE B 244 28.93 -6.98 -5.29
N GLY B 245 28.98 -7.64 -4.14
CA GLY B 245 30.12 -8.47 -3.79
C GLY B 245 30.29 -9.62 -4.75
N ARG B 246 29.24 -9.93 -5.50
CA ARG B 246 29.27 -11.01 -6.47
C ARG B 246 29.79 -10.55 -7.82
N LEU B 247 29.98 -9.23 -7.96
CA LEU B 247 30.51 -8.65 -9.18
C LEU B 247 31.79 -7.86 -8.89
N PRO B 248 32.88 -8.58 -8.61
CA PRO B 248 34.18 -8.01 -8.24
C PRO B 248 34.72 -7.14 -9.37
N VAL B 249 34.65 -7.66 -10.59
CA VAL B 249 35.17 -6.99 -11.77
C VAL B 249 34.19 -5.96 -12.31
N VAL B 250 34.63 -4.70 -12.35
CA VAL B 250 33.79 -3.63 -12.86
C VAL B 250 34.48 -2.88 -14.00
N ALA B 251 33.99 -3.08 -15.21
CA ALA B 251 34.55 -2.40 -16.38
C ALA B 251 33.62 -1.29 -16.84
N THR B 252 34.18 -0.11 -17.05
CA THR B 252 33.39 1.04 -17.47
C THR B 252 33.74 1.46 -18.90
N LEU B 253 32.72 1.81 -19.68
CA LEU B 253 32.93 2.24 -21.04
C LEU B 253 32.78 3.75 -21.18
N ASN B 254 33.49 4.32 -22.15
CA ASN B 254 33.42 5.75 -22.43
C ASN B 254 32.38 6.05 -23.52
N GLU B 255 31.86 7.27 -23.50
CA GLU B 255 30.88 7.70 -24.48
C GLU B 255 31.51 7.80 -25.87
N LEU B 256 30.83 7.25 -26.87
CA LEU B 256 31.34 7.22 -28.22
C LEU B 256 31.64 8.62 -28.76
N SER B 257 32.54 8.69 -29.73
CA SER B 257 32.93 9.96 -30.34
C SER B 257 32.60 9.96 -31.83
N GLU B 258 32.61 11.15 -32.44
CA GLU B 258 32.32 11.27 -33.86
C GLU B 258 33.23 10.39 -34.70
N GLU B 259 34.54 10.52 -34.48
CA GLU B 259 35.51 9.75 -35.24
C GLU B 259 35.25 8.25 -35.12
N ALA B 260 34.87 7.84 -33.91
CA ALA B 260 34.56 6.44 -33.64
C ALA B 260 33.29 6.04 -34.39
N LEU B 261 32.26 6.87 -34.27
CA LEU B 261 30.99 6.62 -34.93
C LEU B 261 31.17 6.43 -36.43
N ILE B 262 31.99 7.27 -37.04
CA ILE B 262 32.24 7.18 -38.48
C ILE B 262 32.91 5.86 -38.82
N GLN B 263 33.82 5.40 -37.95
CA GLN B 263 34.46 4.12 -38.14
C GLN B 263 33.46 2.99 -37.94
N ILE B 264 32.45 3.25 -37.12
CA ILE B 264 31.38 2.26 -36.90
C ILE B 264 30.54 2.09 -38.15
N LEU B 265 30.42 3.16 -38.94
CA LEU B 265 29.65 3.12 -40.17
C LEU B 265 30.46 2.55 -41.32
N LYS B 266 31.77 2.39 -41.12
CA LYS B 266 32.67 1.98 -42.20
C LYS B 266 33.43 0.68 -41.90
N GLU B 267 34.23 0.69 -40.85
CA GLU B 267 35.19 -0.37 -40.59
C GLU B 267 34.59 -1.78 -40.45
N PRO B 268 33.68 -1.97 -39.48
CA PRO B 268 33.15 -3.32 -39.21
C PRO B 268 32.69 -4.04 -40.48
N LYS B 269 32.79 -5.37 -40.46
CA LYS B 269 32.41 -6.18 -41.60
C LYS B 269 30.89 -6.12 -41.83
N ASN B 270 30.18 -5.59 -40.84
CA ASN B 270 28.72 -5.46 -40.94
C ASN B 270 28.27 -4.01 -40.75
N ALA B 271 29.14 -3.07 -41.12
CA ALA B 271 28.82 -1.66 -41.01
C ALA B 271 27.61 -1.31 -41.88
N LEU B 272 26.84 -0.33 -41.44
CA LEU B 272 25.64 0.09 -42.16
C LEU B 272 25.91 0.36 -43.63
N THR B 273 26.99 1.08 -43.92
CA THR B 273 27.32 1.44 -45.30
C THR B 273 27.50 0.19 -46.15
N LYS B 274 28.17 -0.81 -45.60
CA LYS B 274 28.42 -2.06 -46.32
C LYS B 274 27.12 -2.81 -46.59
N GLN B 275 26.17 -2.73 -45.66
CA GLN B 275 24.89 -3.40 -45.81
C GLN B 275 24.06 -2.77 -46.91
N TYR B 276 23.97 -1.44 -46.88
CA TYR B 276 23.17 -0.71 -47.86
C TYR B 276 23.82 -0.72 -49.24
N GLN B 277 25.14 -0.63 -49.27
CA GLN B 277 25.87 -0.77 -50.53
C GLN B 277 25.55 -2.12 -51.14
N ALA B 278 25.33 -3.12 -50.29
CA ALA B 278 24.98 -4.46 -50.73
C ALA B 278 23.53 -4.53 -51.20
N LEU B 279 22.64 -3.87 -50.45
CA LEU B 279 21.23 -3.80 -50.81
C LEU B 279 21.07 -3.09 -52.15
N PHE B 280 21.84 -2.02 -52.34
CA PHE B 280 21.86 -1.29 -53.61
C PHE B 280 22.61 -2.07 -54.68
N ASN B 281 23.53 -2.92 -54.24
CA ASN B 281 24.36 -3.69 -55.17
C ASN B 281 23.56 -4.73 -55.95
N LEU B 282 22.66 -5.41 -55.26
CA LEU B 282 21.79 -6.40 -55.89
C LEU B 282 20.68 -5.72 -56.69
N GLU B 283 20.73 -4.39 -56.75
CA GLU B 283 19.82 -3.61 -57.56
C GLU B 283 20.55 -3.20 -58.85
N GLY B 284 21.85 -3.45 -58.88
CA GLY B 284 22.68 -3.07 -60.00
C GLY B 284 23.22 -1.66 -59.85
N VAL B 285 23.02 -1.08 -58.67
CA VAL B 285 23.44 0.29 -58.41
C VAL B 285 24.54 0.36 -57.34
N ASP B 286 25.51 1.23 -57.55
CA ASP B 286 26.59 1.41 -56.59
C ASP B 286 26.33 2.57 -55.65
N LEU B 287 26.29 2.29 -54.35
CA LEU B 287 26.04 3.31 -53.35
C LEU B 287 27.35 3.87 -52.82
N GLU B 288 27.51 5.19 -52.90
CA GLU B 288 28.73 5.83 -52.43
C GLU B 288 28.45 6.79 -51.29
N PHE B 289 29.07 6.53 -50.14
CA PHE B 289 28.96 7.41 -48.98
C PHE B 289 30.15 8.35 -48.90
N ARG B 290 29.92 9.63 -49.17
CA ARG B 290 30.96 10.65 -48.98
C ARG B 290 31.24 10.81 -47.48
N ASP B 291 32.50 11.01 -47.14
CA ASP B 291 32.91 11.16 -45.74
C ASP B 291 32.11 12.26 -45.03
N GLU B 292 31.72 13.29 -45.77
CA GLU B 292 30.94 14.38 -45.21
C GLU B 292 29.60 13.88 -44.72
N ALA B 293 28.99 12.98 -45.50
CA ALA B 293 27.71 12.40 -45.13
C ALA B 293 27.85 11.52 -43.89
N LEU B 294 28.92 10.75 -43.84
CA LEU B 294 29.19 9.91 -42.68
C LEU B 294 29.38 10.78 -41.43
N ASP B 295 30.09 11.90 -41.60
CA ASP B 295 30.26 12.87 -40.51
C ASP B 295 28.92 13.44 -40.07
N ALA B 296 28.12 13.88 -41.04
CA ALA B 296 26.76 14.36 -40.78
C ALA B 296 25.94 13.35 -39.98
N ILE B 297 26.04 12.07 -40.36
CA ILE B 297 25.32 11.01 -39.65
C ILE B 297 25.81 10.89 -38.21
N ALA B 298 27.13 10.99 -38.04
CA ALA B 298 27.72 10.95 -36.70
C ALA B 298 27.14 12.06 -35.84
N LYS B 299 27.19 13.29 -36.34
CA LYS B 299 26.69 14.45 -35.60
C LYS B 299 25.20 14.30 -35.26
N LYS B 300 24.40 13.93 -36.26
CA LYS B 300 22.97 13.72 -36.05
C LYS B 300 22.74 12.75 -34.89
N ALA B 301 23.58 11.73 -34.80
CA ALA B 301 23.46 10.71 -33.76
C ALA B 301 23.85 11.26 -32.40
N MET B 302 24.86 12.14 -32.38
CA MET B 302 25.35 12.71 -31.13
C MET B 302 24.34 13.70 -30.54
N ALA B 303 23.76 14.52 -31.41
CA ALA B 303 22.78 15.51 -30.98
C ALA B 303 21.57 14.83 -30.33
N ARG B 304 21.31 13.59 -30.74
CA ARG B 304 20.18 12.84 -30.21
C ARG B 304 20.59 11.95 -29.03
N LYS B 305 21.88 11.91 -28.75
CA LYS B 305 22.40 11.15 -27.62
C LYS B 305 22.08 9.65 -27.72
N THR B 306 21.61 9.23 -28.89
CA THR B 306 21.22 7.84 -29.10
C THR B 306 22.42 6.91 -29.25
N GLY B 307 23.62 7.49 -29.27
CA GLY B 307 24.84 6.71 -29.43
C GLY B 307 24.94 6.04 -30.77
N ALA B 308 25.30 4.76 -30.76
CA ALA B 308 25.45 3.98 -31.99
C ALA B 308 24.16 3.23 -32.32
N ARG B 309 23.21 3.26 -31.39
CA ARG B 309 21.93 2.60 -31.57
C ARG B 309 21.03 3.41 -32.49
N GLY B 310 21.33 4.69 -32.62
CA GLY B 310 20.52 5.59 -33.43
C GLY B 310 21.15 5.92 -34.76
N LEU B 311 22.01 5.04 -35.25
CA LEU B 311 22.65 5.23 -36.55
C LEU B 311 21.76 4.71 -37.66
N ARG B 312 21.29 3.47 -37.49
CA ARG B 312 20.39 2.86 -38.47
C ARG B 312 19.15 3.73 -38.67
N SER B 313 18.65 4.29 -37.58
CA SER B 313 17.46 5.13 -37.63
C SER B 313 17.70 6.40 -38.43
N ILE B 314 18.98 6.73 -38.64
CA ILE B 314 19.35 7.91 -39.41
C ILE B 314 19.58 7.57 -40.87
N VAL B 315 20.20 6.42 -41.11
CA VAL B 315 20.48 5.98 -42.48
C VAL B 315 19.20 5.59 -43.21
N GLU B 316 18.36 4.81 -42.55
CA GLU B 316 17.08 4.40 -43.14
C GLU B 316 16.29 5.62 -43.59
N ALA B 317 16.18 6.61 -42.72
CA ALA B 317 15.40 7.80 -43.00
C ALA B 317 16.02 8.64 -44.12
N ALA B 318 17.32 8.50 -44.31
CA ALA B 318 18.03 9.26 -45.34
C ALA B 318 17.91 8.58 -46.69
N LEU B 319 17.88 7.25 -46.68
CA LEU B 319 17.82 6.48 -47.93
C LEU B 319 16.40 5.99 -48.20
N LEU B 320 15.44 6.46 -47.41
CA LEU B 320 14.05 6.04 -47.59
C LEU B 320 13.57 6.37 -49.00
N ASP B 321 13.44 7.66 -49.29
CA ASP B 321 12.99 8.12 -50.61
C ASP B 321 13.70 7.36 -51.74
N THR B 322 15.02 7.27 -51.64
CA THR B 322 15.83 6.63 -52.66
C THR B 322 15.48 5.16 -52.86
N MET B 323 15.33 4.43 -51.76
CA MET B 323 15.01 3.02 -51.82
C MET B 323 13.56 2.76 -52.25
N TYR B 324 12.73 3.80 -52.15
CA TYR B 324 11.33 3.68 -52.50
C TYR B 324 11.13 3.66 -54.02
N ASP B 325 11.78 4.60 -54.71
CA ASP B 325 11.69 4.65 -56.16
C ASP B 325 13.00 4.26 -56.84
N LEU B 326 13.73 3.32 -56.24
CA LEU B 326 14.96 2.81 -56.82
C LEU B 326 14.68 1.71 -57.84
N PRO B 327 13.85 0.72 -57.47
CA PRO B 327 13.53 -0.37 -58.39
C PRO B 327 12.72 0.09 -59.60
N SER B 328 12.39 1.38 -59.64
CA SER B 328 11.62 1.94 -60.75
C SER B 328 12.48 2.84 -61.63
N MET B 329 13.80 2.73 -61.46
CA MET B 329 14.74 3.54 -62.22
C MET B 329 15.79 2.67 -62.90
N GLU B 330 16.62 3.29 -63.74
CA GLU B 330 17.71 2.58 -64.39
C GLU B 330 18.94 3.49 -64.54
N ASP B 331 19.78 3.48 -63.52
CA ASP B 331 20.99 4.31 -63.52
C ASP B 331 22.21 3.51 -63.05
N VAL B 332 23.37 4.14 -63.10
CA VAL B 332 24.61 3.49 -62.71
C VAL B 332 24.79 3.43 -61.19
N GLU B 333 24.88 4.61 -60.56
CA GLU B 333 25.10 4.66 -59.12
C GLU B 333 24.43 5.87 -58.45
N LYS B 334 24.32 5.81 -57.13
CA LYS B 334 23.81 6.92 -56.34
C LYS B 334 24.85 7.36 -55.32
N VAL B 335 24.98 8.66 -55.12
CA VAL B 335 25.98 9.22 -54.22
C VAL B 335 25.33 10.07 -53.13
N VAL B 336 25.46 9.63 -51.88
CA VAL B 336 24.88 10.36 -50.75
C VAL B 336 25.84 11.42 -50.21
N ILE B 337 25.45 12.68 -50.34
CA ILE B 337 26.24 13.81 -49.87
C ILE B 337 25.77 14.24 -48.50
N ASP B 338 26.55 15.10 -47.84
CA ASP B 338 26.19 15.59 -46.53
C ASP B 338 24.85 16.33 -46.57
N GLU B 339 24.58 16.96 -47.70
CA GLU B 339 23.35 17.72 -47.88
C GLU B 339 22.13 16.81 -47.75
N SER B 340 22.31 15.54 -48.09
CA SER B 340 21.23 14.56 -48.03
C SER B 340 20.92 14.14 -46.60
N VAL B 341 21.93 14.21 -45.73
CA VAL B 341 21.77 13.79 -44.34
C VAL B 341 21.28 14.94 -43.46
N ILE B 342 22.18 15.88 -43.18
CA ILE B 342 21.85 17.00 -42.29
C ILE B 342 20.58 17.74 -42.73
N ASP B 343 20.63 18.38 -43.89
CA ASP B 343 19.50 19.14 -44.41
C ASP B 343 18.29 18.23 -44.64
N GLY B 344 18.55 17.04 -45.20
CA GLY B 344 17.49 16.09 -45.48
C GLY B 344 16.58 16.57 -46.59
N GLN B 345 16.79 17.82 -47.02
CA GLN B 345 15.96 18.41 -48.06
C GLN B 345 16.44 18.02 -49.45
N SER B 346 17.75 18.06 -49.66
CA SER B 346 18.33 17.73 -50.95
C SER B 346 18.35 16.22 -51.18
N GLU B 347 17.98 15.81 -52.39
CA GLU B 347 18.00 14.40 -52.75
C GLU B 347 19.43 13.97 -53.12
N PRO B 348 19.74 12.68 -52.93
CA PRO B 348 21.06 12.15 -53.25
C PRO B 348 21.39 12.29 -54.74
N LEU B 349 22.66 12.52 -55.04
CA LEU B 349 23.09 12.63 -56.43
C LEU B 349 22.80 11.34 -57.18
N LEU B 350 22.25 11.47 -58.39
CA LEU B 350 21.91 10.31 -59.21
C LEU B 350 22.72 10.32 -60.51
N ILE B 351 23.47 9.25 -60.74
CA ILE B 351 24.32 9.15 -61.92
C ILE B 351 23.84 8.06 -62.87
N TYR B 352 23.66 8.42 -64.14
CA TYR B 352 23.20 7.47 -65.15
C TYR B 352 24.37 6.98 -66.01
N ALA C 2 8.45 -12.46 -60.22
CA ALA C 2 8.95 -11.09 -60.25
C ALA C 2 8.40 -10.28 -59.08
N LEU C 3 9.30 -9.69 -58.30
CA LEU C 3 8.90 -8.91 -57.13
C LEU C 3 8.40 -7.52 -57.52
N PRO C 4 7.25 -7.13 -56.93
CA PRO C 4 6.61 -5.83 -57.18
C PRO C 4 7.40 -4.70 -56.55
N THR C 5 7.77 -3.70 -57.35
CA THR C 5 8.49 -2.54 -56.82
C THR C 5 7.67 -1.89 -55.71
N PRO C 6 8.36 -1.26 -54.76
CA PRO C 6 7.70 -0.54 -53.66
C PRO C 6 6.57 0.33 -54.18
N HIS C 7 6.76 0.94 -55.34
CA HIS C 7 5.72 1.72 -55.99
C HIS C 7 4.45 0.88 -56.15
N GLU C 8 4.56 -0.22 -56.87
CA GLU C 8 3.44 -1.12 -57.10
C GLU C 8 2.80 -1.58 -55.80
N ILE C 9 3.62 -1.75 -54.77
CA ILE C 9 3.14 -2.21 -53.48
C ILE C 9 2.28 -1.17 -52.78
N ARG C 10 2.78 0.07 -52.71
CA ARG C 10 2.01 1.17 -52.12
C ARG C 10 0.78 1.47 -52.97
N ASN C 11 0.94 1.36 -54.28
CA ASN C 11 -0.15 1.63 -55.21
C ASN C 11 -1.32 0.69 -54.94
N HIS C 12 -1.03 -0.60 -54.74
CA HIS C 12 -2.06 -1.58 -54.43
C HIS C 12 -2.55 -1.44 -53.00
N LEU C 13 -1.72 -0.83 -52.15
CA LEU C 13 -2.08 -0.58 -50.76
C LEU C 13 -3.10 0.55 -50.66
N ASP C 14 -3.12 1.40 -51.67
CA ASP C 14 -4.06 2.51 -51.72
C ASP C 14 -5.46 2.04 -52.09
N ASP C 15 -5.55 0.81 -52.60
CA ASP C 15 -6.84 0.23 -52.98
C ASP C 15 -7.52 -0.36 -51.75
N TYR C 16 -6.72 -0.67 -50.73
CA TYR C 16 -7.21 -1.29 -49.51
C TYR C 16 -7.10 -0.37 -48.31
N VAL C 17 -6.11 0.53 -48.34
CA VAL C 17 -5.90 1.48 -47.24
C VAL C 17 -5.26 2.80 -47.71
N ILE C 18 -5.85 3.91 -47.31
CA ILE C 18 -5.27 5.24 -47.56
C ILE C 18 -5.50 6.13 -46.34
N GLY C 19 -5.05 7.38 -46.43
CA GLY C 19 -5.24 8.34 -45.37
C GLY C 19 -4.00 9.18 -45.12
N GLN C 20 -3.40 9.02 -43.94
CA GLN C 20 -2.25 9.81 -43.52
C GLN C 20 -1.00 9.57 -44.38
N GLU C 21 -0.88 8.36 -44.94
CA GLU C 21 0.27 7.92 -45.75
C GLU C 21 1.62 7.96 -45.01
N GLN C 22 2.70 7.60 -45.72
CA GLN C 22 4.06 7.61 -45.16
C GLN C 22 4.43 6.30 -44.49
N ALA C 23 3.43 5.54 -44.08
CA ALA C 23 3.70 4.21 -43.57
C ALA C 23 3.59 3.22 -44.72
N LYS C 24 2.64 3.45 -45.63
CA LYS C 24 2.52 2.55 -46.77
C LYS C 24 3.82 2.55 -47.57
N LYS C 25 4.56 3.65 -47.47
CA LYS C 25 5.88 3.77 -48.07
C LYS C 25 6.92 2.96 -47.30
N VAL C 26 7.00 3.20 -45.99
CA VAL C 26 7.93 2.48 -45.12
C VAL C 26 7.70 0.98 -45.18
N LEU C 27 6.42 0.59 -45.16
CA LEU C 27 6.05 -0.81 -45.28
C LEU C 27 6.40 -1.36 -46.65
N ALA C 28 6.13 -0.58 -47.69
CA ALA C 28 6.44 -1.01 -49.06
C ALA C 28 7.94 -1.25 -49.19
N VAL C 29 8.74 -0.35 -48.63
CA VAL C 29 10.19 -0.48 -48.65
C VAL C 29 10.63 -1.66 -47.80
N ALA C 30 10.10 -1.74 -46.58
CA ALA C 30 10.42 -2.84 -45.67
C ALA C 30 10.10 -4.17 -46.33
N VAL C 31 8.88 -4.29 -46.84
CA VAL C 31 8.43 -5.53 -47.47
C VAL C 31 9.29 -5.90 -48.68
N TYR C 32 9.45 -4.95 -49.60
CA TYR C 32 10.26 -5.19 -50.79
C TYR C 32 11.63 -5.72 -50.42
N ASN C 33 12.30 -5.02 -49.50
CA ASN C 33 13.63 -5.43 -49.04
C ASN C 33 13.64 -6.83 -48.43
N HIS C 34 12.57 -7.19 -47.74
CA HIS C 34 12.49 -8.48 -47.07
C HIS C 34 12.54 -9.64 -48.07
N TYR C 35 11.68 -9.58 -49.08
CA TYR C 35 11.60 -10.63 -50.08
C TYR C 35 12.70 -10.51 -51.13
N LYS C 36 13.23 -9.30 -51.28
CA LYS C 36 14.36 -9.07 -52.19
C LYS C 36 15.61 -9.66 -51.56
N ARG C 37 15.56 -9.85 -50.26
CA ARG C 37 16.69 -10.40 -49.52
C ARG C 37 16.58 -11.92 -49.42
N LEU C 38 15.36 -12.42 -49.48
CA LEU C 38 15.11 -13.85 -49.39
C LEU C 38 15.34 -14.56 -50.71
N ARG C 39 14.85 -13.97 -51.79
CA ARG C 39 15.00 -14.56 -53.12
C ARG C 39 16.46 -14.60 -53.58
N ASN C 40 17.33 -13.97 -52.80
CA ASN C 40 18.76 -13.98 -53.07
C ASN C 40 19.56 -14.63 -51.95
N LEU C 49 22.91 -8.47 -43.47
CA LEU C 49 21.60 -8.10 -43.98
C LEU C 49 20.56 -8.02 -42.86
N GLY C 50 19.97 -6.84 -42.70
CA GLY C 50 18.97 -6.62 -41.67
C GLY C 50 17.80 -7.56 -41.78
N LYS C 51 17.15 -7.84 -40.64
CA LYS C 51 16.01 -8.74 -40.60
C LYS C 51 14.78 -8.11 -41.24
N SER C 52 14.72 -6.78 -41.19
CA SER C 52 13.66 -6.02 -41.83
C SER C 52 12.27 -6.34 -41.28
N ASN C 53 12.20 -6.60 -39.97
CA ASN C 53 10.92 -6.82 -39.31
C ASN C 53 10.21 -5.48 -39.05
N ILE C 54 8.89 -5.52 -38.87
CA ILE C 54 8.10 -4.30 -38.82
C ILE C 54 7.35 -4.08 -37.51
N LEU C 55 7.28 -2.83 -37.09
CA LEU C 55 6.54 -2.45 -35.88
C LEU C 55 5.50 -1.38 -36.22
N LEU C 56 4.23 -1.77 -36.23
CA LEU C 56 3.15 -0.84 -36.52
C LEU C 56 2.65 -0.14 -35.25
N ILE C 57 2.75 1.19 -35.26
CA ILE C 57 2.29 1.99 -34.13
C ILE C 57 1.20 2.97 -34.56
N GLY C 58 -0.05 2.58 -34.32
CA GLY C 58 -1.19 3.41 -34.69
C GLY C 58 -2.38 3.13 -33.80
N PRO C 59 -3.26 4.14 -33.64
CA PRO C 59 -4.47 3.98 -32.83
C PRO C 59 -5.27 2.78 -33.27
N THR C 60 -6.14 2.29 -32.39
CA THR C 60 -7.01 1.17 -32.73
C THR C 60 -7.92 1.54 -33.89
N GLY C 61 -7.99 0.68 -34.90
CA GLY C 61 -8.83 0.92 -36.04
C GLY C 61 -8.16 1.78 -37.11
N SER C 62 -6.84 1.92 -37.00
CA SER C 62 -6.09 2.70 -37.98
C SER C 62 -5.90 1.88 -39.26
N GLY C 63 -6.04 0.57 -39.13
CA GLY C 63 -5.91 -0.34 -40.27
C GLY C 63 -4.61 -1.10 -40.27
N LYS C 64 -4.06 -1.34 -39.08
CA LYS C 64 -2.81 -2.07 -38.94
C LYS C 64 -3.00 -3.52 -39.36
N THR C 65 -4.04 -4.14 -38.81
CA THR C 65 -4.42 -5.50 -39.16
C THR C 65 -4.72 -5.62 -40.65
N LEU C 66 -5.60 -4.75 -41.16
CA LEU C 66 -5.94 -4.76 -42.58
C LEU C 66 -4.69 -4.57 -43.43
N LEU C 67 -3.81 -3.68 -42.99
CA LEU C 67 -2.56 -3.41 -43.67
C LEU C 67 -1.71 -4.68 -43.79
N ALA C 68 -1.68 -5.46 -42.72
CA ALA C 68 -0.89 -6.69 -42.69
C ALA C 68 -1.45 -7.73 -43.66
N GLU C 69 -2.77 -7.93 -43.60
CA GLU C 69 -3.44 -8.90 -44.45
C GLU C 69 -3.28 -8.55 -45.93
N THR C 70 -3.54 -7.29 -46.26
CA THR C 70 -3.43 -6.83 -47.63
C THR C 70 -2.05 -7.10 -48.21
N LEU C 71 -1.01 -6.83 -47.42
CA LEU C 71 0.36 -7.09 -47.85
C LEU C 71 0.54 -8.56 -48.20
N ALA C 72 -0.07 -9.43 -47.42
CA ALA C 72 0.01 -10.87 -47.65
C ALA C 72 -0.64 -11.25 -48.98
N ARG C 73 -1.83 -10.72 -49.22
CA ARG C 73 -2.57 -11.02 -50.45
C ARG C 73 -1.86 -10.49 -51.69
N LEU C 74 -1.30 -9.29 -51.59
CA LEU C 74 -0.61 -8.67 -52.71
C LEU C 74 0.61 -9.47 -53.15
N LEU C 75 1.18 -10.25 -52.23
CA LEU C 75 2.36 -11.03 -52.53
C LEU C 75 2.06 -12.53 -52.52
N ASP C 76 0.77 -12.87 -52.59
CA ASP C 76 0.32 -14.25 -52.56
C ASP C 76 1.14 -15.09 -51.57
N VAL C 77 1.26 -14.57 -50.34
CA VAL C 77 2.07 -15.21 -49.31
C VAL C 77 1.24 -15.59 -48.09
N PRO C 78 1.45 -16.82 -47.58
CA PRO C 78 0.73 -17.35 -46.42
C PRO C 78 0.74 -16.41 -45.22
N PHE C 79 -0.45 -16.02 -44.76
CA PHE C 79 -0.57 -15.07 -43.67
C PHE C 79 -1.31 -15.67 -42.47
N THR C 80 -0.97 -15.21 -41.27
CA THR C 80 -1.64 -15.66 -40.05
C THR C 80 -1.48 -14.63 -38.94
N MET C 81 -2.52 -14.44 -38.16
CA MET C 81 -2.47 -13.47 -37.06
C MET C 81 -2.17 -14.13 -35.71
N ALA C 82 -2.20 -13.32 -34.66
CA ALA C 82 -1.93 -13.78 -33.31
C ALA C 82 -2.07 -12.61 -32.33
N ASP C 83 -2.74 -12.86 -31.21
CA ASP C 83 -2.92 -11.84 -30.20
C ASP C 83 -1.84 -11.94 -29.13
N ALA C 84 -1.18 -10.83 -28.84
CA ALA C 84 -0.11 -10.80 -27.85
C ALA C 84 -0.66 -10.98 -26.44
N THR C 85 -1.98 -10.87 -26.30
CA THR C 85 -2.63 -11.02 -25.01
C THR C 85 -2.87 -12.48 -24.65
N THR C 86 -3.15 -13.30 -25.66
CA THR C 86 -3.41 -14.72 -25.45
C THR C 86 -2.13 -15.50 -25.18
N GLU C 95 5.11 -23.41 -25.55
CA GLU C 95 4.60 -24.38 -26.51
C GLU C 95 3.45 -23.79 -27.33
N ASP C 96 2.93 -22.66 -26.89
CA ASP C 96 1.85 -21.98 -27.60
C ASP C 96 2.41 -21.01 -28.63
N VAL C 97 3.67 -20.64 -28.45
CA VAL C 97 4.33 -19.74 -29.36
C VAL C 97 4.54 -20.39 -30.73
N GLU C 98 4.82 -21.68 -30.74
CA GLU C 98 5.02 -22.43 -31.98
C GLU C 98 3.69 -22.81 -32.61
N ASN C 99 2.60 -22.57 -31.89
CA ASN C 99 1.25 -22.78 -32.41
C ASN C 99 1.02 -21.85 -33.60
N ILE C 100 1.63 -20.68 -33.56
CA ILE C 100 1.51 -19.72 -34.66
C ILE C 100 2.14 -20.29 -35.92
N ILE C 101 3.20 -21.07 -35.77
CA ILE C 101 3.89 -21.66 -36.89
C ILE C 101 3.04 -22.74 -37.57
N GLN C 102 2.53 -23.67 -36.77
CA GLN C 102 1.72 -24.76 -37.31
C GLN C 102 0.51 -24.21 -38.06
N LYS C 103 -0.02 -23.09 -37.57
CA LYS C 103 -1.15 -22.45 -38.23
C LYS C 103 -0.73 -21.85 -39.57
N LEU C 104 0.49 -21.34 -39.62
CA LEU C 104 1.04 -20.79 -40.85
C LEU C 104 1.26 -21.89 -41.87
N LEU C 105 1.55 -23.09 -41.39
CA LEU C 105 1.73 -24.25 -42.27
C LEU C 105 0.37 -24.77 -42.74
N GLN C 106 -0.66 -24.58 -41.91
CA GLN C 106 -2.00 -25.02 -42.25
C GLN C 106 -2.55 -24.27 -43.47
N LYS C 107 -2.31 -22.96 -43.51
CA LYS C 107 -2.77 -22.13 -44.62
C LYS C 107 -1.76 -22.12 -45.76
N CYS C 108 -0.73 -22.94 -45.63
CA CYS C 108 0.34 -22.98 -46.62
C CYS C 108 0.47 -24.37 -47.23
N ASP C 109 -0.50 -25.23 -46.96
CA ASP C 109 -0.48 -26.61 -47.44
C ASP C 109 0.74 -27.35 -46.91
N TYR C 110 1.22 -26.91 -45.75
CA TYR C 110 2.35 -27.56 -45.06
C TYR C 110 3.62 -27.52 -45.90
N ASP C 111 3.73 -26.52 -46.77
CA ASP C 111 4.94 -26.32 -47.57
C ASP C 111 5.98 -25.53 -46.78
N VAL C 112 7.07 -26.19 -46.43
CA VAL C 112 8.11 -25.59 -45.59
C VAL C 112 8.65 -24.28 -46.16
N GLN C 113 8.96 -24.28 -47.46
CA GLN C 113 9.54 -23.10 -48.09
C GLN C 113 8.56 -21.93 -48.17
N LYS C 114 7.37 -22.19 -48.68
CA LYS C 114 6.36 -21.14 -48.81
C LYS C 114 5.94 -20.60 -47.45
N ALA C 115 6.07 -21.43 -46.42
CA ALA C 115 5.74 -21.03 -45.06
C ALA C 115 6.84 -20.14 -44.48
N GLN C 116 8.04 -20.26 -45.04
CA GLN C 116 9.17 -19.44 -44.62
C GLN C 116 9.08 -18.05 -45.23
N ARG C 117 8.38 -17.95 -46.36
CA ARG C 117 8.19 -16.68 -47.04
C ARG C 117 7.01 -15.95 -46.43
N GLY C 118 6.37 -16.59 -45.46
CA GLY C 118 5.13 -16.09 -44.88
C GLY C 118 5.25 -14.82 -44.06
N ILE C 119 4.10 -14.22 -43.77
CA ILE C 119 4.03 -13.03 -42.94
C ILE C 119 3.25 -13.33 -41.66
N VAL C 120 3.74 -12.82 -40.53
CA VAL C 120 3.07 -13.01 -39.26
C VAL C 120 2.80 -11.67 -38.57
N TYR C 121 1.53 -11.42 -38.26
CA TYR C 121 1.15 -10.19 -37.59
C TYR C 121 0.82 -10.44 -36.11
N ILE C 122 1.48 -9.68 -35.23
CA ILE C 122 1.24 -9.81 -33.80
C ILE C 122 0.55 -8.56 -33.27
N ASP C 123 -0.71 -8.70 -32.88
CA ASP C 123 -1.52 -7.58 -32.43
C ASP C 123 -1.34 -7.30 -30.95
N GLN C 124 -1.57 -6.05 -30.55
CA GLN C 124 -1.49 -5.64 -29.15
C GLN C 124 -0.14 -5.97 -28.50
N ILE C 125 0.93 -5.55 -29.16
CA ILE C 125 2.27 -5.68 -28.60
C ILE C 125 2.48 -4.72 -27.44
N ASP C 126 1.88 -3.54 -27.54
CA ASP C 126 1.99 -2.52 -26.50
C ASP C 126 1.39 -2.99 -25.19
N LYS C 127 0.65 -4.10 -25.23
CA LYS C 127 -0.01 -4.62 -24.05
C LYS C 127 0.92 -5.46 -23.18
N ILE C 128 1.90 -6.10 -23.81
CA ILE C 128 2.83 -6.97 -23.08
C ILE C 128 4.04 -6.21 -22.53
N SER C 129 3.99 -4.89 -22.59
CA SER C 129 5.07 -4.05 -22.09
C SER C 129 5.06 -3.96 -20.58
N ALA C 149 9.99 -14.74 -25.03
CA ALA C 149 9.66 -15.97 -25.72
C ALA C 149 9.45 -15.72 -27.21
N LEU C 150 8.56 -14.79 -27.53
CA LEU C 150 8.30 -14.43 -28.93
C LEU C 150 9.58 -13.98 -29.62
N LEU C 151 10.52 -13.47 -28.84
CA LEU C 151 11.79 -12.98 -29.37
C LEU C 151 12.60 -14.10 -30.02
N LYS C 152 12.43 -15.32 -29.51
CA LYS C 152 13.16 -16.47 -30.03
C LYS C 152 12.78 -16.78 -31.47
N LEU C 153 11.51 -16.50 -31.80
CA LEU C 153 11.04 -16.71 -33.17
C LEU C 153 11.58 -15.65 -34.12
N ILE C 154 11.39 -14.38 -33.76
CA ILE C 154 11.88 -13.27 -34.56
C ILE C 154 13.30 -13.54 -35.05
N GLU C 155 14.12 -14.07 -34.17
CA GLU C 155 15.49 -14.47 -34.52
C GLU C 155 15.48 -15.65 -35.48
N GLY C 156 14.90 -16.76 -35.03
CA GLY C 156 14.79 -17.95 -35.85
C GLY C 156 15.51 -19.14 -35.26
N THR C 157 14.83 -20.29 -35.23
CA THR C 157 15.43 -21.51 -34.70
C THR C 157 15.12 -22.72 -35.59
N LEU C 175 7.46 -29.26 -36.16
CA LEU C 175 7.90 -28.70 -37.44
C LEU C 175 9.41 -28.59 -37.51
N GLN C 176 9.93 -28.26 -38.69
CA GLN C 176 11.37 -28.13 -38.90
C GLN C 176 11.71 -26.77 -39.49
N VAL C 177 10.68 -26.04 -39.90
CA VAL C 177 10.87 -24.73 -40.53
C VAL C 177 11.59 -23.76 -39.60
N ASP C 178 12.34 -22.83 -40.18
CA ASP C 178 13.02 -21.80 -39.41
C ASP C 178 12.23 -20.50 -39.45
N THR C 179 12.24 -19.77 -38.33
CA THR C 179 11.45 -18.54 -38.22
C THR C 179 12.27 -17.30 -38.59
N SER C 180 13.48 -17.52 -39.09
CA SER C 180 14.34 -16.42 -39.50
C SER C 180 13.82 -15.79 -40.78
N LYS C 181 13.27 -16.61 -41.66
CA LYS C 181 12.86 -16.17 -42.99
C LYS C 181 11.56 -15.36 -42.98
N ILE C 182 10.58 -15.80 -42.19
CA ILE C 182 9.27 -15.15 -42.18
C ILE C 182 9.33 -13.72 -41.68
N LEU C 183 8.48 -12.87 -42.24
CA LEU C 183 8.40 -11.47 -41.85
C LEU C 183 7.48 -11.29 -40.65
N PHE C 184 7.94 -10.53 -39.67
CA PHE C 184 7.12 -10.25 -38.49
C PHE C 184 6.64 -8.80 -38.46
N ILE C 185 5.34 -8.62 -38.38
CA ILE C 185 4.74 -7.30 -38.26
C ILE C 185 4.00 -7.20 -36.93
N CYS C 186 4.51 -6.37 -36.03
CA CYS C 186 3.92 -6.23 -34.70
C CYS C 186 3.19 -4.91 -34.53
N GLY C 187 1.86 -4.98 -34.49
CA GLY C 187 1.04 -3.80 -34.33
C GLY C 187 0.80 -3.45 -32.88
N GLY C 188 0.05 -2.38 -32.63
CA GLY C 188 -0.25 -1.93 -31.29
C GLY C 188 -0.62 -0.46 -31.26
N ALA C 189 -1.39 -0.07 -30.26
CA ALA C 189 -1.84 1.32 -30.14
C ALA C 189 -0.80 2.18 -29.43
N PHE C 190 -0.15 1.61 -28.41
CA PHE C 190 0.83 2.34 -27.62
C PHE C 190 0.27 3.65 -27.11
N ALA C 191 -0.61 3.56 -26.10
CA ALA C 191 -1.27 4.74 -25.55
C ALA C 191 -0.28 5.68 -24.88
N GLY C 192 0.40 5.18 -23.85
CA GLY C 192 1.34 5.97 -23.09
C GLY C 192 2.54 6.43 -23.89
N LEU C 193 2.71 5.86 -25.08
CA LEU C 193 3.83 6.20 -25.95
C LEU C 193 3.75 7.66 -26.43
N ASP C 194 2.53 8.16 -26.57
CA ASP C 194 2.32 9.54 -26.99
C ASP C 194 2.85 10.50 -25.93
N LYS C 195 2.98 10.01 -24.70
CA LYS C 195 3.40 10.84 -23.57
C LYS C 195 4.92 10.84 -23.40
N VAL C 196 5.50 9.65 -23.38
CA VAL C 196 6.95 9.50 -23.21
C VAL C 196 7.71 10.25 -24.30
N ILE C 197 7.21 10.19 -25.53
CA ILE C 197 7.83 10.90 -26.64
C ILE C 197 7.77 12.41 -26.39
N SER C 198 6.67 12.86 -25.80
CA SER C 198 6.48 14.27 -25.50
C SER C 198 7.46 14.76 -24.43
N HIS C 199 7.73 13.91 -23.44
CA HIS C 199 8.63 14.26 -22.35
C HIS C 199 10.09 14.17 -22.78
N ARG C 200 10.32 13.86 -24.04
CA ARG C 200 11.67 13.76 -24.58
C ARG C 200 11.95 14.85 -25.61
N VAL C 201 11.10 14.91 -26.63
CA VAL C 201 11.30 15.85 -27.72
C VAL C 201 11.33 17.30 -27.25
N GLU C 202 10.56 17.59 -26.20
CA GLU C 202 10.51 18.93 -25.63
C GLU C 202 11.89 19.40 -25.19
N SER C 221 0.33 17.77 -33.19
CA SER C 221 -0.62 16.68 -33.19
C SER C 221 0.06 15.35 -32.85
N GLU C 222 -0.73 14.38 -32.41
CA GLU C 222 -0.20 13.06 -32.04
C GLU C 222 0.65 12.46 -33.15
N GLY C 223 0.28 12.74 -34.39
CA GLY C 223 1.02 12.25 -35.53
C GLY C 223 2.43 12.82 -35.63
N GLU C 224 2.54 14.13 -35.43
CA GLU C 224 3.84 14.80 -35.46
C GLU C 224 4.74 14.28 -34.34
N LEU C 225 4.11 13.80 -33.27
CA LEU C 225 4.84 13.26 -32.13
C LEU C 225 5.29 11.82 -32.40
N LEU C 226 4.42 11.04 -33.03
CA LEU C 226 4.73 9.64 -33.33
C LEU C 226 5.78 9.54 -34.43
N ALA C 227 6.05 10.65 -35.10
CA ALA C 227 7.08 10.69 -36.14
C ALA C 227 8.46 10.84 -35.53
N GLN C 228 8.50 11.41 -34.32
CA GLN C 228 9.76 11.58 -33.59
C GLN C 228 10.06 10.34 -32.75
N VAL C 229 9.27 9.29 -32.96
CA VAL C 229 9.44 8.05 -32.19
C VAL C 229 10.87 7.54 -32.26
N GLU C 230 11.36 7.01 -31.15
CA GLU C 230 12.71 6.46 -31.07
C GLU C 230 12.71 5.20 -30.24
N PRO C 231 13.61 4.25 -30.57
CA PRO C 231 13.72 2.97 -29.87
C PRO C 231 13.78 3.14 -28.35
N GLU C 232 14.35 4.24 -27.87
CA GLU C 232 14.45 4.48 -26.43
C GLU C 232 13.08 4.79 -25.83
N ASP C 233 12.20 5.39 -26.63
CA ASP C 233 10.85 5.71 -26.18
C ASP C 233 10.06 4.43 -25.96
N LEU C 234 10.32 3.41 -26.78
CA LEU C 234 9.68 2.12 -26.61
C LEU C 234 10.25 1.41 -25.38
N ILE C 235 11.53 1.68 -25.11
CA ILE C 235 12.19 1.13 -23.91
C ILE C 235 11.48 1.60 -22.65
N LYS C 236 11.39 2.92 -22.49
CA LYS C 236 10.72 3.50 -21.33
C LYS C 236 9.24 3.10 -21.29
N PHE C 237 8.69 2.81 -22.46
CA PHE C 237 7.29 2.38 -22.56
C PHE C 237 7.09 1.05 -21.85
N GLY C 238 7.99 0.11 -22.09
CA GLY C 238 7.91 -1.20 -21.47
C GLY C 238 8.51 -2.30 -22.32
N LEU C 239 9.14 -1.91 -23.43
CA LEU C 239 9.78 -2.89 -24.32
C LEU C 239 11.26 -3.05 -23.99
N ILE C 240 11.72 -4.30 -24.00
CA ILE C 240 13.12 -4.60 -23.74
C ILE C 240 13.97 -4.31 -24.97
N PRO C 241 15.24 -3.94 -24.76
CA PRO C 241 16.17 -3.56 -25.83
C PRO C 241 16.35 -4.65 -26.89
N GLU C 242 16.49 -5.90 -26.46
CA GLU C 242 16.75 -7.01 -27.38
C GLU C 242 15.56 -7.28 -28.29
N PHE C 243 14.38 -6.84 -27.87
CA PHE C 243 13.17 -7.04 -28.65
C PHE C 243 12.97 -5.91 -29.67
N ILE C 244 13.33 -4.70 -29.27
CA ILE C 244 13.19 -3.53 -30.14
C ILE C 244 14.27 -3.54 -31.23
N GLY C 245 15.42 -4.13 -30.92
CA GLY C 245 16.51 -4.23 -31.86
C GLY C 245 16.18 -5.17 -33.00
N ARG C 246 15.16 -5.99 -32.81
CA ARG C 246 14.72 -6.94 -33.82
C ARG C 246 13.75 -6.30 -34.80
N LEU C 247 13.12 -5.20 -34.37
CA LEU C 247 12.19 -4.45 -35.19
C LEU C 247 12.79 -3.12 -35.61
N PRO C 248 13.62 -3.13 -36.67
CA PRO C 248 14.28 -1.91 -37.17
C PRO C 248 13.27 -0.97 -37.81
N VAL C 249 12.29 -1.54 -38.52
CA VAL C 249 11.28 -0.77 -39.23
C VAL C 249 10.12 -0.40 -38.33
N VAL C 250 9.86 0.91 -38.19
CA VAL C 250 8.78 1.39 -37.34
C VAL C 250 7.84 2.31 -38.11
N ALA C 251 6.60 1.87 -38.31
CA ALA C 251 5.62 2.63 -39.08
C ALA C 251 4.47 3.10 -38.20
N THR C 252 4.09 4.37 -38.36
CA THR C 252 3.02 4.96 -37.56
C THR C 252 1.91 5.46 -38.47
N LEU C 253 0.68 5.00 -38.22
CA LEU C 253 -0.47 5.36 -39.04
C LEU C 253 -1.61 5.95 -38.23
N ASN C 254 -2.30 6.92 -38.83
CA ASN C 254 -3.53 7.47 -38.27
C ASN C 254 -4.64 7.40 -39.32
N GLU C 255 -5.87 7.20 -38.86
CA GLU C 255 -7.01 7.05 -39.76
C GLU C 255 -6.96 5.74 -40.53
N LEU C 256 -8.07 5.42 -41.19
CA LEU C 256 -8.13 4.22 -42.03
C LEU C 256 -9.06 4.43 -43.23
N SER C 257 -8.78 3.73 -44.32
CA SER C 257 -9.60 3.86 -45.53
C SER C 257 -11.02 3.39 -45.27
N GLU C 258 -11.96 3.90 -46.06
CA GLU C 258 -13.36 3.53 -45.93
C GLU C 258 -13.57 2.03 -46.10
N GLU C 259 -12.88 1.45 -47.08
CA GLU C 259 -13.05 0.03 -47.40
C GLU C 259 -12.64 -0.84 -46.21
N ALA C 260 -11.44 -0.60 -45.71
CA ALA C 260 -10.89 -1.35 -44.59
C ALA C 260 -11.83 -1.29 -43.39
N LEU C 261 -12.57 -0.19 -43.26
CA LEU C 261 -13.56 -0.04 -42.21
C LEU C 261 -14.71 -1.02 -42.44
N ILE C 262 -15.23 -1.02 -43.66
CA ILE C 262 -16.33 -1.90 -44.02
C ILE C 262 -15.99 -3.35 -43.70
N GLN C 263 -14.73 -3.72 -43.92
CA GLN C 263 -14.29 -5.09 -43.69
C GLN C 263 -14.17 -5.40 -42.20
N ILE C 264 -13.81 -4.40 -41.41
CA ILE C 264 -13.76 -4.54 -39.96
C ILE C 264 -15.14 -4.88 -39.40
N LEU C 265 -16.17 -4.28 -39.99
CA LEU C 265 -17.55 -4.53 -39.56
C LEU C 265 -18.01 -5.92 -39.99
N LYS C 266 -17.30 -6.52 -40.94
CA LYS C 266 -17.70 -7.81 -41.50
C LYS C 266 -16.71 -8.93 -41.18
N GLU C 267 -15.57 -8.90 -41.86
CA GLU C 267 -14.59 -9.99 -41.84
C GLU C 267 -14.25 -10.59 -40.46
N PRO C 268 -13.89 -9.74 -39.48
CA PRO C 268 -13.43 -10.24 -38.18
C PRO C 268 -14.36 -11.28 -37.58
N LYS C 269 -13.78 -12.26 -36.88
CA LYS C 269 -14.57 -13.29 -36.21
C LYS C 269 -15.35 -12.68 -35.05
N ASN C 270 -15.00 -11.45 -34.69
CA ASN C 270 -15.71 -10.73 -33.63
C ASN C 270 -16.25 -9.41 -34.15
N ALA C 271 -16.51 -9.35 -35.45
CA ALA C 271 -17.03 -8.13 -36.06
C ALA C 271 -18.31 -7.68 -35.35
N LEU C 272 -18.61 -6.38 -35.47
CA LEU C 272 -19.79 -5.83 -34.84
C LEU C 272 -21.06 -6.52 -35.35
N THR C 273 -21.19 -6.65 -36.66
CA THR C 273 -22.37 -7.25 -37.25
C THR C 273 -22.56 -8.69 -36.80
N LYS C 274 -21.46 -9.42 -36.63
CA LYS C 274 -21.53 -10.80 -36.17
C LYS C 274 -22.03 -10.87 -34.74
N GLN C 275 -21.54 -9.95 -33.90
CA GLN C 275 -21.93 -9.89 -32.50
C GLN C 275 -23.43 -9.63 -32.37
N TYR C 276 -23.90 -8.56 -33.01
CA TYR C 276 -25.30 -8.19 -32.96
C TYR C 276 -26.17 -9.21 -33.67
N GLN C 277 -25.68 -9.78 -34.76
CA GLN C 277 -26.41 -10.84 -35.44
C GLN C 277 -26.58 -12.05 -34.52
N ALA C 278 -25.67 -12.19 -33.56
CA ALA C 278 -25.75 -13.28 -32.58
C ALA C 278 -26.63 -12.85 -31.41
N LEU C 279 -26.54 -11.58 -31.06
CA LEU C 279 -27.36 -11.00 -30.01
C LEU C 279 -28.83 -11.11 -30.38
N PHE C 280 -29.14 -10.69 -31.60
CA PHE C 280 -30.49 -10.82 -32.15
C PHE C 280 -30.84 -12.28 -32.39
N ASN C 281 -29.82 -13.08 -32.69
CA ASN C 281 -30.03 -14.50 -33.00
C ASN C 281 -30.64 -15.24 -31.82
N LEU C 282 -30.21 -14.90 -30.61
CA LEU C 282 -30.75 -15.55 -29.41
C LEU C 282 -32.13 -15.01 -29.04
N GLU C 283 -32.62 -14.08 -29.86
CA GLU C 283 -33.98 -13.58 -29.72
C GLU C 283 -34.91 -14.31 -30.67
N GLY C 284 -34.31 -15.08 -31.58
CA GLY C 284 -35.06 -15.77 -32.61
C GLY C 284 -35.16 -14.92 -33.85
N VAL C 285 -34.44 -13.81 -33.85
CA VAL C 285 -34.49 -12.85 -34.95
C VAL C 285 -33.19 -12.90 -35.75
N ASP C 286 -33.30 -12.71 -37.06
CA ASP C 286 -32.12 -12.65 -37.92
C ASP C 286 -31.83 -11.21 -38.36
N LEU C 287 -30.70 -10.68 -37.93
CA LEU C 287 -30.32 -9.32 -38.27
C LEU C 287 -29.56 -9.31 -39.59
N GLU C 288 -30.00 -8.46 -40.51
CA GLU C 288 -29.35 -8.35 -41.82
C GLU C 288 -28.80 -6.94 -42.05
N PHE C 289 -27.50 -6.86 -42.25
CA PHE C 289 -26.85 -5.59 -42.56
C PHE C 289 -26.67 -5.44 -44.06
N ARG C 290 -27.35 -4.46 -44.64
CA ARG C 290 -27.18 -4.18 -46.06
C ARG C 290 -25.88 -3.42 -46.28
N ASP C 291 -25.18 -3.77 -47.36
CA ASP C 291 -23.89 -3.16 -47.66
C ASP C 291 -23.96 -1.63 -47.62
N GLU C 292 -25.10 -1.08 -48.03
CA GLU C 292 -25.29 0.36 -48.01
C GLU C 292 -25.18 0.88 -46.58
N ALA C 293 -25.77 0.14 -45.66
CA ALA C 293 -25.71 0.50 -44.25
C ALA C 293 -24.29 0.45 -43.73
N LEU C 294 -23.59 -0.64 -44.05
CA LEU C 294 -22.18 -0.80 -43.67
C LEU C 294 -21.34 0.33 -44.25
N ASP C 295 -21.67 0.74 -45.47
CA ASP C 295 -20.99 1.86 -46.11
C ASP C 295 -21.30 3.13 -45.35
N ALA C 296 -22.57 3.29 -44.96
CA ALA C 296 -23.02 4.48 -44.26
C ALA C 296 -22.38 4.61 -42.88
N ILE C 297 -22.17 3.46 -42.22
CA ILE C 297 -21.50 3.45 -40.93
C ILE C 297 -20.05 3.90 -41.09
N ALA C 298 -19.44 3.48 -42.20
CA ALA C 298 -18.05 3.82 -42.48
C ALA C 298 -17.85 5.33 -42.61
N LYS C 299 -18.66 5.96 -43.46
CA LYS C 299 -18.58 7.40 -43.65
C LYS C 299 -18.84 8.14 -42.34
N LYS C 300 -19.91 7.75 -41.65
CA LYS C 300 -20.24 8.35 -40.37
C LYS C 300 -19.05 8.29 -39.41
N ALA C 301 -18.24 7.24 -39.55
CA ALA C 301 -17.07 7.07 -38.70
C ALA C 301 -15.93 8.00 -39.11
N MET C 302 -15.79 8.22 -40.41
CA MET C 302 -14.74 9.08 -40.93
C MET C 302 -15.04 10.55 -40.66
N ALA C 303 -16.30 10.94 -40.82
CA ALA C 303 -16.71 12.32 -40.59
C ALA C 303 -16.44 12.77 -39.16
N ARG C 304 -16.37 11.81 -38.25
CA ARG C 304 -16.14 12.09 -36.84
C ARG C 304 -14.69 11.82 -36.45
N LYS C 305 -13.89 11.37 -37.42
CA LYS C 305 -12.47 11.12 -37.20
C LYS C 305 -12.22 10.18 -36.03
N THR C 306 -13.25 9.45 -35.62
CA THR C 306 -13.14 8.56 -34.48
C THR C 306 -12.59 7.21 -34.89
N GLY C 307 -12.40 7.02 -36.19
CA GLY C 307 -11.85 5.79 -36.72
C GLY C 307 -12.77 4.60 -36.48
N ALA C 308 -12.17 3.46 -36.19
CA ALA C 308 -12.91 2.22 -35.96
C ALA C 308 -13.36 2.15 -34.50
N ARG C 309 -12.66 2.91 -33.65
CA ARG C 309 -13.01 3.02 -32.25
C ARG C 309 -14.38 3.67 -32.09
N GLY C 310 -14.81 4.37 -33.15
CA GLY C 310 -16.08 5.06 -33.14
C GLY C 310 -17.14 4.35 -33.96
N LEU C 311 -16.95 3.05 -34.16
CA LEU C 311 -17.91 2.25 -34.90
C LEU C 311 -19.04 1.75 -34.01
N ARG C 312 -18.66 1.15 -32.89
CA ARG C 312 -19.65 0.64 -31.94
C ARG C 312 -20.59 1.75 -31.48
N SER C 313 -20.08 2.97 -31.39
CA SER C 313 -20.89 4.10 -30.93
C SER C 313 -21.91 4.55 -31.98
N ILE C 314 -21.77 4.03 -33.20
CA ILE C 314 -22.74 4.31 -34.26
C ILE C 314 -23.76 3.18 -34.35
N VAL C 315 -23.26 1.95 -34.38
CA VAL C 315 -24.12 0.77 -34.44
C VAL C 315 -25.11 0.74 -33.27
N GLU C 316 -24.59 0.90 -32.06
CA GLU C 316 -25.44 0.91 -30.88
C GLU C 316 -26.52 1.98 -30.99
N ALA C 317 -26.15 3.15 -31.47
CA ALA C 317 -27.08 4.26 -31.61
C ALA C 317 -28.11 3.96 -32.70
N ALA C 318 -27.70 3.19 -33.69
CA ALA C 318 -28.58 2.85 -34.81
C ALA C 318 -29.54 1.73 -34.45
N LEU C 319 -29.10 0.83 -33.57
CA LEU C 319 -29.90 -0.32 -33.18
C LEU C 319 -30.52 -0.17 -31.80
N LEU C 320 -30.46 1.04 -31.24
CA LEU C 320 -30.97 1.28 -29.89
C LEU C 320 -32.48 1.05 -29.78
N ASP C 321 -33.26 1.85 -30.52
CA ASP C 321 -34.71 1.72 -30.49
C ASP C 321 -35.13 0.29 -30.77
N THR C 322 -34.52 -0.31 -31.79
CA THR C 322 -34.85 -1.66 -32.21
C THR C 322 -34.63 -2.67 -31.10
N MET C 323 -33.52 -2.54 -30.39
CA MET C 323 -33.20 -3.47 -29.30
C MET C 323 -34.02 -3.18 -28.05
N TYR C 324 -34.59 -1.98 -27.98
CA TYR C 324 -35.39 -1.59 -26.83
C TYR C 324 -36.75 -2.31 -26.80
N ASP C 325 -37.42 -2.33 -27.94
CA ASP C 325 -38.72 -3.00 -28.04
C ASP C 325 -38.69 -4.26 -28.89
N LEU C 326 -37.52 -4.88 -28.98
CA LEU C 326 -37.39 -6.14 -29.71
C LEU C 326 -37.98 -7.31 -28.93
N PRO C 327 -37.60 -7.48 -27.66
CA PRO C 327 -38.09 -8.63 -26.89
C PRO C 327 -39.61 -8.61 -26.70
N SER C 328 -40.27 -7.58 -27.22
CA SER C 328 -41.71 -7.42 -27.06
C SER C 328 -42.43 -7.70 -28.37
N MET C 329 -41.67 -8.03 -29.39
CA MET C 329 -42.22 -8.28 -30.72
C MET C 329 -42.44 -9.78 -30.96
N GLU C 330 -42.98 -10.10 -32.13
CA GLU C 330 -42.95 -11.47 -32.64
C GLU C 330 -42.84 -11.45 -34.16
N ASP C 331 -41.60 -11.44 -34.65
CA ASP C 331 -41.32 -11.35 -36.08
C ASP C 331 -40.09 -12.16 -36.48
N VAL C 332 -39.89 -12.32 -37.78
CA VAL C 332 -38.85 -13.17 -38.32
C VAL C 332 -37.47 -12.52 -38.27
N GLU C 333 -37.30 -11.42 -38.99
CA GLU C 333 -35.99 -10.76 -39.05
C GLU C 333 -36.08 -9.24 -39.16
N LYS C 334 -34.94 -8.59 -38.90
CA LYS C 334 -34.83 -7.14 -38.98
C LYS C 334 -33.72 -6.76 -39.94
N VAL C 335 -34.01 -5.83 -40.84
CA VAL C 335 -33.05 -5.44 -41.88
C VAL C 335 -32.64 -3.98 -41.77
N VAL C 336 -31.34 -3.75 -41.60
CA VAL C 336 -30.80 -2.41 -41.41
C VAL C 336 -30.34 -1.80 -42.73
N ILE C 337 -31.13 -0.89 -43.26
CA ILE C 337 -30.79 -0.20 -44.51
C ILE C 337 -29.93 1.02 -44.23
N ASP C 338 -29.47 1.67 -45.29
CA ASP C 338 -28.63 2.85 -45.15
C ASP C 338 -29.41 4.00 -44.54
N GLU C 339 -30.70 4.06 -44.85
CA GLU C 339 -31.56 5.12 -44.33
C GLU C 339 -31.64 5.07 -42.80
N SER C 340 -31.45 3.88 -42.25
CA SER C 340 -31.48 3.71 -40.81
C SER C 340 -30.26 4.35 -40.16
N VAL C 341 -29.13 4.31 -40.86
CA VAL C 341 -27.86 4.80 -40.32
C VAL C 341 -27.65 6.29 -40.57
N ILE C 342 -27.49 6.67 -41.84
CA ILE C 342 -27.24 8.07 -42.18
C ILE C 342 -28.35 8.98 -41.67
N ASP C 343 -29.56 8.83 -42.22
CA ASP C 343 -30.69 9.64 -41.80
C ASP C 343 -31.00 9.41 -40.33
N GLY C 344 -30.97 8.15 -39.90
CA GLY C 344 -31.28 7.80 -38.53
C GLY C 344 -32.76 8.03 -38.21
N GLN C 345 -33.46 8.67 -39.14
CA GLN C 345 -34.87 8.98 -38.94
C GLN C 345 -35.75 7.77 -39.24
N SER C 346 -35.46 7.10 -40.36
CA SER C 346 -36.24 5.93 -40.77
C SER C 346 -35.93 4.72 -39.89
N GLU C 347 -36.97 3.98 -39.54
CA GLU C 347 -36.81 2.78 -38.72
C GLU C 347 -36.39 1.60 -39.57
N PRO C 348 -35.64 0.66 -38.98
CA PRO C 348 -35.18 -0.54 -39.69
C PRO C 348 -36.34 -1.33 -40.29
N LEU C 349 -36.13 -1.97 -41.42
CA LEU C 349 -37.15 -2.80 -42.04
C LEU C 349 -37.46 -4.00 -41.14
N LEU C 350 -38.74 -4.26 -40.92
CA LEU C 350 -39.16 -5.39 -40.09
C LEU C 350 -39.97 -6.41 -40.90
N ILE C 351 -39.54 -7.66 -40.86
CA ILE C 351 -40.21 -8.74 -41.58
C ILE C 351 -40.80 -9.77 -40.62
N TYR C 352 -42.07 -10.11 -40.81
CA TYR C 352 -42.77 -11.02 -39.90
C TYR C 352 -43.04 -12.36 -40.56
N ALA D 2 -36.90 -15.46 -15.26
CA ALA D 2 -37.39 -14.74 -16.43
C ALA D 2 -36.95 -13.28 -16.41
N LEU D 3 -36.24 -12.87 -17.44
CA LEU D 3 -35.73 -11.50 -17.52
C LEU D 3 -36.79 -10.50 -17.98
N PRO D 4 -36.84 -9.34 -17.32
CA PRO D 4 -37.77 -8.25 -17.65
C PRO D 4 -37.38 -7.56 -18.95
N THR D 5 -38.30 -7.46 -19.89
CA THR D 5 -38.05 -6.78 -21.14
C THR D 5 -37.65 -5.32 -20.87
N PRO D 6 -36.92 -4.71 -21.81
CA PRO D 6 -36.49 -3.32 -21.67
C PRO D 6 -37.66 -2.38 -21.39
N HIS D 7 -38.86 -2.80 -21.78
CA HIS D 7 -40.07 -2.03 -21.50
C HIS D 7 -40.39 -2.08 -20.01
N GLU D 8 -40.41 -3.29 -19.46
CA GLU D 8 -40.72 -3.49 -18.06
C GLU D 8 -39.70 -2.78 -17.17
N ILE D 9 -38.45 -2.78 -17.62
CA ILE D 9 -37.37 -2.15 -16.85
C ILE D 9 -37.51 -0.63 -16.84
N ARG D 10 -37.71 -0.05 -18.02
CA ARG D 10 -37.86 1.40 -18.14
C ARG D 10 -39.13 1.87 -17.45
N ASN D 11 -40.11 0.98 -17.36
CA ASN D 11 -41.38 1.30 -16.73
C ASN D 11 -41.24 1.40 -15.21
N HIS D 12 -40.56 0.44 -14.62
CA HIS D 12 -40.31 0.46 -13.18
C HIS D 12 -39.36 1.59 -12.81
N LEU D 13 -38.54 2.01 -13.78
CA LEU D 13 -37.61 3.12 -13.58
C LEU D 13 -38.34 4.45 -13.55
N ASP D 14 -39.55 4.46 -14.11
CA ASP D 14 -40.39 5.66 -14.10
C ASP D 14 -41.05 5.84 -12.73
N ASP D 15 -41.02 4.79 -11.91
CA ASP D 15 -41.70 4.81 -10.62
C ASP D 15 -40.79 5.32 -9.50
N TYR D 16 -39.52 5.59 -9.83
CA TYR D 16 -38.57 6.09 -8.85
C TYR D 16 -37.80 7.28 -9.39
N VAL D 17 -37.57 7.28 -10.70
CA VAL D 17 -36.85 8.36 -11.36
C VAL D 17 -37.77 9.10 -12.32
N ILE D 18 -37.67 10.43 -12.33
CA ILE D 18 -38.45 11.24 -13.26
C ILE D 18 -37.58 11.78 -14.38
N GLY D 19 -38.17 11.97 -15.55
CA GLY D 19 -37.43 12.44 -16.71
C GLY D 19 -36.30 11.49 -17.04
N GLN D 20 -35.29 11.98 -17.75
CA GLN D 20 -34.15 11.15 -18.13
C GLN D 20 -34.63 9.92 -18.88
N GLU D 21 -35.77 10.05 -19.55
CA GLU D 21 -36.40 8.93 -20.25
C GLU D 21 -35.43 8.24 -21.20
N GLN D 22 -34.63 9.03 -21.92
CA GLN D 22 -33.64 8.50 -22.83
C GLN D 22 -32.56 7.69 -22.10
N ALA D 23 -31.99 8.29 -21.06
CA ALA D 23 -30.99 7.61 -20.24
C ALA D 23 -31.55 6.28 -19.73
N LYS D 24 -32.85 6.25 -19.48
CA LYS D 24 -33.52 5.06 -18.97
C LYS D 24 -33.69 3.99 -20.04
N LYS D 25 -33.94 4.41 -21.28
CA LYS D 25 -34.00 3.49 -22.40
C LYS D 25 -32.63 2.85 -22.59
N VAL D 26 -31.59 3.68 -22.61
CA VAL D 26 -30.22 3.23 -22.76
C VAL D 26 -29.82 2.25 -21.66
N LEU D 27 -30.13 2.60 -20.42
CA LEU D 27 -29.83 1.74 -19.28
C LEU D 27 -30.64 0.45 -19.36
N ALA D 28 -31.92 0.56 -19.68
CA ALA D 28 -32.80 -0.59 -19.79
C ALA D 28 -32.25 -1.59 -20.80
N VAL D 29 -31.90 -1.10 -21.99
CA VAL D 29 -31.40 -1.95 -23.05
C VAL D 29 -30.09 -2.60 -22.66
N ALA D 30 -29.13 -1.78 -22.25
CA ALA D 30 -27.79 -2.26 -21.88
C ALA D 30 -27.87 -3.28 -20.74
N VAL D 31 -28.73 -3.02 -19.77
CA VAL D 31 -28.90 -3.93 -18.65
C VAL D 31 -29.52 -5.25 -19.10
N TYR D 32 -30.56 -5.15 -19.93
CA TYR D 32 -31.21 -6.34 -20.47
C TYR D 32 -30.22 -7.19 -21.24
N ASN D 33 -29.39 -6.54 -22.05
CA ASN D 33 -28.38 -7.24 -22.84
C ASN D 33 -27.27 -7.85 -21.97
N HIS D 34 -27.02 -7.24 -20.83
CA HIS D 34 -25.99 -7.70 -19.92
C HIS D 34 -26.37 -9.03 -19.27
N TYR D 35 -27.58 -9.08 -18.72
CA TYR D 35 -28.05 -10.29 -18.04
C TYR D 35 -28.54 -11.35 -19.02
N LYS D 36 -28.98 -10.92 -20.20
CA LYS D 36 -29.39 -11.84 -21.25
C LYS D 36 -28.13 -12.51 -21.77
N ARG D 37 -27.01 -11.84 -21.56
CA ARG D 37 -25.73 -12.34 -22.04
C ARG D 37 -25.11 -13.33 -21.07
N LEU D 38 -25.41 -13.13 -19.80
CA LEU D 38 -24.86 -13.95 -18.74
C LEU D 38 -25.58 -15.27 -18.70
N ARG D 39 -26.90 -15.24 -18.85
CA ARG D 39 -27.66 -16.48 -18.75
C ARG D 39 -27.35 -17.41 -19.90
N ASN D 40 -27.22 -16.86 -21.10
CA ASN D 40 -26.89 -17.64 -22.28
C ASN D 40 -25.42 -18.10 -22.26
N GLY D 41 -24.54 -17.23 -21.78
CA GLY D 41 -23.12 -17.54 -21.75
C GLY D 41 -22.31 -16.50 -22.50
N ASP D 42 -21.05 -16.34 -22.10
CA ASP D 42 -20.16 -15.37 -22.75
C ASP D 42 -20.15 -15.58 -24.26
N THR D 43 -19.92 -16.81 -24.69
CA THR D 43 -19.95 -17.15 -26.11
C THR D 43 -21.34 -17.64 -26.53
N SER D 44 -21.80 -17.16 -27.68
CA SER D 44 -23.13 -17.53 -28.19
C SER D 44 -23.11 -17.82 -29.69
N ASN D 45 -23.31 -19.07 -30.05
CA ASN D 45 -23.35 -19.49 -31.45
C ASN D 45 -22.02 -19.24 -32.18
N GLY D 46 -20.91 -19.58 -31.53
CA GLY D 46 -19.61 -19.45 -32.13
C GLY D 46 -19.05 -18.04 -32.12
N VAL D 47 -19.88 -17.07 -31.73
CA VAL D 47 -19.46 -15.69 -31.68
C VAL D 47 -19.38 -15.18 -30.25
N GLU D 48 -18.33 -14.42 -29.94
CA GLU D 48 -18.14 -13.88 -28.60
C GLU D 48 -18.87 -12.55 -28.43
N LEU D 49 -19.75 -12.48 -27.44
CA LEU D 49 -20.55 -11.30 -27.19
C LEU D 49 -19.79 -10.26 -26.39
N GLY D 50 -19.86 -9.00 -26.83
CA GLY D 50 -19.15 -7.93 -26.17
C GLY D 50 -19.83 -7.41 -24.92
N LYS D 51 -19.04 -7.24 -23.86
CA LYS D 51 -19.55 -6.73 -22.60
C LYS D 51 -19.92 -5.26 -22.74
N SER D 52 -21.15 -4.92 -22.35
CA SER D 52 -21.66 -3.56 -22.48
C SER D 52 -21.76 -2.85 -21.14
N ASN D 53 -20.63 -2.30 -20.70
CA ASN D 53 -20.60 -1.51 -19.48
C ASN D 53 -21.15 -0.09 -19.70
N ILE D 54 -21.63 0.53 -18.63
CA ILE D 54 -22.32 1.81 -18.72
C ILE D 54 -21.55 3.00 -18.15
N LEU D 55 -21.71 4.16 -18.78
CA LEU D 55 -21.09 5.39 -18.32
C LEU D 55 -22.12 6.50 -18.16
N LEU D 56 -22.51 6.80 -16.93
CA LEU D 56 -23.52 7.83 -16.71
C LEU D 56 -22.91 9.22 -16.71
N ILE D 57 -23.41 10.07 -17.59
CA ILE D 57 -22.92 11.44 -17.70
C ILE D 57 -24.04 12.44 -17.45
N GLY D 58 -24.11 12.96 -16.23
CA GLY D 58 -25.13 13.91 -15.87
C GLY D 58 -24.73 14.79 -14.70
N PRO D 59 -25.36 15.98 -14.60
CA PRO D 59 -25.09 16.91 -13.51
C PRO D 59 -25.35 16.27 -12.15
N THR D 60 -24.78 16.85 -11.10
CA THR D 60 -24.96 16.34 -9.74
C THR D 60 -26.43 16.40 -9.35
N GLY D 61 -26.91 15.36 -8.66
CA GLY D 61 -28.29 15.31 -8.23
C GLY D 61 -29.27 15.10 -9.37
N SER D 62 -28.78 14.52 -10.47
CA SER D 62 -29.61 14.26 -11.63
C SER D 62 -30.38 12.94 -11.49
N GLY D 63 -29.78 11.99 -10.78
CA GLY D 63 -30.41 10.71 -10.54
C GLY D 63 -29.57 9.53 -10.96
N LYS D 64 -28.27 9.76 -11.15
CA LYS D 64 -27.37 8.70 -11.59
C LYS D 64 -27.29 7.58 -10.56
N THR D 65 -26.94 7.94 -9.33
CA THR D 65 -26.84 6.95 -8.26
C THR D 65 -28.18 6.27 -8.01
N LEU D 66 -29.24 7.06 -8.02
CA LEU D 66 -30.59 6.52 -7.83
C LEU D 66 -30.91 5.49 -8.90
N LEU D 67 -30.67 5.85 -10.15
CA LEU D 67 -30.90 4.94 -11.27
C LEU D 67 -30.19 3.61 -11.05
N ALA D 68 -28.89 3.68 -10.77
CA ALA D 68 -28.10 2.47 -10.53
C ALA D 68 -28.70 1.63 -9.41
N GLU D 69 -29.04 2.29 -8.31
CA GLU D 69 -29.65 1.59 -7.18
C GLU D 69 -30.96 0.93 -7.59
N THR D 70 -31.82 1.70 -8.23
CA THR D 70 -33.13 1.21 -8.66
C THR D 70 -32.98 -0.03 -9.54
N LEU D 71 -32.11 0.05 -10.53
CA LEU D 71 -31.86 -1.07 -11.43
C LEU D 71 -31.48 -2.32 -10.67
N ALA D 72 -30.72 -2.15 -9.59
CA ALA D 72 -30.27 -3.27 -8.79
C ALA D 72 -31.43 -3.93 -8.04
N ARG D 73 -32.26 -3.11 -7.40
CA ARG D 73 -33.41 -3.61 -6.67
C ARG D 73 -34.39 -4.29 -7.61
N LEU D 74 -34.65 -3.66 -8.75
CA LEU D 74 -35.58 -4.18 -9.74
C LEU D 74 -35.20 -5.59 -10.19
N LEU D 75 -33.90 -5.88 -10.20
CA LEU D 75 -33.41 -7.16 -10.66
C LEU D 75 -32.92 -8.03 -9.51
N ASP D 76 -33.33 -7.67 -8.29
CA ASP D 76 -32.90 -8.39 -7.08
C ASP D 76 -31.46 -8.84 -7.18
N VAL D 77 -30.59 -7.90 -7.55
CA VAL D 77 -29.18 -8.18 -7.76
C VAL D 77 -28.32 -7.38 -6.79
N PRO D 78 -27.31 -8.03 -6.20
CA PRO D 78 -26.38 -7.40 -5.26
C PRO D 78 -25.77 -6.12 -5.81
N PHE D 79 -25.87 -5.04 -5.05
CA PHE D 79 -25.36 -3.74 -5.49
C PHE D 79 -24.43 -3.12 -4.46
N THR D 80 -23.42 -2.40 -4.95
CA THR D 80 -22.48 -1.72 -4.07
C THR D 80 -21.86 -0.50 -4.77
N MET D 81 -21.70 0.58 -4.02
CA MET D 81 -21.13 1.80 -4.58
C MET D 81 -19.63 1.91 -4.32
N ALA D 82 -19.03 2.97 -4.85
CA ALA D 82 -17.62 3.24 -4.67
C ALA D 82 -17.28 4.63 -5.20
N ASP D 83 -16.32 5.29 -4.57
CA ASP D 83 -15.95 6.64 -4.98
C ASP D 83 -14.56 6.67 -5.59
N ASP D 96 -7.01 -1.86 -2.54
CA ASP D 96 -8.28 -1.24 -2.19
C ASP D 96 -9.30 -1.43 -3.31
N VAL D 97 -8.79 -1.65 -4.52
CA VAL D 97 -9.66 -1.87 -5.67
C VAL D 97 -10.48 -3.14 -5.50
N GLU D 98 -9.90 -4.12 -4.81
CA GLU D 98 -10.57 -5.40 -4.56
C GLU D 98 -11.47 -5.33 -3.34
N ASN D 99 -11.40 -4.22 -2.62
CA ASN D 99 -12.25 -3.99 -1.46
C ASN D 99 -13.70 -3.87 -1.90
N ILE D 100 -13.91 -3.29 -3.09
CA ILE D 100 -15.25 -3.16 -3.64
C ILE D 100 -15.88 -4.52 -3.83
N ILE D 101 -15.07 -5.50 -4.22
CA ILE D 101 -15.54 -6.85 -4.46
C ILE D 101 -16.01 -7.53 -3.18
N GLN D 102 -15.14 -7.53 -2.17
CA GLN D 102 -15.48 -8.15 -0.89
C GLN D 102 -16.74 -7.55 -0.28
N LYS D 103 -16.95 -6.25 -0.52
CA LYS D 103 -18.16 -5.58 -0.06
C LYS D 103 -19.37 -6.12 -0.82
N LEU D 104 -19.18 -6.34 -2.11
CA LEU D 104 -20.22 -6.94 -2.95
C LEU D 104 -20.53 -8.34 -2.44
N LEU D 105 -19.53 -9.01 -1.90
CA LEU D 105 -19.70 -10.34 -1.31
C LEU D 105 -20.38 -10.26 0.05
N GLN D 106 -20.18 -9.15 0.74
CA GLN D 106 -20.77 -8.96 2.06
C GLN D 106 -22.29 -8.84 1.97
N LYS D 107 -22.76 -8.15 0.93
CA LYS D 107 -24.19 -7.96 0.72
C LYS D 107 -24.78 -9.06 -0.18
N CYS D 108 -23.98 -10.07 -0.46
CA CYS D 108 -24.41 -11.16 -1.34
C CYS D 108 -24.33 -12.51 -0.65
N ASP D 109 -24.13 -12.50 0.67
CA ASP D 109 -24.00 -13.72 1.45
C ASP D 109 -22.81 -14.56 1.00
N TYR D 110 -21.81 -13.88 0.45
CA TYR D 110 -20.57 -14.54 0.00
C TYR D 110 -20.81 -15.59 -1.07
N ASP D 111 -21.91 -15.44 -1.80
CA ASP D 111 -22.23 -16.35 -2.90
C ASP D 111 -21.52 -15.88 -4.17
N VAL D 112 -20.59 -16.70 -4.67
CA VAL D 112 -19.76 -16.33 -5.82
C VAL D 112 -20.57 -16.05 -7.08
N GLN D 113 -21.51 -16.93 -7.40
CA GLN D 113 -22.32 -16.78 -8.61
C GLN D 113 -23.17 -15.51 -8.58
N LYS D 114 -23.95 -15.35 -7.52
CA LYS D 114 -24.84 -14.19 -7.40
C LYS D 114 -24.08 -12.88 -7.30
N ALA D 115 -22.83 -12.94 -6.86
CA ALA D 115 -21.98 -11.76 -6.75
C ALA D 115 -21.35 -11.38 -8.09
N GLN D 116 -21.36 -12.34 -9.01
CA GLN D 116 -20.88 -12.07 -10.37
C GLN D 116 -22.00 -11.44 -11.19
N ARG D 117 -23.23 -11.62 -10.73
CA ARG D 117 -24.41 -11.06 -11.39
C ARG D 117 -24.65 -9.63 -10.91
N GLY D 118 -23.89 -9.22 -9.90
CA GLY D 118 -24.09 -7.93 -9.26
C GLY D 118 -23.82 -6.72 -10.13
N ILE D 119 -24.10 -5.54 -9.56
CA ILE D 119 -23.86 -4.27 -10.24
C ILE D 119 -22.96 -3.39 -9.37
N VAL D 120 -21.98 -2.76 -9.99
CA VAL D 120 -21.05 -1.88 -9.28
C VAL D 120 -21.07 -0.47 -9.84
N TYR D 121 -21.45 0.50 -9.02
CA TYR D 121 -21.50 1.90 -9.44
C TYR D 121 -20.28 2.67 -8.93
N ILE D 122 -19.54 3.27 -9.84
CA ILE D 122 -18.38 4.09 -9.47
C ILE D 122 -18.72 5.56 -9.67
N ASP D 123 -18.73 6.31 -8.57
CA ASP D 123 -19.13 7.71 -8.60
C ASP D 123 -17.94 8.66 -8.83
N GLN D 124 -18.23 9.82 -9.40
CA GLN D 124 -17.21 10.84 -9.65
C GLN D 124 -16.06 10.31 -10.50
N ILE D 125 -16.39 9.78 -11.67
CA ILE D 125 -15.37 9.28 -12.60
C ILE D 125 -14.74 10.42 -13.38
N GLU D 144 -4.48 8.74 -13.33
CA GLU D 144 -4.37 7.80 -14.45
C GLU D 144 -4.16 6.38 -13.95
N GLY D 145 -3.40 6.24 -12.86
CA GLY D 145 -3.13 4.93 -12.28
C GLY D 145 -4.39 4.23 -11.81
N VAL D 146 -5.32 4.99 -11.27
CA VAL D 146 -6.59 4.46 -10.80
C VAL D 146 -7.45 3.98 -11.96
N GLN D 147 -7.35 4.68 -13.09
CA GLN D 147 -8.10 4.31 -14.30
C GLN D 147 -7.65 2.95 -14.83
N GLN D 148 -6.33 2.71 -14.75
CA GLN D 148 -5.76 1.47 -15.24
C GLN D 148 -5.91 0.35 -14.21
N ALA D 149 -5.90 0.71 -12.94
CA ALA D 149 -6.08 -0.25 -11.86
C ALA D 149 -7.52 -0.76 -11.82
N LEU D 150 -8.47 0.17 -11.97
CA LEU D 150 -9.89 -0.18 -12.01
C LEU D 150 -10.24 -0.81 -13.35
N LEU D 151 -9.40 -0.58 -14.35
CA LEU D 151 -9.59 -1.11 -15.69
C LEU D 151 -9.40 -2.62 -15.70
N LYS D 152 -8.51 -3.10 -14.84
CA LYS D 152 -8.22 -4.52 -14.74
C LYS D 152 -9.44 -5.28 -14.23
N LEU D 153 -10.26 -4.60 -13.43
CA LEU D 153 -11.52 -5.17 -12.96
C LEU D 153 -12.56 -5.22 -14.08
N ILE D 154 -12.79 -4.08 -14.72
CA ILE D 154 -13.73 -3.99 -15.83
C ILE D 154 -13.56 -5.17 -16.78
N GLU D 155 -12.31 -5.47 -17.10
CA GLU D 155 -11.98 -6.62 -17.95
C GLU D 155 -12.30 -7.92 -17.21
N GLY D 156 -11.69 -8.10 -16.05
CA GLY D 156 -11.94 -9.27 -15.23
C GLY D 156 -10.72 -10.15 -15.01
N THR D 157 -10.49 -10.55 -13.76
CA THR D 157 -9.37 -11.42 -13.41
C THR D 157 -9.80 -12.51 -12.44
N ASP D 178 -14.57 -13.80 -10.59
CA ASP D 178 -14.10 -12.96 -11.68
C ASP D 178 -14.95 -11.70 -11.81
N THR D 179 -14.32 -10.59 -12.19
CA THR D 179 -15.00 -9.31 -12.30
C THR D 179 -15.45 -9.03 -13.73
N SER D 180 -15.37 -10.04 -14.59
CA SER D 180 -15.81 -9.91 -15.97
C SER D 180 -17.33 -9.96 -16.05
N LYS D 181 -17.94 -10.70 -15.13
CA LYS D 181 -19.38 -10.93 -15.15
C LYS D 181 -20.20 -9.74 -14.67
N ILE D 182 -19.72 -9.09 -13.61
CA ILE D 182 -20.46 -7.99 -12.99
C ILE D 182 -20.58 -6.78 -13.91
N LEU D 183 -21.66 -6.02 -13.72
CA LEU D 183 -21.91 -4.82 -14.51
C LEU D 183 -21.34 -3.58 -13.83
N PHE D 184 -20.64 -2.76 -14.61
CA PHE D 184 -20.03 -1.55 -14.09
C PHE D 184 -20.70 -0.30 -14.62
N ILE D 185 -21.23 0.52 -13.71
CA ILE D 185 -21.82 1.80 -14.09
C ILE D 185 -20.99 2.93 -13.49
N CYS D 186 -20.36 3.71 -14.35
CA CYS D 186 -19.47 4.78 -13.92
C CYS D 186 -20.13 6.15 -14.02
N GLY D 187 -20.54 6.69 -12.88
CA GLY D 187 -21.16 8.01 -12.85
C GLY D 187 -20.13 9.12 -12.97
N GLY D 188 -20.60 10.35 -13.07
CA GLY D 188 -19.73 11.51 -13.20
C GLY D 188 -20.44 12.71 -13.78
N ALA D 189 -20.07 13.89 -13.31
CA ALA D 189 -20.68 15.13 -13.78
C ALA D 189 -20.03 15.63 -15.06
N PHE D 190 -18.71 15.44 -15.15
CA PHE D 190 -17.94 15.87 -16.31
C PHE D 190 -18.25 17.33 -16.66
N ALA D 191 -17.74 18.25 -15.85
CA ALA D 191 -17.98 19.68 -16.04
C ALA D 191 -17.42 20.17 -17.37
N GLY D 192 -16.10 20.05 -17.54
CA GLY D 192 -15.43 20.52 -18.73
C GLY D 192 -15.84 19.79 -20.00
N LEU D 193 -16.55 18.68 -19.84
CA LEU D 193 -17.01 17.89 -20.98
C LEU D 193 -17.96 18.70 -21.87
N ASP D 194 -18.76 19.57 -21.25
CA ASP D 194 -19.71 20.39 -21.98
C ASP D 194 -18.98 21.35 -22.92
N LYS D 195 -17.72 21.64 -22.61
CA LYS D 195 -16.93 22.57 -23.42
C LYS D 195 -16.25 21.88 -24.60
N VAL D 196 -15.51 20.81 -24.31
CA VAL D 196 -14.78 20.09 -25.35
C VAL D 196 -15.69 19.62 -26.48
N ILE D 197 -16.90 19.19 -26.13
CA ILE D 197 -17.88 18.76 -27.12
C ILE D 197 -18.31 19.94 -28.01
N SER D 198 -18.43 21.11 -27.40
CA SER D 198 -18.80 22.31 -28.13
C SER D 198 -17.70 22.75 -29.10
N HIS D 199 -16.45 22.47 -28.74
CA HIS D 199 -15.32 22.86 -29.57
C HIS D 199 -15.09 21.87 -30.72
N ARG D 200 -15.94 20.85 -30.79
CA ARG D 200 -15.85 19.84 -31.84
C ARG D 200 -17.06 19.88 -32.75
N VAL D 201 -18.25 19.84 -32.15
CA VAL D 201 -19.50 19.82 -32.91
C VAL D 201 -19.67 21.07 -33.79
N GLU D 202 -19.18 22.20 -33.30
CA GLU D 202 -19.26 23.45 -34.04
C GLU D 202 -18.57 23.34 -35.40
N SER D 221 -29.13 23.62 -25.77
CA SER D 221 -28.85 23.48 -24.35
C SER D 221 -27.78 22.44 -24.07
N GLU D 222 -27.41 22.29 -22.81
CA GLU D 222 -26.38 21.33 -22.41
C GLU D 222 -26.75 19.91 -22.83
N GLY D 223 -28.04 19.59 -22.75
CA GLY D 223 -28.51 18.26 -23.12
C GLY D 223 -28.27 17.94 -24.58
N GLU D 224 -28.55 18.90 -25.45
CA GLU D 224 -28.35 18.73 -26.88
C GLU D 224 -26.88 18.50 -27.20
N LEU D 225 -26.01 19.10 -26.40
CA LEU D 225 -24.57 18.96 -26.57
C LEU D 225 -24.07 17.63 -26.04
N LEU D 226 -24.57 17.22 -24.88
CA LEU D 226 -24.18 15.95 -24.29
C LEU D 226 -24.66 14.78 -25.14
N ALA D 227 -25.62 15.04 -26.01
CA ALA D 227 -26.13 14.03 -26.93
C ALA D 227 -25.12 13.78 -28.05
N GLN D 228 -24.34 14.80 -28.36
CA GLN D 228 -23.31 14.70 -29.39
C GLN D 228 -22.00 14.16 -28.82
N VAL D 229 -22.07 13.62 -27.61
CA VAL D 229 -20.89 13.07 -26.94
C VAL D 229 -20.23 11.98 -27.78
N GLU D 230 -18.91 12.03 -27.86
CA GLU D 230 -18.14 11.03 -28.59
C GLU D 230 -16.98 10.54 -27.74
N PRO D 231 -16.54 9.29 -27.95
CA PRO D 231 -15.42 8.70 -27.21
C PRO D 231 -14.18 9.59 -27.23
N GLU D 232 -13.96 10.31 -28.33
CA GLU D 232 -12.82 11.20 -28.45
C GLU D 232 -12.93 12.40 -27.50
N ASP D 233 -14.16 12.84 -27.25
CA ASP D 233 -14.40 13.96 -26.33
C ASP D 233 -13.96 13.59 -24.92
N LEU D 234 -14.20 12.34 -24.54
CA LEU D 234 -13.80 11.85 -23.22
C LEU D 234 -12.29 11.69 -23.14
N ILE D 235 -11.66 11.39 -24.27
CA ILE D 235 -10.21 11.29 -24.35
C ILE D 235 -9.57 12.63 -24.01
N LYS D 236 -10.01 13.68 -24.69
CA LYS D 236 -9.51 15.02 -24.46
C LYS D 236 -9.87 15.50 -23.06
N PHE D 237 -10.96 14.96 -22.52
CA PHE D 237 -11.40 15.31 -21.18
C PHE D 237 -10.44 14.93 -20.08
N GLY D 238 -9.89 13.72 -20.18
CA GLY D 238 -8.95 13.23 -19.20
C GLY D 238 -8.95 11.72 -19.00
N LEU D 239 -9.67 11.01 -19.85
CA LEU D 239 -9.75 9.55 -19.77
C LEU D 239 -8.84 8.89 -20.78
N ILE D 240 -8.42 7.67 -20.46
CA ILE D 240 -7.54 6.91 -21.34
C ILE D 240 -8.33 6.04 -22.30
N PRO D 241 -7.79 5.82 -23.50
CA PRO D 241 -8.47 5.05 -24.55
C PRO D 241 -8.86 3.63 -24.12
N GLU D 242 -7.97 2.96 -23.40
CA GLU D 242 -8.19 1.59 -22.98
C GLU D 242 -9.27 1.47 -21.90
N PHE D 243 -9.62 2.60 -21.28
CA PHE D 243 -10.63 2.62 -20.24
C PHE D 243 -12.01 2.96 -20.81
N ILE D 244 -12.02 3.87 -21.78
CA ILE D 244 -13.28 4.29 -22.41
C ILE D 244 -13.86 3.17 -23.29
N GLY D 245 -12.98 2.41 -23.94
CA GLY D 245 -13.38 1.29 -24.76
C GLY D 245 -14.11 0.22 -23.96
N ARG D 246 -14.01 0.33 -22.64
CA ARG D 246 -14.65 -0.64 -21.75
C ARG D 246 -16.04 -0.18 -21.35
N LEU D 247 -16.38 1.06 -21.72
CA LEU D 247 -17.69 1.63 -21.42
C LEU D 247 -18.39 2.00 -22.70
N PRO D 248 -18.90 1.00 -23.43
CA PRO D 248 -19.55 1.20 -24.74
C PRO D 248 -20.82 2.00 -24.59
N VAL D 249 -21.63 1.62 -23.59
CA VAL D 249 -22.92 2.26 -23.34
C VAL D 249 -22.74 3.59 -22.64
N VAL D 250 -23.12 4.68 -23.32
CA VAL D 250 -23.03 6.01 -22.72
C VAL D 250 -24.40 6.67 -22.58
N ALA D 251 -24.91 6.68 -21.34
CA ALA D 251 -26.19 7.30 -21.04
C ALA D 251 -26.00 8.69 -20.46
N THR D 252 -26.72 9.66 -20.98
CA THR D 252 -26.57 11.04 -20.52
C THR D 252 -27.89 11.57 -19.94
N LEU D 253 -27.83 12.05 -18.71
CA LEU D 253 -29.01 12.63 -18.07
C LEU D 253 -29.04 14.14 -18.32
N ASN D 254 -30.23 14.70 -18.42
CA ASN D 254 -30.39 16.12 -18.75
C ASN D 254 -30.59 17.01 -17.54
N GLU D 255 -30.51 18.33 -17.78
CA GLU D 255 -30.70 19.31 -16.72
C GLU D 255 -32.14 19.30 -16.21
N LEU D 256 -32.28 19.17 -14.90
CA LEU D 256 -33.60 19.14 -14.27
C LEU D 256 -34.30 20.50 -14.38
N SER D 257 -35.57 20.48 -14.76
CA SER D 257 -36.36 21.69 -14.93
C SER D 257 -37.11 22.05 -13.65
N GLU D 258 -37.59 23.29 -13.59
CA GLU D 258 -38.42 23.73 -12.47
C GLU D 258 -39.67 22.88 -12.42
N GLU D 259 -40.22 22.59 -13.60
CA GLU D 259 -41.40 21.75 -13.71
C GLU D 259 -41.07 20.31 -13.34
N ALA D 260 -39.82 19.92 -13.60
CA ALA D 260 -39.35 18.58 -13.28
C ALA D 260 -39.35 18.38 -11.77
N LEU D 261 -38.78 19.34 -11.05
CA LEU D 261 -38.76 19.29 -9.60
C LEU D 261 -40.16 19.18 -9.02
N ILE D 262 -41.08 19.98 -9.55
CA ILE D 262 -42.47 19.95 -9.10
C ILE D 262 -43.06 18.55 -9.27
N GLN D 263 -42.70 17.90 -10.38
CA GLN D 263 -43.17 16.55 -10.65
C GLN D 263 -42.52 15.56 -9.69
N ILE D 264 -41.30 15.85 -9.25
CA ILE D 264 -40.60 14.99 -8.31
C ILE D 264 -41.31 14.98 -6.96
N LEU D 265 -41.91 16.10 -6.60
CA LEU D 265 -42.62 16.24 -5.34
C LEU D 265 -44.01 15.59 -5.38
N LYS D 266 -44.52 15.33 -6.58
CA LYS D 266 -45.88 14.86 -6.72
C LYS D 266 -46.00 13.50 -7.42
N GLU D 267 -45.34 13.37 -8.55
CA GLU D 267 -45.52 12.21 -9.43
C GLU D 267 -45.07 10.86 -8.85
N PRO D 268 -43.81 10.78 -8.36
CA PRO D 268 -43.28 9.50 -7.91
C PRO D 268 -44.19 8.83 -6.89
N LYS D 269 -44.07 7.51 -6.75
CA LYS D 269 -44.91 6.78 -5.81
C LYS D 269 -44.42 6.97 -4.38
N ASN D 270 -43.25 7.60 -4.24
CA ASN D 270 -42.69 7.91 -2.93
C ASN D 270 -42.36 9.38 -2.81
N ALA D 271 -42.94 10.20 -3.69
CA ALA D 271 -42.75 11.65 -3.65
C ALA D 271 -43.02 12.19 -2.25
N LEU D 272 -42.38 13.31 -1.93
CA LEU D 272 -42.51 13.90 -0.59
C LEU D 272 -43.96 14.14 -0.19
N THR D 273 -44.67 14.94 -0.98
CA THR D 273 -46.06 15.26 -0.67
C THR D 273 -46.85 14.01 -0.29
N LYS D 274 -46.64 12.93 -1.02
CA LYS D 274 -47.36 11.69 -0.76
C LYS D 274 -46.99 11.08 0.59
N GLN D 275 -45.72 11.19 0.96
CA GLN D 275 -45.26 10.68 2.25
C GLN D 275 -45.92 11.46 3.39
N TYR D 276 -45.89 12.79 3.29
CA TYR D 276 -46.47 13.64 4.32
C TYR D 276 -48.00 13.58 4.32
N GLN D 277 -48.59 13.52 3.13
CA GLN D 277 -50.04 13.38 3.04
C GLN D 277 -50.50 12.10 3.72
N ALA D 278 -49.58 11.16 3.86
CA ALA D 278 -49.87 9.89 4.53
C ALA D 278 -49.53 9.98 6.02
N LEU D 279 -48.48 10.73 6.33
CA LEU D 279 -48.10 10.97 7.72
C LEU D 279 -49.19 11.77 8.43
N PHE D 280 -49.71 12.78 7.75
CA PHE D 280 -50.83 13.56 8.27
C PHE D 280 -52.11 12.74 8.23
N ASN D 281 -52.15 11.78 7.31
CA ASN D 281 -53.35 10.97 7.10
C ASN D 281 -53.63 10.03 8.28
N LEU D 282 -52.57 9.46 8.85
CA LEU D 282 -52.70 8.60 10.02
C LEU D 282 -52.98 9.46 11.25
N GLU D 283 -53.02 10.77 11.05
CA GLU D 283 -53.38 11.70 12.10
C GLU D 283 -54.85 12.06 11.98
N GLY D 284 -55.47 11.60 10.90
CA GLY D 284 -56.86 11.92 10.62
C GLY D 284 -56.99 13.25 9.89
N VAL D 285 -55.85 13.82 9.52
CA VAL D 285 -55.81 15.09 8.82
C VAL D 285 -55.46 14.92 7.35
N ASP D 286 -56.08 15.73 6.50
CA ASP D 286 -55.76 15.75 5.09
C ASP D 286 -54.80 16.90 4.78
N LEU D 287 -53.64 16.57 4.23
CA LEU D 287 -52.67 17.59 3.86
C LEU D 287 -52.79 17.94 2.38
N GLU D 288 -52.96 19.22 2.10
CA GLU D 288 -53.13 19.68 0.73
C GLU D 288 -52.04 20.67 0.33
N PHE D 289 -51.27 20.31 -0.68
CA PHE D 289 -50.23 21.19 -1.21
C PHE D 289 -50.74 21.93 -2.44
N ARG D 290 -50.91 23.25 -2.31
CA ARG D 290 -51.26 24.08 -3.45
C ARG D 290 -50.09 24.15 -4.43
N ASP D 291 -50.40 24.15 -5.72
CA ASP D 291 -49.36 24.18 -6.76
C ASP D 291 -48.38 25.33 -6.54
N GLU D 292 -48.86 26.42 -5.96
CA GLU D 292 -48.02 27.57 -5.68
C GLU D 292 -46.92 27.17 -4.69
N ALA D 293 -47.31 26.43 -3.67
CA ALA D 293 -46.37 25.97 -2.65
C ALA D 293 -45.33 25.05 -3.25
N LEU D 294 -45.77 24.17 -4.15
CA LEU D 294 -44.86 23.24 -4.82
C LEU D 294 -43.87 23.96 -5.72
N ASP D 295 -44.34 25.01 -6.39
CA ASP D 295 -43.47 25.83 -7.23
C ASP D 295 -42.49 26.59 -6.36
N ALA D 296 -42.98 27.07 -5.22
CA ALA D 296 -42.14 27.76 -4.25
C ALA D 296 -41.03 26.85 -3.75
N ILE D 297 -41.38 25.60 -3.47
CA ILE D 297 -40.41 24.60 -3.04
C ILE D 297 -39.37 24.34 -4.12
N ALA D 298 -39.80 24.40 -5.37
CA ALA D 298 -38.89 24.20 -6.51
C ALA D 298 -37.86 25.32 -6.56
N LYS D 299 -38.33 26.56 -6.55
CA LYS D 299 -37.45 27.72 -6.60
C LYS D 299 -36.47 27.73 -5.43
N LYS D 300 -36.99 27.52 -4.23
CA LYS D 300 -36.18 27.49 -3.02
C LYS D 300 -35.04 26.48 -3.15
N ALA D 301 -35.29 25.40 -3.90
CA ALA D 301 -34.30 24.35 -4.08
C ALA D 301 -33.25 24.73 -5.12
N MET D 302 -33.66 25.52 -6.10
CA MET D 302 -32.76 25.94 -7.17
C MET D 302 -31.80 27.04 -6.71
N ALA D 303 -32.31 27.92 -5.85
CA ALA D 303 -31.49 29.01 -5.32
C ALA D 303 -30.37 28.48 -4.44
N ARG D 304 -30.58 27.30 -3.87
CA ARG D 304 -29.58 26.67 -3.01
C ARG D 304 -28.74 25.66 -3.77
N LYS D 305 -29.05 25.47 -5.04
CA LYS D 305 -28.28 24.58 -5.92
C LYS D 305 -28.21 23.16 -5.38
N THR D 306 -29.07 22.84 -4.41
CA THR D 306 -29.06 21.53 -3.77
C THR D 306 -29.79 20.49 -4.61
N GLY D 307 -30.34 20.91 -5.73
CA GLY D 307 -31.07 20.01 -6.62
C GLY D 307 -32.24 19.35 -5.95
N ALA D 308 -32.43 18.06 -6.23
CA ALA D 308 -33.53 17.30 -5.66
C ALA D 308 -33.20 16.80 -4.26
N ARG D 309 -31.91 16.78 -3.95
CA ARG D 309 -31.45 16.32 -2.64
C ARG D 309 -31.89 17.29 -1.55
N GLY D 310 -32.04 18.55 -1.90
CA GLY D 310 -32.40 19.58 -0.94
C GLY D 310 -33.87 19.88 -0.89
N LEU D 311 -34.70 18.91 -1.27
CA LEU D 311 -36.15 19.08 -1.24
C LEU D 311 -36.71 18.78 0.15
N ARG D 312 -36.38 17.60 0.66
CA ARG D 312 -36.85 17.20 2.00
C ARG D 312 -36.51 18.26 3.04
N SER D 313 -35.28 18.78 2.97
CA SER D 313 -34.82 19.78 3.92
C SER D 313 -35.69 21.05 3.89
N ILE D 314 -36.42 21.23 2.79
CA ILE D 314 -37.32 22.37 2.66
C ILE D 314 -38.70 22.03 3.19
N VAL D 315 -39.22 20.87 2.81
CA VAL D 315 -40.53 20.43 3.24
C VAL D 315 -40.60 20.25 4.76
N GLU D 316 -39.61 19.55 5.32
CA GLU D 316 -39.54 19.35 6.75
C GLU D 316 -39.56 20.69 7.48
N ALA D 317 -38.73 21.61 7.02
CA ALA D 317 -38.62 22.94 7.62
C ALA D 317 -39.93 23.70 7.51
N ALA D 318 -40.68 23.45 6.44
CA ALA D 318 -41.95 24.11 6.21
C ALA D 318 -43.03 23.53 7.11
N LEU D 319 -42.98 22.22 7.33
CA LEU D 319 -44.00 21.52 8.09
C LEU D 319 -43.58 21.24 9.53
N LEU D 320 -42.45 21.79 9.95
CA LEU D 320 -41.91 21.55 11.28
C LEU D 320 -42.89 21.95 12.38
N ASP D 321 -43.22 23.24 12.43
CA ASP D 321 -44.12 23.76 13.46
C ASP D 321 -45.46 23.05 13.44
N THR D 322 -45.98 22.83 12.23
CA THR D 322 -47.30 22.24 12.05
C THR D 322 -47.38 20.83 12.61
N MET D 323 -46.34 20.03 12.37
CA MET D 323 -46.30 18.66 12.86
C MET D 323 -46.06 18.60 14.36
N TYR D 324 -45.46 19.66 14.90
CA TYR D 324 -45.17 19.71 16.33
C TYR D 324 -46.44 19.76 17.17
N ASP D 325 -47.31 20.72 16.88
CA ASP D 325 -48.56 20.86 17.63
C ASP D 325 -49.78 20.38 16.85
N LEU D 326 -49.56 19.37 16.00
CA LEU D 326 -50.66 18.79 15.24
C LEU D 326 -51.46 17.77 16.06
N PRO D 327 -50.77 16.81 16.67
CA PRO D 327 -51.48 15.81 17.49
C PRO D 327 -52.10 16.44 18.74
N SER D 328 -51.95 17.75 18.88
CA SER D 328 -52.50 18.46 20.02
C SER D 328 -53.67 19.34 19.61
N MET D 329 -54.21 19.09 18.43
CA MET D 329 -55.36 19.83 17.92
C MET D 329 -56.44 18.87 17.45
N GLU D 330 -57.53 19.42 16.91
CA GLU D 330 -58.60 18.61 16.37
C GLU D 330 -59.29 19.31 15.20
N ASP D 331 -58.75 19.10 14.00
CA ASP D 331 -59.28 19.75 12.80
C ASP D 331 -59.37 18.79 11.62
N VAL D 332 -59.95 19.26 10.52
CA VAL D 332 -60.19 18.43 9.35
C VAL D 332 -58.95 18.29 8.47
N GLU D 333 -58.44 19.41 7.96
CA GLU D 333 -57.27 19.38 7.08
C GLU D 333 -56.38 20.61 7.24
N LYS D 334 -55.12 20.47 6.83
CA LYS D 334 -54.17 21.57 6.84
C LYS D 334 -53.68 21.85 5.44
N VAL D 335 -53.75 23.11 5.01
CA VAL D 335 -53.38 23.49 3.66
C VAL D 335 -52.11 24.34 3.62
N VAL D 336 -51.13 23.88 2.85
CA VAL D 336 -49.86 24.58 2.71
C VAL D 336 -49.85 25.48 1.48
N ILE D 337 -49.84 26.79 1.71
CA ILE D 337 -49.80 27.76 0.61
C ILE D 337 -48.36 28.16 0.30
N ASP D 338 -48.18 28.90 -0.79
CA ASP D 338 -46.85 29.36 -1.18
C ASP D 338 -46.27 30.26 -0.11
N GLU D 339 -47.15 31.02 0.56
CA GLU D 339 -46.71 31.94 1.60
C GLU D 339 -46.06 31.19 2.75
N SER D 340 -46.43 29.92 2.90
CA SER D 340 -45.86 29.08 3.96
C SER D 340 -44.46 28.63 3.61
N VAL D 341 -44.16 28.55 2.32
CA VAL D 341 -42.86 28.08 1.86
C VAL D 341 -41.87 29.23 1.69
N ILE D 342 -42.12 30.10 0.72
CA ILE D 342 -41.22 31.20 0.42
C ILE D 342 -41.01 32.13 1.62
N ASP D 343 -42.08 32.77 2.07
CA ASP D 343 -42.01 33.67 3.22
C ASP D 343 -41.62 32.92 4.48
N GLY D 344 -42.25 31.77 4.69
CA GLY D 344 -41.99 30.95 5.87
C GLY D 344 -42.49 31.60 7.14
N GLN D 345 -43.03 32.81 7.00
CA GLN D 345 -43.54 33.56 8.14
C GLN D 345 -45.00 33.22 8.41
N SER D 346 -45.76 33.02 7.34
CA SER D 346 -47.18 32.71 7.47
C SER D 346 -47.39 31.23 7.73
N GLU D 347 -48.21 30.92 8.72
CA GLU D 347 -48.52 29.53 9.06
C GLU D 347 -49.48 28.94 8.05
N PRO D 348 -49.46 27.61 7.89
CA PRO D 348 -50.35 26.92 6.95
C PRO D 348 -51.81 27.07 7.35
N LEU D 349 -52.67 27.26 6.34
CA LEU D 349 -54.11 27.34 6.58
C LEU D 349 -54.60 26.13 7.36
N LEU D 350 -55.47 26.36 8.33
CA LEU D 350 -56.04 25.28 9.14
C LEU D 350 -57.55 25.26 9.05
N ILE D 351 -58.10 24.11 8.64
CA ILE D 351 -59.54 23.98 8.49
C ILE D 351 -60.12 23.00 9.50
N TYR D 352 -61.15 23.44 10.23
CA TYR D 352 -61.79 22.60 11.22
C TYR D 352 -63.11 22.05 10.70
N ALA E 2 -50.86 4.07 24.89
CA ALA E 2 -51.13 5.34 24.24
C ALA E 2 -49.84 6.14 24.02
N LEU E 3 -49.64 6.59 22.79
CA LEU E 3 -48.45 7.36 22.45
C LEU E 3 -48.57 8.81 22.88
N PRO E 4 -47.55 9.33 23.58
CA PRO E 4 -47.50 10.72 24.03
C PRO E 4 -47.30 11.68 22.86
N THR E 5 -48.09 12.74 22.81
CA THR E 5 -47.95 13.75 21.76
C THR E 5 -46.58 14.42 21.85
N PRO E 6 -46.09 14.94 20.72
CA PRO E 6 -44.80 15.65 20.67
C PRO E 6 -44.73 16.75 21.72
N HIS E 7 -45.88 17.22 22.19
CA HIS E 7 -45.93 18.20 23.26
C HIS E 7 -45.53 17.57 24.59
N GLU E 8 -46.16 16.45 24.91
CA GLU E 8 -45.87 15.72 26.14
C GLU E 8 -44.43 15.23 26.13
N ILE E 9 -43.90 14.97 24.94
CA ILE E 9 -42.52 14.50 24.80
C ILE E 9 -41.53 15.62 25.08
N ARG E 10 -41.70 16.75 24.41
CA ARG E 10 -40.83 17.90 24.63
C ARG E 10 -40.95 18.40 26.06
N ASN E 11 -42.15 18.30 26.62
CA ASN E 11 -42.40 18.74 27.99
C ASN E 11 -41.59 17.92 28.99
N HIS E 12 -41.59 16.60 28.82
CA HIS E 12 -40.84 15.71 29.69
C HIS E 12 -39.34 15.85 29.46
N LEU E 13 -38.96 16.30 28.27
CA LEU E 13 -37.56 16.52 27.94
C LEU E 13 -37.02 17.78 28.61
N ASP E 14 -37.92 18.70 28.94
CA ASP E 14 -37.55 19.91 29.65
C ASP E 14 -37.18 19.59 31.09
N ASP E 15 -37.60 18.43 31.56
CA ASP E 15 -37.37 18.03 32.95
C ASP E 15 -36.01 17.36 33.13
N TYR E 16 -35.29 17.14 32.03
CA TYR E 16 -33.98 16.50 32.09
C TYR E 16 -32.92 17.30 31.35
N VAL E 17 -33.30 17.90 30.22
CA VAL E 17 -32.36 18.67 29.40
C VAL E 17 -32.75 20.14 29.34
N ILE E 18 -31.77 21.02 29.53
CA ILE E 18 -32.00 22.46 29.53
C ILE E 18 -31.63 23.08 28.19
N GLY E 19 -32.52 23.91 27.67
CA GLY E 19 -32.31 24.53 26.37
C GLY E 19 -32.44 23.51 25.26
N GLN E 20 -31.82 23.80 24.12
CA GLN E 20 -31.87 22.92 22.96
C GLN E 20 -33.33 22.69 22.54
N GLU E 21 -34.17 23.67 22.82
CA GLU E 21 -35.61 23.56 22.56
C GLU E 21 -35.92 23.10 21.14
N GLN E 22 -35.25 23.71 20.17
CA GLN E 22 -35.46 23.36 18.77
C GLN E 22 -35.07 21.90 18.50
N ALA E 23 -33.97 21.46 19.11
CA ALA E 23 -33.52 20.08 18.97
C ALA E 23 -34.50 19.12 19.63
N LYS E 24 -35.18 19.58 20.66
CA LYS E 24 -36.14 18.76 21.39
C LYS E 24 -37.50 18.70 20.69
N LYS E 25 -37.78 19.71 19.87
CA LYS E 25 -38.99 19.70 19.04
C LYS E 25 -38.77 18.76 17.87
N VAL E 26 -37.62 18.89 17.23
CA VAL E 26 -37.27 18.05 16.09
C VAL E 26 -37.24 16.57 16.48
N LEU E 27 -36.73 16.29 17.67
CA LEU E 27 -36.67 14.93 18.19
C LEU E 27 -38.07 14.41 18.55
N ALA E 28 -38.85 15.27 19.20
CA ALA E 28 -40.20 14.90 19.60
C ALA E 28 -41.02 14.46 18.40
N VAL E 29 -40.98 15.26 17.35
CA VAL E 29 -41.72 14.95 16.12
C VAL E 29 -41.18 13.67 15.47
N ALA E 30 -39.86 13.59 15.35
CA ALA E 30 -39.22 12.44 14.73
C ALA E 30 -39.54 11.14 15.48
N VAL E 31 -39.54 11.22 16.81
CA VAL E 31 -39.82 10.06 17.64
C VAL E 31 -41.29 9.66 17.55
N TYR E 32 -42.18 10.63 17.73
CA TYR E 32 -43.61 10.37 17.64
C TYR E 32 -43.97 9.73 16.30
N ASN E 33 -43.44 10.29 15.21
CA ASN E 33 -43.70 9.76 13.87
C ASN E 33 -43.19 8.33 13.70
N HIS E 34 -42.05 8.03 14.33
CA HIS E 34 -41.44 6.72 14.20
C HIS E 34 -42.26 5.62 14.88
N TYR E 35 -42.73 5.89 16.09
CA TYR E 35 -43.54 4.93 16.84
C TYR E 35 -44.99 4.91 16.39
N LYS E 36 -45.45 6.03 15.83
CA LYS E 36 -46.79 6.10 15.28
C LYS E 36 -46.85 5.31 13.98
N ARG E 37 -45.72 5.21 13.30
CA ARG E 37 -45.62 4.48 12.05
C ARG E 37 -45.43 2.99 12.31
N LEU E 38 -44.92 2.67 13.50
CA LEU E 38 -44.68 1.27 13.87
C LEU E 38 -45.93 0.62 14.43
N ARG E 39 -46.68 1.37 15.25
CA ARG E 39 -47.88 0.83 15.88
C ARG E 39 -49.02 0.64 14.89
N ASN E 40 -48.81 1.11 13.65
CA ASN E 40 -49.78 0.93 12.59
C ASN E 40 -49.26 0.01 11.49
N GLY E 41 -48.16 -0.68 11.78
CA GLY E 41 -47.56 -1.61 10.85
C GLY E 41 -47.26 -0.99 9.50
N ASP E 42 -46.66 0.20 9.52
CA ASP E 42 -46.34 0.92 8.29
C ASP E 42 -47.60 1.20 7.47
N THR E 43 -47.70 0.57 6.30
CA THR E 43 -48.88 0.73 5.45
C THR E 43 -49.26 -0.61 4.81
N GLY E 50 -41.10 6.83 5.35
CA GLY E 50 -39.82 7.32 5.80
C GLY E 50 -39.30 6.58 7.03
N LYS E 51 -38.00 6.31 7.04
CA LYS E 51 -37.37 5.59 8.14
C LYS E 51 -37.40 6.39 9.43
N SER E 52 -37.35 7.71 9.30
CA SER E 52 -37.46 8.61 10.45
C SER E 52 -36.30 8.44 11.43
N ASN E 53 -35.11 8.18 10.90
CA ASN E 53 -33.90 8.09 11.72
C ASN E 53 -33.30 9.47 11.98
N ILE E 54 -32.53 9.58 13.06
CA ILE E 54 -32.10 10.88 13.55
C ILE E 54 -30.58 11.05 13.59
N LEU E 55 -30.12 12.26 13.23
CA LEU E 55 -28.72 12.63 13.35
C LEU E 55 -28.58 13.84 14.26
N LEU E 56 -27.93 13.67 15.41
CA LEU E 56 -27.75 14.77 16.36
C LEU E 56 -26.40 15.46 16.14
N ILE E 57 -26.44 16.76 15.90
CA ILE E 57 -25.23 17.53 15.65
C ILE E 57 -25.06 18.67 16.66
N GLY E 58 -24.21 18.44 17.67
CA GLY E 58 -23.95 19.43 18.69
C GLY E 58 -22.61 19.24 19.36
N PRO E 59 -22.11 20.29 20.02
CA PRO E 59 -20.81 20.25 20.71
C PRO E 59 -20.77 19.19 21.80
N THR E 60 -19.58 18.83 22.26
CA THR E 60 -19.44 17.84 23.32
C THR E 60 -20.02 18.38 24.62
N GLY E 61 -20.73 17.51 25.34
CA GLY E 61 -21.35 17.92 26.59
C GLY E 61 -22.55 18.83 26.36
N SER E 62 -23.17 18.71 25.19
CA SER E 62 -24.34 19.52 24.85
C SER E 62 -25.62 18.86 25.36
N GLY E 63 -25.60 17.54 25.47
CA GLY E 63 -26.74 16.79 25.98
C GLY E 63 -27.30 15.80 24.99
N LYS E 64 -26.52 15.47 23.98
CA LYS E 64 -26.96 14.54 22.94
C LYS E 64 -27.30 13.17 23.54
N THR E 65 -26.30 12.53 24.13
CA THR E 65 -26.49 11.23 24.76
C THR E 65 -27.60 11.26 25.81
N LEU E 66 -27.68 12.35 26.56
CA LEU E 66 -28.72 12.50 27.57
C LEU E 66 -30.10 12.49 26.93
N LEU E 67 -30.23 13.17 25.80
CA LEU E 67 -31.49 13.23 25.07
C LEU E 67 -31.94 11.85 24.60
N ALA E 68 -31.00 11.08 24.06
CA ALA E 68 -31.31 9.75 23.54
C ALA E 68 -31.76 8.81 24.64
N GLU E 69 -31.10 8.89 25.79
CA GLU E 69 -31.44 8.04 26.94
C GLU E 69 -32.78 8.46 27.53
N THR E 70 -33.02 9.76 27.62
CA THR E 70 -34.26 10.28 28.17
C THR E 70 -35.45 9.82 27.33
N LEU E 71 -35.35 9.99 26.02
CA LEU E 71 -36.39 9.55 25.10
C LEU E 71 -36.75 8.08 25.34
N ALA E 72 -35.73 7.26 25.59
CA ALA E 72 -35.94 5.85 25.81
C ALA E 72 -36.73 5.58 27.08
N ARG E 73 -36.35 6.27 28.16
CA ARG E 73 -37.05 6.12 29.44
C ARG E 73 -38.49 6.63 29.35
N LEU E 74 -38.65 7.81 28.75
CA LEU E 74 -39.97 8.43 28.62
C LEU E 74 -40.94 7.54 27.84
N LEU E 75 -40.40 6.64 27.03
CA LEU E 75 -41.22 5.73 26.24
C LEU E 75 -41.05 4.29 26.69
N ASP E 76 -40.47 4.11 27.88
CA ASP E 76 -40.23 2.78 28.43
C ASP E 76 -39.76 1.79 27.36
N VAL E 77 -38.83 2.25 26.53
CA VAL E 77 -38.32 1.45 25.42
C VAL E 77 -36.85 1.09 25.62
N PRO E 78 -36.51 -0.18 25.37
CA PRO E 78 -35.13 -0.69 25.50
C PRO E 78 -34.13 0.20 24.77
N PHE E 79 -33.10 0.64 25.49
CA PHE E 79 -32.10 1.53 24.92
C PHE E 79 -30.68 0.98 25.11
N THR E 80 -29.82 1.28 24.14
CA THR E 80 -28.43 0.85 24.20
C THR E 80 -27.52 1.80 23.43
N MET E 81 -26.29 1.97 23.93
CA MET E 81 -25.34 2.86 23.29
C MET E 81 -24.33 2.12 22.43
N ALA E 82 -23.42 2.88 21.83
CA ALA E 82 -22.35 2.34 20.99
C ALA E 82 -21.47 3.48 20.52
N ASP E 83 -20.17 3.21 20.42
CA ASP E 83 -19.22 4.21 19.94
C ASP E 83 -18.80 3.89 18.52
N ALA E 84 -18.89 4.89 17.64
CA ALA E 84 -18.52 4.72 16.24
C ALA E 84 -17.01 4.52 16.09
N THR E 85 -16.29 4.75 17.17
CA THR E 85 -14.84 4.59 17.17
C THR E 85 -14.44 3.12 17.38
N THR E 86 -15.20 2.43 18.21
CA THR E 86 -14.93 1.01 18.50
C THR E 86 -15.28 0.12 17.31
N LEU E 87 -15.87 0.72 16.28
CA LEU E 87 -16.27 -0.01 15.09
C LEU E 87 -15.25 0.16 13.97
N VAL E 93 -15.02 -6.25 12.16
CA VAL E 93 -15.93 -5.55 13.06
C VAL E 93 -17.36 -5.66 12.57
N GLY E 94 -17.55 -6.24 11.39
CA GLY E 94 -18.88 -6.44 10.84
C GLY E 94 -19.72 -7.34 11.72
N GLU E 95 -19.07 -8.29 12.38
CA GLU E 95 -19.74 -9.18 13.32
C GLU E 95 -19.86 -8.51 14.68
N ASP E 96 -19.18 -7.38 14.83
CA ASP E 96 -19.26 -6.59 16.06
C ASP E 96 -20.40 -5.59 15.95
N VAL E 97 -20.87 -5.37 14.71
CA VAL E 97 -21.98 -4.47 14.45
C VAL E 97 -23.27 -5.05 15.00
N GLU E 98 -23.39 -6.37 14.95
CA GLU E 98 -24.57 -7.06 15.48
C GLU E 98 -24.48 -7.23 16.99
N ASN E 99 -23.30 -6.96 17.55
CA ASN E 99 -23.10 -7.01 19.00
C ASN E 99 -23.99 -5.98 19.69
N ILE E 100 -24.17 -4.83 19.04
CA ILE E 100 -25.05 -3.79 19.56
C ILE E 100 -26.46 -4.35 19.71
N ILE E 101 -26.84 -5.21 18.77
CA ILE E 101 -28.17 -5.82 18.77
C ILE E 101 -28.39 -6.75 19.95
N GLN E 102 -27.43 -7.65 20.18
CA GLN E 102 -27.54 -8.60 21.28
C GLN E 102 -27.58 -7.88 22.63
N LYS E 103 -26.95 -6.72 22.69
CA LYS E 103 -26.96 -5.89 23.89
C LYS E 103 -28.35 -5.29 24.10
N LEU E 104 -29.01 -4.95 23.00
CA LEU E 104 -30.37 -4.42 23.07
C LEU E 104 -31.35 -5.49 23.52
N LEU E 105 -31.06 -6.73 23.15
CA LEU E 105 -31.88 -7.86 23.57
C LEU E 105 -31.63 -8.22 25.02
N GLN E 106 -30.41 -7.96 25.49
CA GLN E 106 -30.05 -8.22 26.88
C GLN E 106 -30.84 -7.35 27.83
N LYS E 107 -31.01 -6.08 27.46
CA LYS E 107 -31.77 -5.15 28.28
C LYS E 107 -33.24 -5.12 27.87
N CYS E 108 -33.64 -6.12 27.09
CA CYS E 108 -35.02 -6.21 26.61
C CYS E 108 -35.64 -7.55 26.97
N ASP E 109 -34.94 -8.33 27.79
CA ASP E 109 -35.39 -9.65 28.19
C ASP E 109 -35.49 -10.60 26.99
N TYR E 110 -34.73 -10.28 25.95
CA TYR E 110 -34.67 -11.11 24.74
C TYR E 110 -36.01 -11.17 24.03
N ASP E 111 -36.84 -10.14 24.23
CA ASP E 111 -38.12 -10.04 23.55
C ASP E 111 -37.93 -9.41 22.17
N VAL E 112 -38.18 -10.19 21.13
CA VAL E 112 -37.96 -9.75 19.75
C VAL E 112 -38.72 -8.47 19.40
N GLN E 113 -40.02 -8.44 19.71
CA GLN E 113 -40.86 -7.30 19.37
C GLN E 113 -40.44 -6.02 20.11
N LYS E 114 -40.31 -6.12 21.43
CA LYS E 114 -39.92 -4.98 22.24
C LYS E 114 -38.52 -4.48 21.90
N ALA E 115 -37.69 -5.38 21.37
CA ALA E 115 -36.34 -5.03 20.95
C ALA E 115 -36.37 -4.30 19.62
N GLN E 116 -37.42 -4.54 18.84
CA GLN E 116 -37.59 -3.88 17.55
C GLN E 116 -38.13 -2.47 17.75
N ARG E 117 -38.74 -2.23 18.91
CA ARG E 117 -39.26 -0.92 19.25
C ARG E 117 -38.16 -0.08 19.88
N GLY E 118 -36.98 -0.68 20.03
CA GLY E 118 -35.88 -0.05 20.73
C GLY E 118 -35.21 1.11 20.03
N ILE E 119 -34.41 1.86 20.79
CA ILE E 119 -33.66 2.98 20.25
C ILE E 119 -32.16 2.74 20.38
N VAL E 120 -31.42 3.06 19.33
CA VAL E 120 -29.97 2.84 19.32
C VAL E 120 -29.21 4.14 19.09
N TYR E 121 -28.40 4.54 20.06
CA TYR E 121 -27.60 5.74 19.93
C TYR E 121 -26.16 5.42 19.54
N ILE E 122 -25.69 6.03 18.46
CA ILE E 122 -24.33 5.86 18.01
C ILE E 122 -23.55 7.15 18.24
N ASP E 123 -22.50 7.08 19.06
CA ASP E 123 -21.74 8.26 19.42
C ASP E 123 -20.50 8.43 18.54
N GLN E 124 -20.13 9.69 18.32
CA GLN E 124 -18.94 10.02 17.54
C GLN E 124 -19.03 9.52 16.10
N ILE E 125 -20.14 9.81 15.45
CA ILE E 125 -20.31 9.47 14.04
C ILE E 125 -19.40 10.33 13.17
N ASP E 126 -19.15 11.56 13.60
CA ASP E 126 -18.29 12.49 12.89
C ASP E 126 -16.83 12.02 12.87
N LYS E 127 -16.54 10.98 13.66
CA LYS E 127 -15.18 10.47 13.76
C LYS E 127 -14.84 9.49 12.65
N ILE E 128 -15.84 8.80 12.13
CA ILE E 128 -15.63 7.79 11.09
C ILE E 128 -15.72 8.38 9.69
N SER E 129 -15.81 9.71 9.61
CA SER E 129 -15.90 10.39 8.32
C SER E 129 -14.57 10.38 7.58
N ARG E 130 -14.53 9.66 6.46
CA ARG E 130 -13.32 9.58 5.66
C ARG E 130 -13.10 10.86 4.87
N GLY E 143 -12.93 3.30 7.98
CA GLY E 143 -13.91 4.31 8.36
C GLY E 143 -15.16 4.26 7.50
N GLU E 144 -14.98 4.40 6.19
CA GLU E 144 -16.10 4.35 5.25
C GLU E 144 -16.70 2.95 5.19
N GLY E 145 -15.90 1.95 5.57
CA GLY E 145 -16.38 0.59 5.63
C GLY E 145 -17.35 0.40 6.78
N VAL E 146 -17.10 1.15 7.87
CA VAL E 146 -17.97 1.11 9.04
C VAL E 146 -19.30 1.79 8.73
N GLN E 147 -19.24 2.88 7.97
CA GLN E 147 -20.45 3.60 7.58
C GLN E 147 -21.37 2.70 6.77
N GLN E 148 -20.78 1.92 5.87
CA GLN E 148 -21.54 1.03 4.99
C GLN E 148 -21.99 -0.23 5.71
N ALA E 149 -21.19 -0.67 6.70
CA ALA E 149 -21.55 -1.84 7.49
C ALA E 149 -22.69 -1.51 8.45
N LEU E 150 -22.55 -0.40 9.15
CA LEU E 150 -23.61 0.09 10.03
C LEU E 150 -24.83 0.50 9.22
N LEU E 151 -24.58 0.82 7.95
CA LEU E 151 -25.65 1.19 7.03
C LEU E 151 -26.61 0.03 6.80
N LYS E 152 -26.06 -1.19 6.83
CA LYS E 152 -26.87 -2.39 6.63
C LYS E 152 -27.91 -2.53 7.72
N LEU E 153 -27.59 -2.07 8.93
CA LEU E 153 -28.52 -2.12 10.04
C LEU E 153 -29.63 -1.08 9.89
N ILE E 154 -29.23 0.17 9.64
CA ILE E 154 -30.17 1.26 9.47
C ILE E 154 -31.31 0.88 8.53
N GLU E 155 -30.96 0.20 7.44
CA GLU E 155 -31.94 -0.30 6.49
C GLU E 155 -32.74 -1.45 7.09
N GLY E 156 -32.04 -2.49 7.53
CA GLY E 156 -32.66 -3.63 8.18
C GLY E 156 -32.48 -4.92 7.42
N THR E 157 -32.07 -5.98 8.13
CA THR E 157 -31.91 -7.30 7.55
C THR E 157 -32.51 -8.38 8.44
N VAL E 177 -34.15 -10.88 14.74
CA VAL E 177 -34.81 -9.57 14.83
C VAL E 177 -34.38 -8.68 13.66
N ASP E 178 -35.30 -7.87 13.16
CA ASP E 178 -35.00 -6.96 12.06
C ASP E 178 -34.67 -5.56 12.57
N THR E 179 -33.62 -4.97 12.03
CA THR E 179 -33.17 -3.65 12.47
C THR E 179 -33.88 -2.52 11.72
N SER E 180 -34.91 -2.88 10.95
CA SER E 180 -35.70 -1.89 10.24
C SER E 180 -36.61 -1.11 11.17
N LYS E 181 -37.08 -1.80 12.22
CA LYS E 181 -38.05 -1.23 13.15
C LYS E 181 -37.43 -0.28 14.16
N ILE E 182 -36.21 -0.59 14.63
CA ILE E 182 -35.56 0.20 15.66
C ILE E 182 -35.14 1.58 15.16
N LEU E 183 -35.16 2.56 16.06
CA LEU E 183 -34.78 3.92 15.73
C LEU E 183 -33.29 4.13 15.94
N PHE E 184 -32.66 4.80 14.99
CA PHE E 184 -31.23 5.09 15.08
C PHE E 184 -30.97 6.58 15.31
N ILE E 185 -30.22 6.87 16.37
CA ILE E 185 -29.83 8.25 16.66
C ILE E 185 -28.31 8.37 16.66
N CYS E 186 -27.79 9.11 15.68
CA CYS E 186 -26.35 9.23 15.52
C CYS E 186 -25.83 10.59 15.99
N GLY E 187 -25.26 10.61 17.18
CA GLY E 187 -24.67 11.82 17.74
C GLY E 187 -23.31 12.10 17.16
N GLY E 188 -22.76 13.27 17.49
CA GLY E 188 -21.46 13.68 17.01
C GLY E 188 -21.23 15.17 17.14
N ALA E 189 -19.97 15.57 17.24
CA ALA E 189 -19.63 16.97 17.41
C ALA E 189 -19.53 17.68 16.06
N PHE E 190 -19.00 16.97 15.06
CA PHE E 190 -18.80 17.55 13.73
C PHE E 190 -18.05 18.87 13.83
N ALA E 191 -16.73 18.79 14.03
CA ALA E 191 -15.91 19.98 14.20
C ALA E 191 -15.81 20.78 12.89
N GLY E 192 -15.20 20.18 11.87
CA GLY E 192 -15.00 20.84 10.61
C GLY E 192 -16.29 21.22 9.90
N LEU E 193 -17.41 20.67 10.38
CA LEU E 193 -18.71 20.95 9.80
C LEU E 193 -19.06 22.43 9.85
N ASP E 194 -18.68 23.08 10.95
CA ASP E 194 -18.95 24.50 11.12
C ASP E 194 -18.26 25.33 10.04
N LYS E 195 -17.20 24.75 9.46
CA LYS E 195 -16.42 25.43 8.43
C LYS E 195 -17.03 25.27 7.05
N VAL E 196 -17.27 24.02 6.66
CA VAL E 196 -17.83 23.72 5.34
C VAL E 196 -19.15 24.46 5.10
N ILE E 197 -20.02 24.47 6.10
CA ILE E 197 -21.31 25.16 5.99
C ILE E 197 -21.11 26.64 5.73
N SER E 198 -20.11 27.23 6.38
CA SER E 198 -19.79 28.64 6.18
C SER E 198 -19.27 28.91 4.78
N HIS E 199 -18.61 27.91 4.20
CA HIS E 199 -18.03 28.03 2.87
C HIS E 199 -19.08 27.85 1.78
N ARG E 200 -20.33 27.67 2.18
CA ARG E 200 -21.41 27.45 1.24
C ARG E 200 -22.50 28.51 1.39
N VAL E 201 -22.93 28.73 2.64
CA VAL E 201 -23.98 29.70 2.92
C VAL E 201 -23.57 31.12 2.50
N SER E 221 -23.52 33.26 14.76
CA SER E 221 -22.89 32.33 15.68
C SER E 221 -22.91 30.90 15.14
N GLU E 222 -22.27 29.99 15.85
CA GLU E 222 -22.19 28.59 15.43
C GLU E 222 -23.59 27.98 15.27
N GLY E 223 -24.52 28.42 16.12
CA GLY E 223 -25.88 27.92 16.08
C GLY E 223 -26.62 28.32 14.82
N GLU E 224 -26.43 29.57 14.41
CA GLU E 224 -27.07 30.09 13.20
C GLU E 224 -26.55 29.39 11.96
N LEU E 225 -25.29 28.94 12.02
CA LEU E 225 -24.65 28.24 10.91
C LEU E 225 -25.07 26.77 10.87
N LEU E 226 -25.25 26.18 12.04
CA LEU E 226 -25.66 24.78 12.13
C LEU E 226 -27.12 24.59 11.73
N ALA E 227 -27.86 25.70 11.69
CA ALA E 227 -29.27 25.67 11.29
C ALA E 227 -29.41 25.57 9.78
N GLN E 228 -28.43 26.11 9.06
CA GLN E 228 -28.43 26.06 7.60
C GLN E 228 -27.75 24.79 7.10
N VAL E 229 -27.70 23.78 7.96
CA VAL E 229 -27.05 22.51 7.62
C VAL E 229 -27.77 21.82 6.46
N GLU E 230 -27.00 21.20 5.58
CA GLU E 230 -27.54 20.51 4.44
C GLU E 230 -26.84 19.16 4.22
N PRO E 231 -27.55 18.20 3.63
CA PRO E 231 -26.99 16.86 3.36
C PRO E 231 -25.70 16.92 2.57
N GLU E 232 -25.57 17.90 1.68
CA GLU E 232 -24.35 18.06 0.89
C GLU E 232 -23.18 18.49 1.77
N ASP E 233 -23.49 19.21 2.85
CA ASP E 233 -22.46 19.66 3.78
C ASP E 233 -21.84 18.47 4.50
N LEU E 234 -22.67 17.51 4.88
CA LEU E 234 -22.20 16.28 5.53
C LEU E 234 -21.42 15.42 4.53
N ILE E 235 -21.78 15.52 3.26
CA ILE E 235 -21.08 14.81 2.20
C ILE E 235 -19.61 15.26 2.15
N LYS E 236 -19.41 16.55 2.01
CA LYS E 236 -18.06 17.12 1.95
C LYS E 236 -17.31 16.88 3.26
N PHE E 237 -18.05 16.74 4.36
CA PHE E 237 -17.45 16.52 5.66
C PHE E 237 -16.72 15.17 5.74
N GLY E 238 -17.33 14.14 5.15
CA GLY E 238 -16.71 12.83 5.14
C GLY E 238 -17.71 11.69 5.18
N LEU E 239 -19.00 12.02 5.11
CA LEU E 239 -20.05 11.01 5.10
C LEU E 239 -20.46 10.66 3.67
N ILE E 240 -20.81 9.39 3.45
CA ILE E 240 -21.23 8.93 2.14
C ILE E 240 -22.72 9.18 1.92
N PRO E 241 -23.11 9.46 0.67
CA PRO E 241 -24.51 9.78 0.32
C PRO E 241 -25.50 8.75 0.86
N GLU E 242 -25.25 7.48 0.60
CA GLU E 242 -26.18 6.42 0.98
C GLU E 242 -26.37 6.33 2.50
N PHE E 243 -25.46 6.94 3.25
CA PHE E 243 -25.57 6.94 4.71
C PHE E 243 -26.38 8.12 5.22
N ILE E 244 -26.24 9.26 4.56
CA ILE E 244 -26.94 10.48 4.95
C ILE E 244 -28.43 10.40 4.60
N GLY E 245 -28.73 9.70 3.52
CA GLY E 245 -30.11 9.54 3.07
C GLY E 245 -30.91 8.67 4.03
N ARG E 246 -30.21 8.02 4.95
CA ARG E 246 -30.85 7.18 5.96
C ARG E 246 -31.11 7.97 7.22
N LEU E 247 -30.57 9.19 7.29
CA LEU E 247 -30.79 10.08 8.42
C LEU E 247 -31.50 11.36 7.96
N PRO E 248 -32.81 11.27 7.74
CA PRO E 248 -33.61 12.42 7.27
C PRO E 248 -33.69 13.51 8.32
N VAL E 249 -33.89 13.12 9.58
CA VAL E 249 -34.08 14.07 10.67
C VAL E 249 -32.75 14.53 11.28
N VAL E 250 -32.43 15.80 11.07
CA VAL E 250 -31.20 16.37 11.60
C VAL E 250 -31.49 17.41 12.68
N ALA E 251 -31.16 17.07 13.92
CA ALA E 251 -31.39 17.97 15.05
C ALA E 251 -30.07 18.53 15.58
N THR E 252 -29.98 19.86 15.63
CA THR E 252 -28.75 20.53 16.06
C THR E 252 -28.91 21.18 17.43
N LEU E 253 -27.92 20.97 18.30
CA LEU E 253 -27.91 21.59 19.62
C LEU E 253 -26.93 22.77 19.65
N ASN E 254 -27.27 23.79 20.42
CA ASN E 254 -26.40 24.96 20.57
C ASN E 254 -25.42 24.79 21.73
N GLU E 255 -24.41 25.64 21.78
CA GLU E 255 -23.44 25.60 22.88
C GLU E 255 -24.10 26.11 24.16
N LEU E 256 -23.95 25.34 25.24
CA LEU E 256 -24.55 25.71 26.52
C LEU E 256 -23.90 26.96 27.11
N SER E 257 -24.72 27.84 27.67
CA SER E 257 -24.21 29.04 28.33
C SER E 257 -23.87 28.74 29.79
N GLU E 258 -23.61 29.79 30.56
CA GLU E 258 -23.24 29.65 31.95
C GLU E 258 -24.42 29.26 32.83
N GLU E 259 -25.53 29.98 32.70
CA GLU E 259 -26.71 29.75 33.54
C GLU E 259 -27.18 28.30 33.46
N ALA E 260 -27.15 27.73 32.26
CA ALA E 260 -27.53 26.34 32.08
C ALA E 260 -26.61 25.43 32.87
N LEU E 261 -25.31 25.70 32.78
CA LEU E 261 -24.32 24.91 33.50
C LEU E 261 -24.53 24.98 35.01
N ILE E 262 -24.80 26.17 35.52
CA ILE E 262 -25.07 26.35 36.94
C ILE E 262 -26.28 25.53 37.37
N GLN E 263 -27.31 25.54 36.54
CA GLN E 263 -28.51 24.76 36.81
C GLN E 263 -28.20 23.26 36.80
N ILE E 264 -27.23 22.87 35.98
CA ILE E 264 -26.82 21.47 35.91
C ILE E 264 -26.10 21.06 37.19
N LEU E 265 -25.47 22.03 37.83
CA LEU E 265 -24.72 21.78 39.06
C LEU E 265 -25.64 21.78 40.29
N LYS E 266 -26.84 22.30 40.13
CA LYS E 266 -27.77 22.45 41.24
C LYS E 266 -29.07 21.65 41.07
N GLU E 267 -29.82 21.99 40.03
CA GLU E 267 -31.18 21.48 39.84
C GLU E 267 -31.33 19.96 39.85
N PRO E 268 -30.66 19.26 38.91
CA PRO E 268 -30.86 17.82 38.76
C PRO E 268 -30.82 17.06 40.09
N LYS E 269 -31.55 15.96 40.17
CA LYS E 269 -31.61 15.17 41.40
C LYS E 269 -30.28 14.48 41.70
N ASN E 270 -29.40 14.46 40.71
CA ASN E 270 -28.07 13.87 40.86
C ASN E 270 -26.97 14.88 40.58
N ALA E 271 -27.27 16.16 40.81
CA ALA E 271 -26.30 17.23 40.55
C ALA E 271 -25.04 17.03 41.39
N LEU E 272 -23.92 17.54 40.87
CA LEU E 272 -22.65 17.41 41.56
C LEU E 272 -22.72 17.92 42.99
N THR E 273 -23.18 19.15 43.15
CA THR E 273 -23.28 19.76 44.48
C THR E 273 -24.02 18.85 45.45
N LYS E 274 -25.15 18.30 45.01
CA LYS E 274 -25.96 17.42 45.84
C LYS E 274 -25.18 16.17 46.24
N GLN E 275 -24.39 15.64 45.30
CA GLN E 275 -23.59 14.45 45.56
C GLN E 275 -22.54 14.71 46.63
N TYR E 276 -21.75 15.75 46.43
CA TYR E 276 -20.69 16.12 47.38
C TYR E 276 -21.27 16.58 48.71
N GLN E 277 -22.39 17.30 48.67
CA GLN E 277 -23.08 17.70 49.89
C GLN E 277 -23.51 16.45 50.65
N ALA E 278 -23.70 15.36 49.93
CA ALA E 278 -24.06 14.08 50.52
C ALA E 278 -22.82 13.31 50.97
N LEU E 279 -21.74 13.49 50.23
CA LEU E 279 -20.46 12.87 50.59
C LEU E 279 -19.88 13.55 51.82
N PHE E 280 -20.04 14.86 51.90
CA PHE E 280 -19.63 15.62 53.07
C PHE E 280 -20.66 15.44 54.19
N ASN E 281 -21.88 15.07 53.81
CA ASN E 281 -22.96 14.90 54.77
C ASN E 281 -22.73 13.70 55.68
N LEU E 282 -22.26 12.60 55.11
CA LEU E 282 -21.98 11.40 55.90
C LEU E 282 -20.65 11.54 56.64
N GLU E 283 -20.03 12.71 56.52
CA GLU E 283 -18.85 13.03 57.29
C GLU E 283 -19.26 13.87 58.50
N GLY E 284 -20.54 14.24 58.53
CA GLY E 284 -21.07 15.10 59.57
C GLY E 284 -20.83 16.56 59.24
N VAL E 285 -20.43 16.82 58.00
CA VAL E 285 -20.11 18.17 57.56
C VAL E 285 -21.10 18.68 56.51
N ASP E 286 -21.46 19.96 56.62
CA ASP E 286 -22.36 20.57 55.65
C ASP E 286 -21.58 21.32 54.56
N LEU E 287 -21.71 20.86 53.33
CA LEU E 287 -21.03 21.50 52.22
C LEU E 287 -21.93 22.57 51.59
N GLU E 288 -21.45 23.80 51.55
CA GLU E 288 -22.21 24.91 50.97
C GLU E 288 -21.52 25.50 49.75
N PHE E 289 -22.19 25.40 48.61
CA PHE E 289 -21.70 26.03 47.38
C PHE E 289 -22.32 27.40 47.19
N ARG E 290 -21.51 28.44 47.31
CA ARG E 290 -21.98 29.79 47.05
C ARG E 290 -22.15 30.00 45.55
N ASP E 291 -23.16 30.77 45.17
CA ASP E 291 -23.47 31.00 43.76
C ASP E 291 -22.27 31.51 42.97
N GLU E 292 -21.37 32.24 43.64
CA GLU E 292 -20.17 32.74 42.98
C GLU E 292 -19.27 31.58 42.57
N ALA E 293 -19.21 30.55 43.41
CA ALA E 293 -18.38 29.39 43.15
C ALA E 293 -18.91 28.58 41.97
N LEU E 294 -20.23 28.44 41.90
CA LEU E 294 -20.89 27.70 40.83
C LEU E 294 -20.70 28.39 39.49
N ASP E 295 -20.80 29.72 39.50
CA ASP E 295 -20.60 30.50 38.29
C ASP E 295 -19.15 30.36 37.82
N ALA E 296 -18.23 30.28 38.78
CA ALA E 296 -16.81 30.14 38.47
C ALA E 296 -16.54 28.80 37.80
N ILE E 297 -17.16 27.74 38.31
CA ILE E 297 -17.03 26.42 37.72
C ILE E 297 -17.59 26.42 36.29
N ALA E 298 -18.70 27.12 36.09
CA ALA E 298 -19.30 27.24 34.77
C ALA E 298 -18.32 27.91 33.81
N LYS E 299 -17.72 29.01 34.24
CA LYS E 299 -16.74 29.72 33.42
C LYS E 299 -15.52 28.84 33.17
N LYS E 300 -15.08 28.12 34.20
CA LYS E 300 -13.93 27.24 34.10
C LYS E 300 -14.17 26.15 33.06
N ALA E 301 -15.42 25.74 32.91
CA ALA E 301 -15.79 24.68 31.98
C ALA E 301 -15.87 25.20 30.55
N MET E 302 -16.39 26.40 30.38
CA MET E 302 -16.54 27.00 29.06
C MET E 302 -15.19 27.30 28.42
N ALA E 303 -14.25 27.79 29.23
CA ALA E 303 -12.92 28.12 28.75
C ALA E 303 -12.18 26.88 28.26
N ARG E 304 -12.66 25.72 28.69
CA ARG E 304 -12.06 24.45 28.30
C ARG E 304 -12.90 23.71 27.25
N LYS E 305 -14.03 24.31 26.91
CA LYS E 305 -14.90 23.76 25.86
C LYS E 305 -15.32 22.32 26.13
N THR E 306 -15.14 21.86 27.36
CA THR E 306 -15.46 20.49 27.72
C THR E 306 -16.95 20.31 28.01
N GLY E 307 -17.72 21.37 27.80
CA GLY E 307 -19.16 21.32 28.04
C GLY E 307 -19.47 20.92 29.47
N ALA E 308 -20.52 20.12 29.63
CA ALA E 308 -20.94 19.66 30.95
C ALA E 308 -20.18 18.40 31.36
N ARG E 309 -19.36 17.89 30.45
CA ARG E 309 -18.55 16.70 30.73
C ARG E 309 -17.32 17.07 31.54
N GLY E 310 -16.97 18.35 31.54
CA GLY E 310 -15.80 18.82 32.26
C GLY E 310 -16.15 19.57 33.52
N LEU E 311 -17.26 19.19 34.16
CA LEU E 311 -17.69 19.80 35.41
C LEU E 311 -17.14 19.05 36.60
N ARG E 312 -17.22 17.72 36.56
CA ARG E 312 -16.70 16.89 37.64
C ARG E 312 -15.19 17.04 37.77
N SER E 313 -14.50 17.17 36.63
CA SER E 313 -13.06 17.32 36.62
C SER E 313 -12.63 18.63 37.28
N ILE E 314 -13.57 19.58 37.37
CA ILE E 314 -13.32 20.84 38.05
C ILE E 314 -13.67 20.73 39.54
N VAL E 315 -14.83 20.15 39.82
CA VAL E 315 -15.30 20.00 41.19
C VAL E 315 -14.38 19.11 42.01
N GLU E 316 -13.96 17.99 41.44
CA GLU E 316 -13.04 17.08 42.11
C GLU E 316 -11.72 17.78 42.44
N ALA E 317 -11.20 18.51 41.46
CA ALA E 317 -9.93 19.21 41.63
C ALA E 317 -10.03 20.28 42.71
N ALA E 318 -11.21 20.89 42.84
CA ALA E 318 -11.43 21.94 43.82
C ALA E 318 -11.57 21.40 45.23
N LEU E 319 -12.23 20.25 45.36
CA LEU E 319 -12.48 19.65 46.66
C LEU E 319 -11.46 18.57 47.03
N LEU E 320 -10.44 18.43 46.19
CA LEU E 320 -9.43 17.39 46.41
C LEU E 320 -8.78 17.51 47.78
N ASP E 321 -8.02 18.59 47.97
CA ASP E 321 -7.32 18.84 49.22
C ASP E 321 -8.26 18.73 50.42
N THR E 322 -9.44 19.32 50.29
CA THR E 322 -10.40 19.37 51.38
C THR E 322 -10.91 17.99 51.77
N MET E 323 -11.17 17.14 50.79
CA MET E 323 -11.63 15.78 51.05
C MET E 323 -10.51 14.93 51.64
N TYR E 324 -9.28 15.29 51.31
CA TYR E 324 -8.11 14.56 51.80
C TYR E 324 -7.98 14.65 53.32
N ASP E 325 -7.96 15.88 53.83
CA ASP E 325 -7.80 16.09 55.27
C ASP E 325 -9.10 16.46 55.96
N LEU E 326 -10.22 15.99 55.40
CA LEU E 326 -11.53 16.22 56.01
C LEU E 326 -11.82 15.25 57.16
N PRO E 327 -11.67 13.95 56.91
CA PRO E 327 -11.92 12.94 57.96
C PRO E 327 -10.95 13.07 59.13
N SER E 328 -9.90 13.88 58.94
CA SER E 328 -8.93 14.11 60.00
C SER E 328 -9.17 15.44 60.69
N MET E 329 -10.39 15.96 60.53
CA MET E 329 -10.77 17.23 61.14
C MET E 329 -12.07 17.07 61.92
N GLU E 330 -12.41 18.08 62.70
CA GLU E 330 -13.67 18.09 63.44
C GLU E 330 -14.31 19.48 63.43
N ASP E 331 -15.16 19.72 62.44
CA ASP E 331 -15.81 21.01 62.30
C ASP E 331 -17.26 20.87 61.83
N VAL E 332 -17.98 21.99 61.80
CA VAL E 332 -19.40 21.99 61.45
C VAL E 332 -19.63 21.87 59.94
N GLU E 333 -19.15 22.86 59.19
CA GLU E 333 -19.37 22.88 57.75
C GLU E 333 -18.21 23.50 56.97
N LYS E 334 -18.16 23.22 55.67
CA LYS E 334 -17.16 23.77 54.79
C LYS E 334 -17.83 24.57 53.67
N VAL E 335 -17.42 25.83 53.51
CA VAL E 335 -18.04 26.72 52.55
C VAL E 335 -17.13 27.03 51.37
N VAL E 336 -17.55 26.61 50.18
CA VAL E 336 -16.75 26.82 48.97
C VAL E 336 -17.06 28.15 48.31
N ILE E 337 -16.07 29.04 48.26
CA ILE E 337 -16.25 30.34 47.62
C ILE E 337 -15.62 30.35 46.22
N ASP E 338 -15.94 31.40 45.46
CA ASP E 338 -15.46 31.51 44.08
C ASP E 338 -13.93 31.52 44.03
N GLU E 339 -13.30 32.12 45.04
CA GLU E 339 -11.84 32.19 45.08
C GLU E 339 -11.24 30.79 45.16
N SER E 340 -12.02 29.83 45.68
CA SER E 340 -11.57 28.45 45.77
C SER E 340 -11.51 27.81 44.38
N VAL E 341 -12.40 28.23 43.50
CA VAL E 341 -12.48 27.65 42.15
C VAL E 341 -11.53 28.35 41.18
N ILE E 342 -11.90 29.56 40.76
CA ILE E 342 -11.11 30.30 39.78
C ILE E 342 -9.63 30.36 40.15
N ASP E 343 -9.32 31.03 41.25
CA ASP E 343 -7.95 31.14 41.73
C ASP E 343 -7.38 29.77 42.04
N GLY E 344 -8.17 28.95 42.73
CA GLY E 344 -7.74 27.62 43.12
C GLY E 344 -6.67 27.68 44.19
N GLN E 345 -6.20 28.89 44.48
CA GLN E 345 -5.16 29.09 45.47
C GLN E 345 -5.74 29.07 46.88
N SER E 346 -6.75 29.92 47.11
CA SER E 346 -7.39 30.03 48.40
C SER E 346 -8.08 28.72 48.79
N GLU E 347 -7.93 28.32 50.05
CA GLU E 347 -8.60 27.13 50.55
C GLU E 347 -10.04 27.45 50.91
N PRO E 348 -10.92 26.44 50.90
CA PRO E 348 -12.34 26.63 51.19
C PRO E 348 -12.58 27.07 52.64
N LEU E 349 -13.59 27.90 52.85
CA LEU E 349 -13.93 28.37 54.19
C LEU E 349 -14.23 27.19 55.12
N LEU E 350 -13.68 27.24 56.33
CA LEU E 350 -13.96 26.22 57.33
C LEU E 350 -14.67 26.82 58.55
N ILE E 351 -15.76 26.17 58.96
CA ILE E 351 -16.52 26.63 60.11
C ILE E 351 -16.58 25.55 61.20
N TYR E 352 -16.17 25.92 62.41
CA TYR E 352 -16.17 24.99 63.53
C TYR E 352 -17.38 25.21 64.43
N LEU F 3 -13.15 3.07 59.08
CA LEU F 3 -12.39 3.41 57.88
C LEU F 3 -11.28 4.40 58.18
N PRO F 4 -10.05 4.09 57.73
CA PRO F 4 -8.88 4.94 57.90
C PRO F 4 -8.98 6.22 57.09
N THR F 5 -8.73 7.36 57.72
CA THR F 5 -8.75 8.65 57.04
C THR F 5 -7.70 8.66 55.94
N PRO F 6 -7.91 9.47 54.89
CA PRO F 6 -6.95 9.61 53.80
C PRO F 6 -5.54 9.88 54.32
N HIS F 7 -5.46 10.55 55.48
CA HIS F 7 -4.18 10.78 56.13
C HIS F 7 -3.53 9.46 56.52
N GLU F 8 -4.26 8.64 57.26
CA GLU F 8 -3.77 7.34 57.68
C GLU F 8 -3.42 6.49 56.46
N ILE F 9 -4.19 6.63 55.40
CA ILE F 9 -3.96 5.88 54.17
C ILE F 9 -2.67 6.31 53.50
N ARG F 10 -2.50 7.62 53.29
CA ARG F 10 -1.29 8.13 52.68
C ARG F 10 -0.08 7.87 53.56
N ASN F 11 -0.29 7.88 54.87
CA ASN F 11 0.79 7.63 55.82
C ASN F 11 1.34 6.21 55.70
N HIS F 12 0.44 5.25 55.53
CA HIS F 12 0.85 3.85 55.40
C HIS F 12 1.39 3.56 54.00
N LEU F 13 1.02 4.39 53.03
CA LEU F 13 1.51 4.25 51.66
C LEU F 13 2.96 4.73 51.55
N ASP F 14 3.36 5.58 52.50
CA ASP F 14 4.73 6.09 52.53
C ASP F 14 5.71 5.01 53.00
N ASP F 15 5.18 3.96 53.59
CA ASP F 15 6.00 2.90 54.17
C ASP F 15 6.35 1.81 53.15
N TYR F 16 5.77 1.90 51.95
CA TYR F 16 5.99 0.88 50.93
C TYR F 16 6.48 1.48 49.61
N VAL F 17 6.11 2.73 49.35
CA VAL F 17 6.53 3.43 48.14
C VAL F 17 7.09 4.81 48.49
N ILE F 18 8.12 5.22 47.79
CA ILE F 18 8.77 6.50 48.04
C ILE F 18 8.34 7.53 47.00
N GLY F 19 8.16 8.77 47.43
CA GLY F 19 7.77 9.85 46.54
C GLY F 19 6.33 9.72 46.07
N GLN F 20 6.05 10.29 44.90
CA GLN F 20 4.71 10.24 44.31
C GLN F 20 3.64 10.58 45.33
N GLU F 21 3.90 11.61 46.14
CA GLU F 21 3.01 12.00 47.22
C GLU F 21 1.65 12.49 46.71
N GLN F 22 1.66 13.15 45.55
CA GLN F 22 0.42 13.68 44.98
C GLN F 22 -0.53 12.58 44.56
N ALA F 23 -0.02 11.60 43.82
CA ALA F 23 -0.83 10.47 43.38
C ALA F 23 -1.35 9.70 44.59
N LYS F 24 -0.53 9.63 45.64
CA LYS F 24 -0.91 8.93 46.86
C LYS F 24 -2.02 9.66 47.61
N LYS F 25 -2.08 10.97 47.44
CA LYS F 25 -3.18 11.75 47.99
C LYS F 25 -4.43 11.50 47.17
N VAL F 26 -4.28 11.55 45.84
CA VAL F 26 -5.38 11.28 44.92
C VAL F 26 -5.95 9.89 45.15
N LEU F 27 -5.08 8.93 45.44
CA LEU F 27 -5.49 7.56 45.69
C LEU F 27 -6.17 7.43 47.06
N ALA F 28 -5.62 8.10 48.06
CA ALA F 28 -6.17 8.06 49.40
C ALA F 28 -7.59 8.60 49.42
N VAL F 29 -7.81 9.72 48.74
CA VAL F 29 -9.12 10.33 48.67
C VAL F 29 -10.12 9.46 47.92
N ALA F 30 -9.73 9.03 46.72
CA ALA F 30 -10.59 8.20 45.88
C ALA F 30 -10.93 6.87 46.55
N VAL F 31 -9.94 6.27 47.21
CA VAL F 31 -10.16 5.02 47.92
C VAL F 31 -11.07 5.21 49.13
N TYR F 32 -10.78 6.23 49.93
CA TYR F 32 -11.59 6.54 51.10
C TYR F 32 -13.05 6.81 50.71
N ASN F 33 -13.24 7.57 49.64
CA ASN F 33 -14.58 7.91 49.17
C ASN F 33 -15.30 6.72 48.56
N HIS F 34 -14.54 5.73 48.11
CA HIS F 34 -15.12 4.53 47.52
C HIS F 34 -15.70 3.60 48.59
N TYR F 35 -14.94 3.40 49.67
CA TYR F 35 -15.38 2.53 50.75
C TYR F 35 -16.31 3.24 51.74
N LYS F 36 -16.21 4.57 51.79
CA LYS F 36 -17.10 5.38 52.60
C LYS F 36 -18.46 5.43 51.95
N ARG F 37 -18.48 5.18 50.64
CA ARG F 37 -19.71 5.21 49.86
C ARG F 37 -20.38 3.84 49.83
N LEU F 38 -19.60 2.80 50.08
CA LEU F 38 -20.12 1.44 50.10
C LEU F 38 -20.65 1.09 51.49
N ARG F 39 -19.96 1.56 52.52
CA ARG F 39 -20.35 1.28 53.90
C ARG F 39 -21.70 1.90 54.26
N ASN F 40 -22.13 2.87 53.45
CA ASN F 40 -23.41 3.52 53.66
C ASN F 40 -24.43 3.16 52.59
N GLY F 41 -24.15 2.12 51.83
CA GLY F 41 -25.04 1.64 50.78
C GLY F 41 -25.44 2.74 49.81
N ASP F 42 -24.45 3.46 49.29
CA ASP F 42 -24.70 4.58 48.38
C ASP F 42 -25.63 5.62 49.00
N THR F 43 -26.84 5.71 48.48
CA THR F 43 -27.84 6.66 48.99
C THR F 43 -29.22 6.03 49.04
N SER F 44 -29.86 6.12 50.21
CA SER F 44 -31.20 5.57 50.40
C SER F 44 -32.24 6.38 49.63
N LEU F 49 -23.81 9.52 43.34
CA LEU F 49 -22.60 8.93 43.91
C LEU F 49 -21.69 8.38 42.81
N GLY F 50 -20.55 9.03 42.63
CA GLY F 50 -19.60 8.64 41.59
C GLY F 50 -18.98 7.29 41.78
N LYS F 51 -18.62 6.63 40.68
CA LYS F 51 -18.01 5.31 40.72
C LYS F 51 -16.67 5.34 41.45
N SER F 52 -16.00 6.49 41.42
CA SER F 52 -14.74 6.68 42.12
C SER F 52 -13.66 5.71 41.66
N ASN F 53 -13.70 5.34 40.38
CA ASN F 53 -12.68 4.46 39.81
C ASN F 53 -11.39 5.22 39.48
N ILE F 54 -10.26 4.51 39.47
CA ILE F 54 -8.97 5.16 39.36
C ILE F 54 -8.18 4.76 38.11
N LEU F 55 -7.47 5.72 37.54
CA LEU F 55 -6.60 5.48 36.39
C LEU F 55 -5.16 5.92 36.70
N LEU F 56 -4.26 4.96 36.85
CA LEU F 56 -2.87 5.25 37.14
C LEU F 56 -2.05 5.50 35.88
N ILE F 57 -1.46 6.69 35.79
CA ILE F 57 -0.64 7.06 34.65
C ILE F 57 0.79 7.37 35.06
N GLY F 58 1.67 6.38 34.92
CA GLY F 58 3.06 6.55 35.27
C GLY F 58 3.96 5.61 34.50
N PRO F 59 5.24 5.98 34.33
CA PRO F 59 6.21 5.14 33.65
C PRO F 59 6.28 3.77 34.30
N THR F 60 6.75 2.76 33.57
CA THR F 60 6.86 1.42 34.13
C THR F 60 7.88 1.39 35.26
N GLY F 61 7.55 0.68 36.33
CA GLY F 61 8.43 0.59 37.48
C GLY F 61 8.32 1.78 38.41
N SER F 62 7.30 2.61 38.19
CA SER F 62 7.08 3.78 39.02
C SER F 62 6.45 3.39 40.36
N GLY F 63 5.74 2.26 40.36
CA GLY F 63 5.14 1.75 41.58
C GLY F 63 3.62 1.65 41.51
N LYS F 64 3.08 1.72 40.30
CA LYS F 64 1.63 1.59 40.10
C LYS F 64 1.12 0.30 40.72
N THR F 65 1.66 -0.83 40.25
CA THR F 65 1.27 -2.15 40.74
C THR F 65 1.44 -2.24 42.26
N LEU F 66 2.57 -1.76 42.74
CA LEU F 66 2.87 -1.80 44.17
C LEU F 66 1.83 -1.04 44.99
N LEU F 67 1.47 0.15 44.52
CA LEU F 67 0.46 0.98 45.19
C LEU F 67 -0.87 0.24 45.30
N ALA F 68 -1.29 -0.38 44.21
CA ALA F 68 -2.57 -1.10 44.18
C ALA F 68 -2.59 -2.24 45.18
N GLU F 69 -1.46 -2.94 45.30
CA GLU F 69 -1.35 -4.05 46.25
C GLU F 69 -1.34 -3.54 47.69
N THR F 70 -0.61 -2.45 47.92
CA THR F 70 -0.51 -1.87 49.25
C THR F 70 -1.87 -1.40 49.75
N LEU F 71 -2.60 -0.69 48.89
CA LEU F 71 -3.95 -0.21 49.22
C LEU F 71 -4.85 -1.37 49.64
N ALA F 72 -4.67 -2.52 48.98
CA ALA F 72 -5.47 -3.69 49.26
C ALA F 72 -5.15 -4.28 50.64
N ARG F 73 -3.86 -4.39 50.95
CA ARG F 73 -3.41 -4.93 52.22
C ARG F 73 -3.76 -4.00 53.38
N LEU F 74 -3.62 -2.70 53.16
CA LEU F 74 -3.90 -1.71 54.20
C LEU F 74 -5.38 -1.71 54.59
N LEU F 75 -6.24 -2.15 53.68
CA LEU F 75 -7.67 -2.21 53.95
C LEU F 75 -8.17 -3.65 54.07
N ASP F 76 -7.23 -4.57 54.27
CA ASP F 76 -7.55 -6.00 54.37
C ASP F 76 -8.65 -6.41 53.37
N VAL F 77 -8.48 -5.99 52.13
CA VAL F 77 -9.47 -6.23 51.09
C VAL F 77 -8.93 -7.13 49.98
N PRO F 78 -9.73 -8.12 49.56
CA PRO F 78 -9.36 -9.05 48.48
C PRO F 78 -8.84 -8.32 47.25
N PHE F 79 -7.66 -8.70 46.79
CA PHE F 79 -7.03 -8.04 45.63
C PHE F 79 -6.67 -9.05 44.56
N THR F 80 -6.70 -8.59 43.31
CA THR F 80 -6.34 -9.44 42.17
C THR F 80 -5.92 -8.57 40.98
N MET F 81 -4.90 -9.02 40.26
CA MET F 81 -4.40 -8.28 39.11
C MET F 81 -4.93 -8.84 37.80
N ALA F 82 -4.51 -8.21 36.70
CA ALA F 82 -4.92 -8.63 35.37
C ALA F 82 -4.19 -7.81 34.32
N ASP F 83 -3.87 -8.45 33.20
CA ASP F 83 -3.16 -7.78 32.12
C ASP F 83 -4.10 -7.49 30.95
N ALA F 84 -4.17 -6.22 30.55
CA ALA F 84 -5.03 -5.81 29.47
C ALA F 84 -4.59 -6.41 28.13
N THR F 85 -3.36 -6.92 28.10
CA THR F 85 -2.82 -7.52 26.88
C THR F 85 -3.38 -8.93 26.66
N THR F 86 -3.52 -9.68 27.74
CA THR F 86 -4.06 -11.04 27.68
C THR F 86 -5.56 -11.02 27.41
N GLU F 95 -15.67 -14.17 27.72
CA GLU F 95 -15.78 -15.17 28.78
C GLU F 95 -14.54 -15.19 29.67
N ASP F 96 -13.48 -14.52 29.22
CA ASP F 96 -12.24 -14.43 29.99
C ASP F 96 -12.27 -13.21 30.90
N VAL F 97 -13.19 -12.29 30.61
CA VAL F 97 -13.32 -11.06 31.39
C VAL F 97 -13.87 -11.36 32.79
N GLU F 98 -14.69 -12.42 32.89
CA GLU F 98 -15.26 -12.82 34.16
C GLU F 98 -14.33 -13.77 34.91
N ASN F 99 -13.22 -14.12 34.28
CA ASN F 99 -12.21 -14.96 34.91
C ASN F 99 -11.53 -14.22 36.06
N ILE F 100 -11.38 -12.90 35.90
CA ILE F 100 -10.78 -12.08 36.94
C ILE F 100 -11.66 -12.08 38.19
N ILE F 101 -12.96 -12.21 37.99
CA ILE F 101 -13.92 -12.22 39.10
C ILE F 101 -13.80 -13.50 39.92
N GLN F 102 -13.79 -14.65 39.24
CA GLN F 102 -13.68 -15.94 39.91
C GLN F 102 -12.35 -16.05 40.65
N LYS F 103 -11.33 -15.37 40.13
CA LYS F 103 -10.03 -15.34 40.79
C LYS F 103 -10.08 -14.47 42.03
N LEU F 104 -10.91 -13.43 41.98
CA LEU F 104 -11.12 -12.55 43.12
C LEU F 104 -11.89 -13.27 44.22
N LEU F 105 -12.81 -14.15 43.81
CA LEU F 105 -13.55 -14.97 44.75
C LEU F 105 -12.65 -16.07 45.33
N GLN F 106 -11.66 -16.48 44.54
CA GLN F 106 -10.72 -17.52 44.97
C GLN F 106 -9.89 -17.05 46.17
N LYS F 107 -9.42 -15.80 46.12
CA LYS F 107 -8.65 -15.24 47.21
C LYS F 107 -9.54 -14.54 48.23
N CYS F 108 -10.84 -14.79 48.12
CA CYS F 108 -11.82 -14.15 49.01
C CYS F 108 -12.67 -15.19 49.73
N ASP F 109 -12.28 -16.45 49.61
CA ASP F 109 -13.03 -17.55 50.22
C ASP F 109 -14.44 -17.65 49.64
N TYR F 110 -14.61 -17.14 48.42
CA TYR F 110 -15.90 -17.20 47.72
C TYR F 110 -17.01 -16.43 48.43
N ASP F 111 -16.61 -15.41 49.20
CA ASP F 111 -17.58 -14.57 49.91
C ASP F 111 -18.07 -13.43 49.00
N VAL F 112 -19.32 -13.50 48.61
CA VAL F 112 -19.91 -12.51 47.70
C VAL F 112 -19.71 -11.07 48.17
N GLN F 113 -20.07 -10.80 49.42
CA GLN F 113 -19.98 -9.46 49.97
C GLN F 113 -18.54 -8.95 50.03
N LYS F 114 -17.66 -9.72 50.63
CA LYS F 114 -16.26 -9.33 50.76
C LYS F 114 -15.57 -9.20 49.41
N ALA F 115 -16.06 -9.96 48.42
CA ALA F 115 -15.52 -9.91 47.08
C ALA F 115 -15.97 -8.64 46.36
N GLN F 116 -17.11 -8.10 46.77
CA GLN F 116 -17.64 -6.88 46.19
C GLN F 116 -16.87 -5.65 46.68
N ARG F 117 -16.26 -5.78 47.86
CA ARG F 117 -15.46 -4.70 48.42
C ARG F 117 -14.01 -4.81 47.96
N GLY F 118 -13.75 -5.75 47.06
CA GLY F 118 -12.41 -6.01 46.58
C GLY F 118 -11.86 -4.95 45.63
N ILE F 119 -10.58 -5.03 45.34
CA ILE F 119 -9.92 -4.11 44.41
C ILE F 119 -9.32 -4.87 43.22
N VAL F 120 -9.51 -4.34 42.03
CA VAL F 120 -9.00 -4.97 40.82
C VAL F 120 -8.05 -4.03 40.07
N TYR F 121 -6.83 -4.49 39.84
CA TYR F 121 -5.85 -3.70 39.11
C TYR F 121 -5.64 -4.24 37.69
N ILE F 122 -5.84 -3.37 36.71
CA ILE F 122 -5.62 -3.73 35.31
C ILE F 122 -4.37 -3.05 34.78
N ASP F 123 -3.38 -3.85 34.41
CA ASP F 123 -2.09 -3.32 33.97
C ASP F 123 -2.04 -3.16 32.45
N GLN F 124 -1.26 -2.18 32.00
CA GLN F 124 -1.08 -1.93 30.57
C GLN F 124 -2.38 -1.60 29.83
N ILE F 125 -3.14 -0.67 30.40
CA ILE F 125 -4.37 -0.19 29.76
C ILE F 125 -4.03 0.61 28.50
N ASP F 126 -2.92 1.34 28.55
CA ASP F 126 -2.47 2.14 27.42
C ASP F 126 -2.16 1.28 26.20
N LYS F 127 -2.07 -0.03 26.41
CA LYS F 127 -1.73 -0.95 25.34
C LYS F 127 -2.93 -1.32 24.46
N ILE F 128 -4.13 -1.22 25.04
CA ILE F 128 -5.35 -1.59 24.31
C ILE F 128 -5.98 -0.39 23.61
N SER F 129 -5.27 0.73 23.59
CA SER F 129 -5.77 1.94 22.94
C SER F 129 -5.64 1.84 21.43
N ARG F 130 -6.78 1.81 20.75
CA ARG F 130 -6.80 1.72 19.29
C ARG F 130 -6.48 3.07 18.66
N LYS F 131 -5.22 3.25 18.28
CA LYS F 131 -4.78 4.50 17.66
C LYS F 131 -3.74 4.25 16.57
N GLY F 145 -12.67 -3.36 21.34
CA GLY F 145 -13.59 -4.38 21.80
C GLY F 145 -13.36 -4.74 23.26
N VAL F 146 -12.09 -4.84 23.63
CA VAL F 146 -11.71 -5.14 25.01
C VAL F 146 -12.11 -3.99 25.94
N GLN F 147 -11.99 -2.77 25.43
CA GLN F 147 -12.36 -1.58 26.20
C GLN F 147 -13.86 -1.60 26.55
N GLN F 148 -14.68 -2.02 25.59
CA GLN F 148 -16.12 -2.09 25.78
C GLN F 148 -16.51 -3.30 26.63
N ALA F 149 -15.82 -4.41 26.41
CA ALA F 149 -16.05 -5.62 27.18
C ALA F 149 -15.77 -5.38 28.66
N LEU F 150 -14.57 -4.91 28.96
CA LEU F 150 -14.19 -4.59 30.33
C LEU F 150 -15.05 -3.47 30.89
N LEU F 151 -15.56 -2.63 29.99
CA LEU F 151 -16.42 -1.52 30.37
C LEU F 151 -17.71 -2.02 31.00
N LYS F 152 -18.16 -3.19 30.57
CA LYS F 152 -19.36 -3.79 31.11
C LYS F 152 -19.20 -4.09 32.61
N LEU F 153 -17.98 -4.47 32.99
CA LEU F 153 -17.68 -4.75 34.39
C LEU F 153 -17.63 -3.47 35.22
N ILE F 154 -16.87 -2.48 34.73
CA ILE F 154 -16.75 -1.20 35.41
C ILE F 154 -18.12 -0.67 35.83
N GLU F 155 -19.09 -0.78 34.93
CA GLU F 155 -20.46 -0.40 35.23
C GLU F 155 -21.05 -1.33 36.29
N GLY F 156 -21.08 -2.62 35.98
CA GLY F 156 -21.57 -3.61 36.91
C GLY F 156 -22.80 -4.36 36.40
N THR F 157 -22.74 -5.69 36.45
CA THR F 157 -23.86 -6.52 36.01
C THR F 157 -24.16 -7.61 37.03
N VAL F 177 -22.36 -12.12 41.88
CA VAL F 177 -21.76 -10.90 42.42
C VAL F 177 -21.82 -9.77 41.39
N ASP F 178 -22.09 -8.56 41.85
CA ASP F 178 -22.11 -7.39 40.98
C ASP F 178 -20.76 -6.67 40.99
N THR F 179 -20.28 -6.29 39.81
CA THR F 179 -18.98 -5.65 39.67
C THR F 179 -19.05 -4.14 39.88
N SER F 180 -20.24 -3.66 40.23
CA SER F 180 -20.44 -2.23 40.49
C SER F 180 -19.72 -1.81 41.76
N LYS F 181 -19.73 -2.70 42.75
CA LYS F 181 -19.19 -2.39 44.07
C LYS F 181 -17.67 -2.33 44.09
N ILE F 182 -17.03 -3.24 43.38
CA ILE F 182 -15.57 -3.32 43.40
C ILE F 182 -14.89 -2.10 42.77
N LEU F 183 -13.73 -1.74 43.32
CA LEU F 183 -12.97 -0.60 42.82
C LEU F 183 -12.02 -1.01 41.71
N PHE F 184 -11.96 -0.22 40.66
CA PHE F 184 -11.08 -0.50 39.52
C PHE F 184 -9.93 0.48 39.41
N ILE F 185 -8.71 -0.06 39.38
CA ILE F 185 -7.51 0.76 39.20
C ILE F 185 -6.80 0.37 37.92
N CYS F 186 -6.84 1.25 36.93
CA CYS F 186 -6.27 0.95 35.62
C CYS F 186 -4.92 1.62 35.43
N GLY F 187 -3.85 0.84 35.52
CA GLY F 187 -2.51 1.35 35.37
C GLY F 187 -2.06 1.41 33.92
N GLY F 188 -0.91 2.03 33.69
CA GLY F 188 -0.36 2.15 32.35
C GLY F 188 0.73 3.20 32.27
N ALA F 189 1.64 3.03 31.30
CA ALA F 189 2.71 3.98 31.10
C ALA F 189 2.27 5.14 30.21
N PHE F 190 1.43 4.84 29.24
CA PHE F 190 0.93 5.84 28.30
C PHE F 190 2.10 6.63 27.69
N ALA F 191 2.84 5.97 26.79
CA ALA F 191 4.01 6.57 26.17
C ALA F 191 3.67 7.83 25.38
N GLY F 192 2.83 7.67 24.37
CA GLY F 192 2.46 8.76 23.49
C GLY F 192 1.63 9.85 24.17
N LEU F 193 1.19 9.59 25.39
CA LEU F 193 0.37 10.55 26.13
C LEU F 193 1.13 11.85 26.43
N ASP F 194 2.43 11.72 26.70
CA ASP F 194 3.25 12.88 27.01
C ASP F 194 3.33 13.85 25.83
N LYS F 195 3.04 13.33 24.63
CA LYS F 195 3.14 14.12 23.40
C LYS F 195 1.84 14.86 23.08
N VAL F 196 0.72 14.17 23.20
CA VAL F 196 -0.59 14.76 22.90
C VAL F 196 -0.94 15.89 23.87
N ILE F 197 -0.55 15.72 25.13
CA ILE F 197 -0.76 16.75 26.13
C ILE F 197 0.04 18.01 25.80
N SER F 198 1.24 17.81 25.27
CA SER F 198 2.12 18.92 24.91
C SER F 198 1.60 19.67 23.69
N HIS F 199 0.93 18.96 22.79
CA HIS F 199 0.39 19.55 21.58
C HIS F 199 -0.93 20.27 21.85
N ARG F 200 -1.36 20.24 23.11
CA ARG F 200 -2.60 20.91 23.51
C ARG F 200 -2.32 22.05 24.48
N VAL F 201 -1.59 21.75 25.56
CA VAL F 201 -1.27 22.73 26.59
C VAL F 201 -0.57 23.96 26.01
N GLU F 202 0.28 23.73 25.00
CA GLU F 202 1.01 24.82 24.36
C GLU F 202 0.06 25.87 23.79
N ALA F 220 7.44 22.18 30.81
CA ALA F 220 8.45 21.79 31.79
C ALA F 220 8.78 20.31 31.70
N SER F 221 8.90 19.64 32.84
CA SER F 221 9.23 18.22 32.88
C SER F 221 8.01 17.37 32.55
N GLU F 222 8.23 16.07 32.31
CA GLU F 222 7.14 15.15 32.01
C GLU F 222 6.08 15.20 33.11
N GLY F 223 6.53 15.38 34.35
CA GLY F 223 5.61 15.46 35.48
C GLY F 223 4.70 16.67 35.39
N GLU F 224 5.25 17.78 34.92
CA GLU F 224 4.50 19.02 34.77
C GLU F 224 3.47 18.91 33.65
N LEU F 225 3.75 18.04 32.68
CA LEU F 225 2.86 17.84 31.55
C LEU F 225 1.77 16.82 31.87
N LEU F 226 2.12 15.81 32.66
CA LEU F 226 1.17 14.78 33.06
C LEU F 226 0.16 15.32 34.07
N ALA F 227 0.49 16.45 34.69
CA ALA F 227 -0.43 17.11 35.61
C ALA F 227 -1.53 17.83 34.84
N GLN F 228 -1.19 18.28 33.63
CA GLN F 228 -2.16 18.96 32.77
C GLN F 228 -3.01 17.96 31.99
N VAL F 229 -2.93 16.69 32.39
CA VAL F 229 -3.67 15.63 31.72
C VAL F 229 -5.18 15.92 31.71
N GLU F 230 -5.82 15.62 30.59
CA GLU F 230 -7.24 15.84 30.44
C GLU F 230 -7.90 14.66 29.73
N PRO F 231 -9.18 14.40 30.04
CA PRO F 231 -9.91 13.27 29.45
C PRO F 231 -9.82 13.25 27.92
N GLU F 232 -9.77 14.44 27.30
CA GLU F 232 -9.67 14.53 25.85
C GLU F 232 -8.31 14.05 25.35
N ASP F 233 -7.28 14.25 26.16
CA ASP F 233 -5.94 13.79 25.80
C ASP F 233 -5.91 12.27 25.69
N LEU F 234 -6.63 11.60 26.59
CA LEU F 234 -6.73 10.14 26.56
C LEU F 234 -7.55 9.68 25.36
N ILE F 235 -8.55 10.49 25.00
CA ILE F 235 -9.37 10.22 23.82
C ILE F 235 -8.52 10.12 22.58
N LYS F 236 -7.75 11.18 22.31
CA LYS F 236 -6.87 11.22 21.15
C LYS F 236 -5.79 10.13 21.25
N PHE F 237 -5.49 9.71 22.47
CA PHE F 237 -4.49 8.68 22.69
C PHE F 237 -4.95 7.33 22.15
N GLY F 238 -6.23 7.02 22.33
CA GLY F 238 -6.79 5.78 21.81
C GLY F 238 -7.87 5.17 22.68
N LEU F 239 -8.28 5.88 23.72
CA LEU F 239 -9.34 5.41 24.61
C LEU F 239 -10.69 5.97 24.20
N ILE F 240 -11.74 5.16 24.38
CA ILE F 240 -13.09 5.57 24.02
C ILE F 240 -13.74 6.39 25.13
N PRO F 241 -14.58 7.36 24.76
CA PRO F 241 -15.24 8.26 25.72
C PRO F 241 -15.95 7.52 26.84
N GLU F 242 -16.76 6.52 26.47
CA GLU F 242 -17.55 5.79 27.45
C GLU F 242 -16.69 5.04 28.45
N PHE F 243 -15.42 4.81 28.09
CA PHE F 243 -14.49 4.12 28.98
C PHE F 243 -13.81 5.09 29.95
N ILE F 244 -13.43 6.26 29.44
CA ILE F 244 -12.76 7.26 30.25
C ILE F 244 -13.70 7.88 31.29
N GLY F 245 -14.97 8.00 30.93
CA GLY F 245 -15.97 8.54 31.82
C GLY F 245 -16.17 7.66 33.04
N ARG F 246 -15.65 6.45 32.97
CA ARG F 246 -15.74 5.50 34.07
C ARG F 246 -14.56 5.63 35.02
N LEU F 247 -13.52 6.33 34.57
CA LEU F 247 -12.33 6.57 35.39
C LEU F 247 -12.18 8.05 35.70
N PRO F 248 -12.99 8.56 36.63
CA PRO F 248 -12.98 9.98 37.02
C PRO F 248 -11.69 10.35 37.74
N VAL F 249 -11.18 9.42 38.55
CA VAL F 249 -9.98 9.67 39.33
C VAL F 249 -8.72 9.33 38.54
N VAL F 250 -7.91 10.34 38.24
CA VAL F 250 -6.68 10.15 37.51
C VAL F 250 -5.47 10.59 38.32
N ALA F 251 -4.67 9.62 38.76
CA ALA F 251 -3.44 9.90 39.48
C ALA F 251 -2.24 9.62 38.60
N THR F 252 -1.25 10.51 38.66
CA THR F 252 -0.07 10.39 37.81
C THR F 252 1.22 10.34 38.62
N LEU F 253 2.06 9.35 38.34
CA LEU F 253 3.34 9.20 39.01
C LEU F 253 4.46 9.78 38.16
N ASN F 254 5.51 10.27 38.81
CA ASN F 254 6.61 10.90 38.09
C ASN F 254 7.87 10.02 38.07
N GLU F 255 8.65 10.09 39.15
CA GLU F 255 9.88 9.32 39.28
C GLU F 255 9.60 7.82 39.38
N LEU F 256 10.66 7.03 39.50
CA LEU F 256 10.54 5.58 39.60
C LEU F 256 10.64 5.12 41.05
N SER F 257 10.10 3.93 41.33
CA SER F 257 10.15 3.36 42.67
C SER F 257 11.18 2.24 42.78
N GLU F 258 12.03 2.33 43.80
CA GLU F 258 13.10 1.35 43.99
C GLU F 258 12.58 -0.02 44.42
N GLU F 259 11.76 -0.04 45.47
CA GLU F 259 11.24 -1.30 46.00
C GLU F 259 10.40 -2.00 44.94
N ALA F 260 9.75 -1.22 44.09
CA ALA F 260 8.95 -1.76 43.00
C ALA F 260 9.84 -2.55 42.05
N LEU F 261 10.93 -1.92 41.60
CA LEU F 261 11.88 -2.57 40.71
C LEU F 261 12.36 -3.90 41.28
N ILE F 262 12.76 -3.89 42.55
CA ILE F 262 13.23 -5.11 43.20
C ILE F 262 12.17 -6.21 43.10
N GLN F 263 10.92 -5.83 43.29
CA GLN F 263 9.82 -6.77 43.16
C GLN F 263 9.67 -7.24 41.72
N ILE F 264 10.11 -6.41 40.78
CA ILE F 264 10.07 -6.77 39.36
C ILE F 264 11.07 -7.90 39.09
N LEU F 265 12.23 -7.83 39.74
CA LEU F 265 13.27 -8.82 39.52
C LEU F 265 12.96 -10.14 40.20
N LYS F 266 11.98 -10.14 41.10
CA LYS F 266 11.68 -11.32 41.90
C LYS F 266 10.26 -11.86 41.67
N GLU F 267 9.28 -11.07 42.05
CA GLU F 267 7.88 -11.52 42.12
C GLU F 267 7.35 -12.19 40.85
N PRO F 268 7.43 -11.49 39.70
CA PRO F 268 6.80 -11.99 38.47
C PRO F 268 7.17 -13.43 38.15
N LYS F 269 6.26 -14.14 37.51
CA LYS F 269 6.51 -15.54 37.13
C LYS F 269 7.55 -15.64 36.03
N ASN F 270 7.88 -14.50 35.43
CA ASN F 270 8.89 -14.44 34.38
C ASN F 270 9.98 -13.42 34.71
N ALA F 271 10.25 -13.23 36.00
CA ALA F 271 11.25 -12.28 36.45
C ALA F 271 12.64 -12.68 36.00
N LEU F 272 13.53 -11.70 35.90
CA LEU F 272 14.90 -11.95 35.48
C LEU F 272 15.57 -13.06 36.29
N THR F 273 15.60 -12.89 37.61
CA THR F 273 16.25 -13.85 38.50
C THR F 273 15.73 -15.27 38.28
N LYS F 274 14.42 -15.39 38.07
CA LYS F 274 13.82 -16.69 37.84
C LYS F 274 14.27 -17.30 36.52
N GLN F 275 14.39 -16.47 35.49
CA GLN F 275 14.85 -16.94 34.19
C GLN F 275 16.29 -17.46 34.27
N TYR F 276 17.17 -16.66 34.86
CA TYR F 276 18.57 -17.02 34.97
C TYR F 276 18.80 -18.19 35.93
N GLN F 277 18.14 -18.15 37.09
CA GLN F 277 18.22 -19.25 38.04
C GLN F 277 17.91 -20.56 37.33
N ALA F 278 17.06 -20.48 36.31
CA ALA F 278 16.68 -21.65 35.52
C ALA F 278 17.75 -21.98 34.50
N LEU F 279 18.23 -20.96 33.80
CA LEU F 279 19.33 -21.13 32.86
C LEU F 279 20.50 -21.80 33.56
N PHE F 280 20.83 -21.29 34.74
CA PHE F 280 21.89 -21.90 35.54
C PHE F 280 21.45 -23.28 36.03
N ASN F 281 20.15 -23.42 36.29
CA ASN F 281 19.62 -24.66 36.82
C ASN F 281 19.86 -25.85 35.90
N LEU F 282 19.68 -25.63 34.59
CA LEU F 282 19.92 -26.68 33.62
C LEU F 282 21.42 -26.90 33.39
N GLU F 283 22.22 -26.12 34.11
CA GLU F 283 23.68 -26.28 34.10
C GLU F 283 24.08 -27.17 35.27
N GLY F 284 23.16 -27.36 36.20
CA GLY F 284 23.43 -28.10 37.42
C GLY F 284 23.93 -27.16 38.49
N VAL F 285 23.66 -25.87 38.32
CA VAL F 285 24.15 -24.85 39.22
C VAL F 285 23.01 -24.01 39.79
N ASP F 286 23.05 -23.75 41.09
CA ASP F 286 22.04 -22.93 41.73
C ASP F 286 22.49 -21.48 41.80
N LEU F 287 21.73 -20.60 41.15
CA LEU F 287 22.03 -19.17 41.21
C LEU F 287 21.26 -18.54 42.36
N GLU F 288 21.98 -17.87 43.26
CA GLU F 288 21.35 -17.19 44.37
C GLU F 288 21.57 -15.68 44.29
N PHE F 289 20.48 -14.94 44.30
CA PHE F 289 20.53 -13.49 44.26
C PHE F 289 20.32 -12.89 45.64
N ARG F 290 21.39 -12.38 46.23
CA ARG F 290 21.28 -11.70 47.51
C ARG F 290 20.54 -10.38 47.33
N ASP F 291 19.64 -10.08 48.27
CA ASP F 291 18.79 -8.89 48.21
C ASP F 291 19.59 -7.61 47.98
N GLU F 292 20.82 -7.58 48.48
CA GLU F 292 21.69 -6.43 48.30
C GLU F 292 22.00 -6.24 46.82
N ALA F 293 22.20 -7.35 46.12
CA ALA F 293 22.50 -7.32 44.70
C ALA F 293 21.28 -6.81 43.93
N LEU F 294 20.12 -7.34 44.26
CA LEU F 294 18.86 -6.91 43.63
C LEU F 294 18.64 -5.41 43.86
N ASP F 295 18.91 -4.95 45.08
CA ASP F 295 18.84 -3.52 45.40
C ASP F 295 19.84 -2.74 44.53
N ALA F 296 21.07 -3.22 44.45
CA ALA F 296 22.07 -2.62 43.58
C ALA F 296 21.56 -2.47 42.15
N ILE F 297 21.04 -3.56 41.58
CA ILE F 297 20.51 -3.54 40.22
C ILE F 297 19.42 -2.48 40.05
N ALA F 298 18.56 -2.36 41.05
CA ALA F 298 17.49 -1.37 41.02
C ALA F 298 18.07 0.04 40.92
N LYS F 299 19.03 0.35 41.80
CA LYS F 299 19.66 1.66 41.80
C LYS F 299 20.34 1.96 40.47
N LYS F 300 21.16 1.03 40.00
CA LYS F 300 21.83 1.16 38.72
C LYS F 300 20.83 1.51 37.62
N ALA F 301 19.63 0.94 37.73
CA ALA F 301 18.58 1.17 36.74
C ALA F 301 17.99 2.57 36.85
N MET F 302 17.97 3.11 38.07
CA MET F 302 17.42 4.44 38.31
C MET F 302 18.38 5.53 37.85
N ALA F 303 19.67 5.33 38.13
CA ALA F 303 20.69 6.30 37.76
C ALA F 303 20.76 6.48 36.25
N ARG F 304 20.40 5.44 35.52
CA ARG F 304 20.41 5.46 34.07
C ARG F 304 19.03 5.82 33.51
N LYS F 305 18.07 6.03 34.40
CA LYS F 305 16.73 6.42 34.01
C LYS F 305 16.15 5.46 32.97
N THR F 306 16.67 4.24 32.94
CA THR F 306 16.23 3.24 31.98
C THR F 306 15.01 2.47 32.46
N GLY F 307 14.64 2.69 33.72
CA GLY F 307 13.49 2.02 34.30
C GLY F 307 13.63 0.52 34.32
N ALA F 308 12.53 -0.18 34.05
CA ALA F 308 12.51 -1.64 34.08
C ALA F 308 13.07 -2.23 32.79
N ARG F 309 13.11 -1.41 31.75
CA ARG F 309 13.64 -1.84 30.46
C ARG F 309 15.16 -2.01 30.54
N GLY F 310 15.77 -1.27 31.46
CA GLY F 310 17.21 -1.32 31.61
C GLY F 310 17.68 -2.24 32.71
N LEU F 311 16.91 -3.29 32.98
CA LEU F 311 17.29 -4.26 34.00
C LEU F 311 18.05 -5.43 33.40
N ARG F 312 17.52 -5.99 32.32
CA ARG F 312 18.18 -7.09 31.63
C ARG F 312 19.59 -6.69 31.20
N SER F 313 19.71 -5.49 30.65
CA SER F 313 20.99 -4.96 30.21
C SER F 313 22.00 -4.89 31.36
N ILE F 314 21.48 -4.87 32.58
CA ILE F 314 22.33 -4.83 33.76
C ILE F 314 22.66 -6.25 34.24
N VAL F 315 21.64 -7.10 34.32
CA VAL F 315 21.84 -8.48 34.76
C VAL F 315 22.75 -9.22 33.80
N GLU F 316 22.41 -9.18 32.52
CA GLU F 316 23.23 -9.82 31.50
C GLU F 316 24.68 -9.40 31.67
N ALA F 317 24.89 -8.09 31.76
CA ALA F 317 26.23 -7.55 31.93
C ALA F 317 26.88 -8.04 33.22
N ALA F 318 26.06 -8.40 34.19
CA ALA F 318 26.55 -8.83 35.49
C ALA F 318 26.85 -10.33 35.52
N LEU F 319 26.17 -11.09 34.67
CA LEU F 319 26.31 -12.54 34.64
C LEU F 319 27.00 -13.02 33.38
N LEU F 320 27.50 -12.09 32.58
CA LEU F 320 28.14 -12.41 31.31
C LEU F 320 29.35 -13.31 31.49
N ASP F 321 30.35 -12.79 32.19
CA ASP F 321 31.58 -13.54 32.43
C ASP F 321 31.30 -14.87 33.09
N THR F 322 30.34 -14.89 34.02
CA THR F 322 30.01 -16.12 34.72
C THR F 322 29.48 -17.17 33.76
N MET F 323 28.56 -16.78 32.88
CA MET F 323 27.93 -17.72 31.96
C MET F 323 28.88 -18.16 30.85
N TYR F 324 29.89 -17.34 30.57
CA TYR F 324 30.87 -17.69 29.56
C TYR F 324 31.68 -18.91 29.96
N ASP F 325 32.28 -18.86 31.15
CA ASP F 325 33.11 -19.97 31.63
C ASP F 325 32.45 -20.76 32.75
N LEU F 326 31.12 -20.84 32.71
CA LEU F 326 30.39 -21.68 33.64
C LEU F 326 30.40 -23.14 33.20
N PRO F 327 30.02 -23.42 31.94
CA PRO F 327 29.97 -24.80 31.43
C PRO F 327 31.33 -25.50 31.45
N SER F 328 32.39 -24.74 31.73
CA SER F 328 33.73 -25.31 31.76
C SER F 328 34.22 -25.48 33.18
N MET F 329 33.29 -25.43 34.14
CA MET F 329 33.62 -25.59 35.54
C MET F 329 32.83 -26.75 36.16
N GLU F 330 33.12 -27.06 37.42
CA GLU F 330 32.34 -28.05 38.15
C GLU F 330 32.17 -27.67 39.61
N ASP F 331 31.04 -27.05 39.93
CA ASP F 331 30.77 -26.55 41.28
C ASP F 331 29.28 -26.66 41.60
N VAL F 332 28.92 -26.41 42.85
CA VAL F 332 27.53 -26.54 43.29
C VAL F 332 26.67 -25.33 42.94
N GLU F 333 27.09 -24.14 43.36
CA GLU F 333 26.28 -22.95 43.11
C GLU F 333 27.09 -21.66 43.00
N LYS F 334 26.53 -20.68 42.30
CA LYS F 334 27.12 -19.36 42.18
C LYS F 334 26.22 -18.37 42.90
N VAL F 335 26.82 -17.51 43.73
CA VAL F 335 26.09 -16.50 44.47
C VAL F 335 26.44 -15.10 44.01
N VAL F 336 25.42 -14.27 43.78
CA VAL F 336 25.65 -12.91 43.32
C VAL F 336 25.42 -11.90 44.44
N ILE F 337 26.48 -11.22 44.83
CA ILE F 337 26.43 -10.22 45.89
C ILE F 337 26.23 -8.84 45.31
N ASP F 338 26.21 -7.82 46.17
CA ASP F 338 26.06 -6.45 45.72
C ASP F 338 27.37 -5.95 45.11
N GLU F 339 28.48 -6.46 45.63
CA GLU F 339 29.79 -6.10 45.14
C GLU F 339 29.92 -6.43 43.65
N SER F 340 29.34 -7.56 43.25
CA SER F 340 29.37 -7.99 41.87
C SER F 340 28.68 -6.98 40.95
N VAL F 341 27.56 -6.44 41.42
CA VAL F 341 26.75 -5.55 40.61
C VAL F 341 27.25 -4.11 40.58
N ILE F 342 27.23 -3.44 41.73
CA ILE F 342 27.64 -2.04 41.78
C ILE F 342 29.08 -1.85 41.29
N ASP F 343 30.02 -2.46 42.01
CA ASP F 343 31.43 -2.36 41.66
C ASP F 343 31.72 -3.00 40.31
N GLY F 344 31.10 -4.15 40.06
CA GLY F 344 31.33 -4.89 38.83
C GLY F 344 32.74 -5.42 38.76
N GLN F 345 33.54 -5.07 39.76
CA GLN F 345 34.94 -5.49 39.80
C GLN F 345 35.09 -6.88 40.41
N SER F 346 34.37 -7.12 41.50
CA SER F 346 34.44 -8.40 42.19
C SER F 346 33.64 -9.47 41.44
N GLU F 347 34.21 -10.68 41.36
CA GLU F 347 33.53 -11.78 40.70
C GLU F 347 32.56 -12.46 41.66
N PRO F 348 31.43 -12.96 41.12
CA PRO F 348 30.41 -13.59 41.94
C PRO F 348 30.98 -14.76 42.74
N LEU F 349 30.58 -14.85 44.01
CA LEU F 349 31.07 -15.91 44.89
C LEU F 349 30.75 -17.29 44.32
N LEU F 350 31.71 -18.20 44.37
CA LEU F 350 31.52 -19.55 43.86
C LEU F 350 31.65 -20.59 44.97
N ILE F 351 30.75 -21.57 44.95
CA ILE F 351 30.74 -22.62 45.96
C ILE F 351 30.85 -23.99 45.31
N TYR F 352 31.76 -24.81 45.81
CA TYR F 352 32.02 -26.13 45.22
C TYR F 352 31.41 -27.23 46.07
#